data_5N7Y
#
_entry.id   5N7Y
#
loop_
_entity.id
_entity.type
_entity.pdbx_description
1 polymer 'Anti-sigma-G factor Gin'
2 non-polymer 'ZINC ION'
#
_entity_poly.entity_id   1
_entity_poly.type   'polypeptide(L)'
_entity_poly.pdbx_seq_one_letter_code
;SMDETVKLNHTCVICDQEKNRGIHLYTKFICLDCERKVISTSTSDPDYA
;
_entity_poly.pdbx_strand_id   A,C
#
# COMPACT_ATOMS: atom_id res chain seq x y z
N SER A 1 9.86 19.36 -10.90
CA SER A 1 9.32 18.30 -10.03
C SER A 1 7.81 18.19 -10.21
N MET A 2 7.39 17.31 -11.11
CA MET A 2 5.97 17.10 -11.39
C MET A 2 5.73 15.63 -11.71
N ASP A 3 5.82 14.80 -10.68
CA ASP A 3 5.59 13.37 -10.83
C ASP A 3 5.33 12.72 -9.48
N GLU A 4 6.20 13.00 -8.53
CA GLU A 4 6.11 12.42 -7.20
C GLU A 4 5.42 13.37 -6.23
N THR A 5 4.35 12.89 -5.63
CA THR A 5 3.64 13.66 -4.60
C THR A 5 4.29 13.43 -3.24
N VAL A 6 5.10 14.38 -2.81
CA VAL A 6 5.83 14.24 -1.57
C VAL A 6 4.97 14.65 -0.37
N LYS A 7 4.81 15.96 -0.19
CA LYS A 7 4.06 16.53 0.94
C LYS A 7 4.78 16.29 2.27
N LEU A 8 4.50 17.12 3.27
CA LEU A 8 5.16 16.98 4.57
C LEU A 8 4.74 15.66 5.22
N ASN A 9 3.48 15.58 5.64
CA ASN A 9 2.93 14.32 6.10
C ASN A 9 2.31 13.63 4.91
N HIS A 10 3.02 12.65 4.38
CA HIS A 10 2.57 11.91 3.22
C HIS A 10 1.24 11.24 3.54
N THR A 11 0.25 11.46 2.70
CA THR A 11 -1.07 10.90 2.92
C THR A 11 -1.05 9.39 2.71
N CYS A 12 -1.60 8.64 3.65
CA CYS A 12 -1.65 7.20 3.53
C CYS A 12 -2.59 6.80 2.41
N VAL A 13 -2.00 6.20 1.39
CA VAL A 13 -2.70 5.60 0.30
C VAL A 13 -3.84 4.70 0.78
N ILE A 14 -3.77 4.28 2.03
CA ILE A 14 -4.75 3.40 2.61
C ILE A 14 -5.75 4.18 3.48
N CYS A 15 -5.23 4.87 4.49
CA CYS A 15 -6.06 5.53 5.50
C CYS A 15 -6.61 6.87 5.01
N ASP A 16 -5.94 7.44 4.01
CA ASP A 16 -6.25 8.80 3.50
C ASP A 16 -5.91 9.84 4.56
N GLN A 17 -4.92 9.52 5.38
CA GLN A 17 -4.49 10.38 6.47
C GLN A 17 -3.06 10.83 6.23
N GLU A 18 -2.78 12.07 6.62
CA GLU A 18 -1.47 12.69 6.42
C GLU A 18 -0.51 12.25 7.50
N LYS A 19 0.39 11.36 7.12
CA LYS A 19 1.34 10.78 8.05
C LYS A 19 2.77 10.98 7.58
N ASN A 20 3.67 11.25 8.50
CA ASN A 20 5.06 11.48 8.15
C ASN A 20 5.87 10.19 8.29
N ARG A 21 5.26 9.16 8.85
CA ARG A 21 5.93 7.88 9.05
C ARG A 21 5.28 6.75 8.26
N GLY A 22 6.08 6.12 7.42
CA GLY A 22 5.59 5.06 6.54
C GLY A 22 6.59 4.85 5.41
N ILE A 23 6.21 4.18 4.33
CA ILE A 23 7.11 4.00 3.23
C ILE A 23 6.52 4.62 1.97
N HIS A 24 7.26 4.48 0.90
CA HIS A 24 6.90 5.06 -0.39
C HIS A 24 7.52 4.22 -1.50
N LEU A 25 6.68 3.59 -2.31
CA LEU A 25 7.15 2.74 -3.37
C LEU A 25 7.43 3.57 -4.61
N TYR A 26 6.34 4.05 -5.19
CA TYR A 26 6.41 4.79 -6.43
C TYR A 26 6.34 6.27 -6.13
N THR A 27 5.16 6.85 -6.27
CA THR A 27 4.93 8.20 -5.82
C THR A 27 4.01 8.22 -4.59
N LYS A 28 3.58 7.03 -4.14
CA LYS A 28 2.59 6.95 -3.06
C LYS A 28 3.23 6.64 -1.73
N PHE A 29 2.36 6.56 -0.73
CA PHE A 29 2.76 6.34 0.63
C PHE A 29 1.78 5.42 1.34
N ILE A 30 2.27 4.27 1.74
CA ILE A 30 1.51 3.43 2.66
C ILE A 30 1.95 3.80 4.06
N CYS A 31 1.03 4.21 4.93
CA CYS A 31 1.43 4.52 6.30
C CYS A 31 1.97 3.27 6.96
N LEU A 32 2.89 3.50 7.86
CA LEU A 32 3.68 2.45 8.49
C LEU A 32 2.83 1.36 9.12
N ASP A 33 1.59 1.70 9.40
CA ASP A 33 0.67 0.80 10.07
C ASP A 33 0.10 -0.15 9.06
N CYS A 34 -0.28 0.42 7.95
CA CYS A 34 -0.77 -0.33 6.81
C CYS A 34 0.36 -1.11 6.22
N GLU A 35 1.54 -0.52 6.28
CA GLU A 35 2.73 -1.15 5.75
C GLU A 35 2.98 -2.46 6.48
N ARG A 36 2.74 -2.49 7.77
CA ARG A 36 2.77 -3.74 8.50
C ARG A 36 1.51 -4.58 8.27
N LYS A 37 0.38 -3.92 8.04
CA LYS A 37 -0.90 -4.59 7.86
C LYS A 37 -0.81 -5.53 6.69
N VAL A 38 -0.14 -5.04 5.68
CA VAL A 38 -0.03 -5.74 4.43
C VAL A 38 0.66 -7.09 4.60
N ILE A 39 1.78 -7.06 5.31
CA ILE A 39 2.59 -8.23 5.60
C ILE A 39 1.77 -9.22 6.37
N SER A 40 0.83 -8.66 7.10
CA SER A 40 0.00 -9.45 7.96
C SER A 40 -1.18 -10.03 7.18
N THR A 41 -1.59 -9.33 6.14
CA THR A 41 -2.72 -9.75 5.31
C THR A 41 -2.29 -10.79 4.27
N SER A 42 -1.07 -10.64 3.77
CA SER A 42 -0.53 -11.51 2.72
C SER A 42 -0.30 -12.94 3.22
N THR A 43 -0.44 -13.13 4.52
CA THR A 43 -0.23 -14.45 5.14
C THR A 43 -1.36 -15.42 4.78
N SER A 44 -1.73 -15.41 3.51
CA SER A 44 -2.77 -16.26 2.99
C SER A 44 -2.41 -16.66 1.56
N ASP A 45 -1.12 -16.93 1.34
CA ASP A 45 -0.60 -17.28 0.02
C ASP A 45 -1.31 -18.49 -0.59
N PRO A 46 -1.39 -19.63 0.13
CA PRO A 46 -2.12 -20.80 -0.36
C PRO A 46 -3.59 -20.49 -0.56
N ASP A 47 -4.24 -21.29 -1.38
CA ASP A 47 -5.62 -21.06 -1.73
C ASP A 47 -6.55 -21.86 -0.84
N TYR A 48 -7.83 -21.62 -0.99
CA TYR A 48 -8.85 -22.24 -0.15
C TYR A 48 -9.50 -23.41 -0.85
N ALA A 49 -8.73 -24.08 -1.69
CA ALA A 49 -9.21 -25.24 -2.42
C ALA A 49 -8.53 -26.49 -1.90
N SER B 1 -24.26 -1.06 -1.18
CA SER B 1 -22.79 -1.18 -1.27
C SER B 1 -22.20 0.10 -1.86
N MET B 2 -21.81 1.01 -0.99
CA MET B 2 -21.22 2.28 -1.41
C MET B 2 -20.16 2.73 -0.42
N ASP B 3 -19.04 2.01 -0.42
CA ASP B 3 -17.92 2.33 0.46
C ASP B 3 -16.65 1.67 -0.03
N GLU B 4 -16.73 0.39 -0.32
CA GLU B 4 -15.57 -0.39 -0.75
C GLU B 4 -15.54 -0.51 -2.26
N THR B 5 -14.44 -0.06 -2.85
CA THR B 5 -14.24 -0.20 -4.28
C THR B 5 -13.63 -1.57 -4.59
N VAL B 6 -14.46 -2.48 -5.04
CA VAL B 6 -14.02 -3.84 -5.30
C VAL B 6 -13.38 -3.96 -6.68
N LYS B 7 -14.23 -4.00 -7.72
CA LYS B 7 -13.78 -4.16 -9.11
C LYS B 7 -13.23 -5.57 -9.35
N LEU B 8 -13.26 -6.02 -10.60
CA LEU B 8 -12.74 -7.35 -10.93
C LEU B 8 -11.23 -7.40 -10.67
N ASN B 9 -10.46 -6.72 -11.50
CA ASN B 9 -9.05 -6.55 -11.23
C ASN B 9 -8.87 -5.29 -10.41
N HIS B 10 -8.68 -5.48 -9.12
CA HIS B 10 -8.52 -4.36 -8.21
C HIS B 10 -7.31 -3.52 -8.64
N THR B 11 -7.52 -2.24 -8.80
CA THR B 11 -6.45 -1.35 -9.23
C THR B 11 -5.41 -1.19 -8.12
N CYS B 12 -4.14 -1.36 -8.47
CA CYS B 12 -3.07 -1.20 -7.50
C CYS B 12 -2.97 0.24 -7.07
N VAL B 13 -3.25 0.46 -5.80
CA VAL B 13 -3.06 1.72 -5.13
C VAL B 13 -1.67 2.32 -5.41
N ILE B 14 -0.75 1.45 -5.82
CA ILE B 14 0.60 1.87 -6.10
C ILE B 14 0.84 2.05 -7.60
N CYS B 15 0.62 0.98 -8.36
CA CYS B 15 0.96 0.94 -9.79
C CYS B 15 -0.11 1.65 -10.65
N ASP B 16 -1.31 1.77 -10.10
CA ASP B 16 -2.48 2.29 -10.82
C ASP B 16 -2.89 1.32 -11.94
N GLN B 17 -2.62 0.05 -11.70
CA GLN B 17 -2.90 -1.00 -12.66
C GLN B 17 -3.93 -1.97 -12.10
N GLU B 18 -4.80 -2.46 -12.97
CA GLU B 18 -5.88 -3.35 -12.59
C GLU B 18 -5.38 -4.76 -12.44
N LYS B 19 -5.26 -5.19 -11.20
CA LYS B 19 -4.71 -6.49 -10.86
C LYS B 19 -5.67 -7.29 -10.01
N ASN B 20 -5.78 -8.58 -10.26
CA ASN B 20 -6.68 -9.41 -9.50
C ASN B 20 -5.95 -10.10 -8.34
N ARG B 21 -4.63 -9.96 -8.31
CA ARG B 21 -3.82 -10.58 -7.27
C ARG B 21 -3.09 -9.54 -6.42
N GLY B 22 -3.33 -9.59 -5.12
CA GLY B 22 -2.79 -8.62 -4.17
C GLY B 22 -3.60 -8.66 -2.90
N ILE B 23 -3.47 -7.66 -2.04
CA ILE B 23 -4.26 -7.62 -0.83
C ILE B 23 -5.13 -6.38 -0.80
N HIS B 24 -5.87 -6.25 0.28
CA HIS B 24 -6.81 -5.17 0.47
C HIS B 24 -6.98 -4.90 1.96
N LEU B 25 -6.57 -3.72 2.39
CA LEU B 25 -6.64 -3.37 3.80
C LEU B 25 -8.02 -2.82 4.12
N TYR B 26 -8.26 -1.62 3.59
CA TYR B 26 -9.48 -0.90 3.88
C TYR B 26 -10.42 -1.09 2.70
N THR B 27 -10.47 -0.11 1.82
CA THR B 27 -11.18 -0.25 0.57
C THR B 27 -10.20 -0.33 -0.61
N LYS B 28 -8.90 -0.26 -0.32
CA LYS B 28 -7.90 -0.20 -1.39
C LYS B 28 -7.24 -1.53 -1.64
N PHE B 29 -6.33 -1.51 -2.60
CA PHE B 29 -5.64 -2.69 -3.04
C PHE B 29 -4.18 -2.38 -3.35
N ILE B 30 -3.28 -2.97 -2.60
CA ILE B 30 -1.89 -2.96 -2.96
C ILE B 30 -1.63 -4.21 -3.79
N CYS B 31 -1.14 -4.07 -5.02
CA CYS B 31 -0.84 -5.26 -5.81
C CYS B 31 0.23 -6.07 -5.12
N LEU B 32 0.15 -7.37 -5.31
CA LEU B 32 0.95 -8.35 -4.60
C LEU B 32 2.44 -8.07 -4.69
N ASP B 33 2.82 -7.31 -5.70
CA ASP B 33 4.21 -7.01 -5.97
C ASP B 33 4.65 -5.89 -5.08
N CYS B 34 3.79 -4.91 -4.99
CA CYS B 34 3.99 -3.78 -4.11
C CYS B 34 3.85 -4.25 -2.68
N GLU B 35 2.96 -5.20 -2.50
CA GLU B 35 2.71 -5.75 -1.19
C GLU B 35 3.97 -6.37 -0.64
N ARG B 36 4.74 -7.02 -1.49
CA ARG B 36 6.06 -7.48 -1.08
C ARG B 36 7.09 -6.35 -1.05
N LYS B 37 6.92 -5.35 -1.91
CA LYS B 37 7.84 -4.24 -2.03
C LYS B 37 7.93 -3.52 -0.71
N VAL B 38 6.78 -3.40 -0.09
CA VAL B 38 6.65 -2.66 1.13
C VAL B 38 7.50 -3.27 2.25
N ILE B 39 7.38 -4.58 2.38
CA ILE B 39 8.10 -5.35 3.37
C ILE B 39 9.58 -5.20 3.15
N SER B 40 9.89 -4.96 1.90
CA SER B 40 11.26 -4.85 1.49
C SER B 40 11.78 -3.44 1.71
N THR B 41 10.88 -2.47 1.67
CA THR B 41 11.23 -1.06 1.83
C THR B 41 11.33 -0.69 3.32
N SER B 42 10.48 -1.31 4.12
CA SER B 42 10.40 -1.03 5.56
C SER B 42 11.65 -1.48 6.31
N THR B 43 12.52 -2.22 5.61
CA THR B 43 13.75 -2.74 6.20
C THR B 43 14.76 -1.62 6.47
N SER B 44 14.27 -0.51 7.00
CA SER B 44 15.06 0.65 7.33
C SER B 44 14.51 1.30 8.59
N ASP B 45 14.09 0.46 9.54
CA ASP B 45 13.47 0.92 10.78
C ASP B 45 14.38 1.89 11.56
N PRO B 46 15.65 1.52 11.83
CA PRO B 46 16.58 2.43 12.49
C PRO B 46 16.84 3.68 11.66
N ASP B 47 17.30 4.71 12.32
CA ASP B 47 17.48 6.00 11.67
C ASP B 47 18.92 6.16 11.21
N TYR B 48 19.17 7.23 10.49
CA TYR B 48 20.46 7.48 9.89
C TYR B 48 21.28 8.46 10.73
N ALA B 49 21.05 8.43 12.03
CA ALA B 49 21.76 9.30 12.94
C ALA B 49 22.74 8.48 13.79
N SER A 1 11.27 -2.70 10.01
CA SER A 1 9.78 -2.75 9.99
C SER A 1 9.18 -1.53 10.70
N MET A 2 10.04 -0.61 11.11
CA MET A 2 9.60 0.63 11.75
C MET A 2 10.70 1.65 11.56
N ASP A 3 11.31 1.60 10.39
CA ASP A 3 12.56 2.31 10.14
C ASP A 3 12.45 3.13 8.86
N GLU A 4 11.40 3.92 8.75
CA GLU A 4 11.14 4.69 7.55
C GLU A 4 11.44 6.17 7.76
N THR A 5 10.57 6.85 8.51
CA THR A 5 10.70 8.27 8.83
C THR A 5 10.92 9.13 7.59
N VAL A 6 9.83 9.63 7.01
CA VAL A 6 9.91 10.38 5.77
C VAL A 6 9.85 11.89 6.03
N LYS A 7 10.42 12.29 7.17
CA LYS A 7 10.58 13.71 7.54
C LYS A 7 9.26 14.36 7.94
N LEU A 8 8.42 14.64 6.96
CA LEU A 8 7.15 15.30 7.20
C LEU A 8 6.00 14.42 6.75
N ASN A 9 4.78 14.90 6.96
CA ASN A 9 3.59 14.11 6.66
C ASN A 9 3.40 13.88 5.18
N HIS A 10 3.03 12.65 4.87
CA HIS A 10 2.49 12.28 3.58
C HIS A 10 1.22 11.49 3.82
N THR A 11 0.26 11.63 2.94
CA THR A 11 -1.04 11.05 3.16
C THR A 11 -1.04 9.57 2.82
N CYS A 12 -1.63 8.75 3.70
CA CYS A 12 -1.65 7.31 3.48
C CYS A 12 -2.56 6.96 2.32
N VAL A 13 -1.98 6.29 1.34
CA VAL A 13 -2.68 5.68 0.24
C VAL A 13 -3.85 4.81 0.72
N ILE A 14 -3.77 4.42 1.98
CA ILE A 14 -4.71 3.50 2.57
C ILE A 14 -5.70 4.25 3.46
N CYS A 15 -5.16 4.94 4.46
CA CYS A 15 -5.97 5.59 5.48
C CYS A 15 -6.53 6.93 4.99
N ASP A 16 -5.77 7.59 4.12
CA ASP A 16 -6.04 8.97 3.67
C ASP A 16 -5.77 9.98 4.78
N GLN A 17 -4.69 9.76 5.52
CA GLN A 17 -4.27 10.66 6.58
C GLN A 17 -2.83 11.10 6.39
N GLU A 18 -2.50 12.25 6.95
CA GLU A 18 -1.18 12.84 6.85
C GLU A 18 -0.26 12.26 7.90
N LYS A 19 0.56 11.34 7.44
CA LYS A 19 1.45 10.57 8.30
C LYS A 19 2.90 10.83 7.93
N ASN A 20 3.73 11.10 8.92
CA ASN A 20 5.15 11.33 8.65
C ASN A 20 5.94 10.03 8.72
N ARG A 21 5.27 8.94 9.06
CA ARG A 21 5.90 7.63 9.12
C ARG A 21 5.20 6.64 8.22
N GLY A 22 6.00 5.85 7.50
CA GLY A 22 5.49 4.95 6.49
C GLY A 22 6.44 4.90 5.32
N ILE A 23 6.09 4.18 4.27
CA ILE A 23 7.00 4.01 3.16
C ILE A 23 6.41 4.61 1.89
N HIS A 24 7.16 4.46 0.82
CA HIS A 24 6.85 5.09 -0.45
C HIS A 24 7.17 4.16 -1.61
N LEU A 25 6.14 3.67 -2.25
CA LEU A 25 6.29 2.94 -3.49
C LEU A 25 5.94 3.89 -4.61
N TYR A 26 6.84 4.05 -5.57
CA TYR A 26 6.56 4.83 -6.77
C TYR A 26 6.37 6.29 -6.37
N THR A 27 5.14 6.77 -6.45
CA THR A 27 4.82 8.13 -6.03
C THR A 27 3.95 8.17 -4.76
N LYS A 28 3.58 7.00 -4.24
CA LYS A 28 2.61 6.93 -3.15
C LYS A 28 3.26 6.80 -1.79
N PHE A 29 2.39 6.69 -0.79
CA PHE A 29 2.79 6.53 0.59
C PHE A 29 1.84 5.59 1.30
N ILE A 30 2.34 4.45 1.69
CA ILE A 30 1.62 3.58 2.59
C ILE A 30 2.05 3.92 4.00
N CYS A 31 1.12 4.30 4.86
CA CYS A 31 1.50 4.63 6.24
C CYS A 31 2.02 3.38 6.93
N LEU A 32 2.85 3.64 7.93
CA LEU A 32 3.59 2.63 8.64
C LEU A 32 2.72 1.50 9.17
N ASP A 33 1.48 1.82 9.41
CA ASP A 33 0.56 0.91 10.05
C ASP A 33 0.11 -0.09 9.02
N CYS A 34 -0.13 0.43 7.83
CA CYS A 34 -0.59 -0.32 6.69
C CYS A 34 0.55 -1.14 6.14
N GLU A 35 1.74 -0.58 6.21
CA GLU A 35 2.94 -1.26 5.75
C GLU A 35 3.11 -2.59 6.47
N ARG A 36 2.81 -2.59 7.76
CA ARG A 36 2.79 -3.84 8.50
C ARG A 36 1.53 -4.66 8.23
N LYS A 37 0.43 -3.98 7.94
CA LYS A 37 -0.86 -4.63 7.79
C LYS A 37 -0.81 -5.56 6.62
N VAL A 38 -0.14 -5.07 5.60
CA VAL A 38 -0.04 -5.75 4.34
C VAL A 38 0.63 -7.12 4.49
N ILE A 39 1.73 -7.13 5.21
CA ILE A 39 2.53 -8.31 5.45
C ILE A 39 1.67 -9.33 6.14
N SER A 40 0.75 -8.81 6.91
CA SER A 40 -0.09 -9.64 7.71
C SER A 40 -1.34 -10.09 6.93
N THR A 41 -1.66 -9.38 5.86
CA THR A 41 -2.83 -9.72 5.05
C THR A 41 -2.50 -10.84 4.06
N SER A 42 -1.27 -10.81 3.56
CA SER A 42 -0.81 -11.76 2.56
C SER A 42 -0.62 -13.17 3.14
N THR A 43 -0.74 -13.28 4.46
CA THR A 43 -0.47 -14.52 5.19
C THR A 43 -1.55 -15.60 4.95
N SER A 44 -1.94 -15.78 3.69
CA SER A 44 -2.90 -16.81 3.28
C SER A 44 -4.31 -16.47 3.74
N ASP A 45 -5.10 -15.93 2.83
CA ASP A 45 -6.50 -15.65 3.10
C ASP A 45 -7.40 -16.83 2.66
N PRO A 46 -7.29 -17.33 1.42
CA PRO A 46 -8.08 -18.47 0.95
C PRO A 46 -7.41 -19.79 1.30
N ASP A 47 -8.15 -20.87 1.15
CA ASP A 47 -7.63 -22.20 1.39
C ASP A 47 -7.47 -22.96 0.07
N TYR A 48 -8.31 -22.61 -0.89
CA TYR A 48 -8.26 -23.23 -2.21
C TYR A 48 -7.70 -22.25 -3.23
N ALA A 49 -6.53 -21.73 -2.94
CA ALA A 49 -5.85 -20.79 -3.83
C ALA A 49 -4.72 -21.50 -4.55
N SER B 1 2.66 -14.98 1.67
CA SER B 1 3.27 -13.83 0.97
C SER B 1 2.94 -13.86 -0.53
N MET B 2 2.09 -14.81 -0.93
CA MET B 2 1.64 -14.92 -2.31
C MET B 2 0.32 -15.67 -2.30
N ASP B 3 -0.48 -15.37 -1.29
CA ASP B 3 -1.64 -16.19 -0.96
C ASP B 3 -2.86 -15.30 -0.80
N GLU B 4 -3.10 -14.46 -1.79
CA GLU B 4 -4.20 -13.51 -1.72
C GLU B 4 -5.35 -13.92 -2.63
N THR B 5 -5.13 -13.75 -3.95
CA THR B 5 -6.12 -14.09 -4.98
C THR B 5 -7.49 -13.48 -4.71
N VAL B 6 -7.73 -12.30 -5.25
CA VAL B 6 -8.97 -11.57 -4.99
C VAL B 6 -9.98 -11.75 -6.13
N LYS B 7 -9.93 -12.93 -6.76
CA LYS B 7 -10.89 -13.32 -7.79
C LYS B 7 -10.65 -12.59 -9.10
N LEU B 8 -11.03 -11.32 -9.15
CA LEU B 8 -10.92 -10.53 -10.36
C LEU B 8 -10.01 -9.33 -10.12
N ASN B 9 -9.79 -8.54 -11.16
CA ASN B 9 -8.87 -7.42 -11.08
C ASN B 9 -9.36 -6.30 -10.18
N HIS B 10 -8.43 -5.79 -9.40
CA HIS B 10 -8.59 -4.55 -8.68
C HIS B 10 -7.36 -3.70 -8.96
N THR B 11 -7.53 -2.40 -9.03
CA THR B 11 -6.46 -1.53 -9.45
C THR B 11 -5.48 -1.27 -8.29
N CYS B 12 -4.18 -1.37 -8.58
CA CYS B 12 -3.18 -1.17 -7.54
C CYS B 12 -3.14 0.28 -7.10
N VAL B 13 -3.36 0.49 -5.81
CA VAL B 13 -3.16 1.75 -5.14
C VAL B 13 -1.79 2.36 -5.45
N ILE B 14 -0.89 1.48 -5.88
CA ILE B 14 0.49 1.86 -6.12
C ILE B 14 0.75 2.02 -7.61
N CYS B 15 0.53 0.94 -8.36
CA CYS B 15 0.85 0.89 -9.76
C CYS B 15 -0.19 1.61 -10.63
N ASP B 16 -1.44 1.56 -10.16
CA ASP B 16 -2.61 2.02 -10.93
C ASP B 16 -2.93 1.07 -12.09
N GLN B 17 -2.82 -0.22 -11.81
CA GLN B 17 -3.14 -1.25 -12.80
C GLN B 17 -4.14 -2.24 -12.24
N GLU B 18 -4.87 -2.88 -13.14
CA GLU B 18 -5.90 -3.85 -12.78
C GLU B 18 -5.29 -5.21 -12.55
N LYS B 19 -5.14 -5.52 -11.29
CA LYS B 19 -4.47 -6.73 -10.84
C LYS B 19 -5.44 -7.61 -10.05
N ASN B 20 -5.47 -8.89 -10.37
CA ASN B 20 -6.35 -9.81 -9.65
C ASN B 20 -5.64 -10.42 -8.45
N ARG B 21 -4.36 -10.10 -8.28
CA ARG B 21 -3.58 -10.60 -7.16
C ARG B 21 -2.99 -9.44 -6.35
N GLY B 22 -3.07 -9.58 -5.05
CA GLY B 22 -2.68 -8.52 -4.14
C GLY B 22 -3.62 -8.48 -2.95
N ILE B 23 -3.46 -7.51 -2.06
CA ILE B 23 -4.25 -7.49 -0.85
C ILE B 23 -5.12 -6.25 -0.80
N HIS B 24 -5.85 -6.13 0.29
CA HIS B 24 -6.86 -5.09 0.45
C HIS B 24 -6.86 -4.57 1.88
N LEU B 25 -6.39 -3.35 2.05
CA LEU B 25 -6.52 -2.65 3.30
C LEU B 25 -7.68 -1.69 3.16
N TYR B 26 -8.64 -1.76 4.07
CA TYR B 26 -9.73 -0.80 4.11
C TYR B 26 -10.58 -0.95 2.85
N THR B 27 -10.49 0.02 1.95
CA THR B 27 -11.20 -0.03 0.68
C THR B 27 -10.23 -0.19 -0.51
N LYS B 28 -8.92 -0.20 -0.24
CA LYS B 28 -7.94 -0.16 -1.33
C LYS B 28 -7.41 -1.53 -1.70
N PHE B 29 -6.48 -1.51 -2.64
CA PHE B 29 -5.82 -2.69 -3.13
C PHE B 29 -4.36 -2.40 -3.42
N ILE B 30 -3.49 -3.00 -2.64
CA ILE B 30 -2.08 -3.00 -2.98
C ILE B 30 -1.80 -4.24 -3.79
N CYS B 31 -1.29 -4.10 -5.00
CA CYS B 31 -0.99 -5.28 -5.79
C CYS B 31 0.10 -6.09 -5.13
N LEU B 32 0.10 -7.38 -5.46
CA LEU B 32 0.93 -8.38 -4.83
C LEU B 32 2.41 -8.02 -4.87
N ASP B 33 2.78 -7.22 -5.84
CA ASP B 33 4.17 -6.91 -6.07
C ASP B 33 4.58 -5.87 -5.07
N CYS B 34 3.67 -4.95 -4.85
CA CYS B 34 3.86 -3.84 -3.94
C CYS B 34 3.76 -4.33 -2.52
N GLU B 35 2.89 -5.32 -2.31
CA GLU B 35 2.70 -5.91 -1.01
C GLU B 35 4.01 -6.47 -0.49
N ARG B 36 4.78 -7.07 -1.37
CA ARG B 36 6.13 -7.49 -1.00
C ARG B 36 7.11 -6.34 -0.96
N LYS B 37 6.89 -5.33 -1.79
CA LYS B 37 7.82 -4.22 -1.94
C LYS B 37 7.92 -3.49 -0.64
N VAL B 38 6.76 -3.34 -0.03
CA VAL B 38 6.61 -2.60 1.18
C VAL B 38 7.46 -3.16 2.31
N ILE B 39 7.40 -4.48 2.46
CA ILE B 39 8.11 -5.21 3.49
C ILE B 39 9.58 -4.97 3.31
N SER B 40 9.95 -4.77 2.06
CA SER B 40 11.33 -4.61 1.71
C SER B 40 11.77 -3.15 1.82
N THR B 41 10.81 -2.24 1.82
CA THR B 41 11.12 -0.81 1.91
C THR B 41 11.34 -0.39 3.36
N SER B 42 10.58 -1.02 4.25
CA SER B 42 10.62 -0.70 5.67
C SER B 42 11.91 -1.18 6.34
N THR B 43 12.71 -1.94 5.59
CA THR B 43 13.93 -2.57 6.11
C THR B 43 15.06 -1.57 6.40
N SER B 44 14.71 -0.45 7.03
CA SER B 44 15.67 0.57 7.45
C SER B 44 16.21 1.35 6.25
N ASP B 45 15.65 2.52 6.04
CA ASP B 45 16.13 3.42 4.99
C ASP B 45 17.17 4.41 5.53
N PRO B 46 16.88 5.14 6.63
CA PRO B 46 17.84 6.08 7.23
C PRO B 46 18.76 5.38 8.22
N ASP B 47 19.80 6.08 8.63
CA ASP B 47 20.73 5.56 9.61
C ASP B 47 20.58 6.31 10.93
N TYR B 48 20.16 7.56 10.84
CA TYR B 48 19.95 8.38 12.02
C TYR B 48 18.46 8.58 12.26
N ALA B 49 17.74 7.48 12.35
CA ALA B 49 16.31 7.52 12.60
C ALA B 49 16.02 7.13 14.04
N SER A 1 1.92 15.05 -14.01
CA SER A 1 0.63 15.15 -13.29
C SER A 1 0.32 13.85 -12.55
N MET A 2 0.21 12.77 -13.31
CA MET A 2 -0.12 11.47 -12.75
C MET A 2 1.11 10.82 -12.11
N ASP A 3 0.89 10.18 -10.97
CA ASP A 3 1.94 9.47 -10.25
C ASP A 3 3.04 10.44 -9.80
N GLU A 4 2.62 11.50 -9.13
CA GLU A 4 3.53 12.49 -8.57
C GLU A 4 2.72 13.60 -7.89
N THR A 5 2.49 13.48 -6.59
CA THR A 5 1.69 14.47 -5.88
C THR A 5 2.04 14.55 -4.39
N VAL A 6 1.75 13.49 -3.65
CA VAL A 6 1.88 13.51 -2.20
C VAL A 6 3.31 13.75 -1.73
N LYS A 7 3.48 14.79 -0.92
CA LYS A 7 4.78 15.16 -0.35
C LYS A 7 4.63 15.53 1.11
N LEU A 8 5.76 15.84 1.76
CA LEU A 8 5.80 16.14 3.20
C LEU A 8 5.17 15.01 4.00
N ASN A 9 3.94 15.23 4.45
CA ASN A 9 3.17 14.15 5.06
C ASN A 9 2.50 13.38 3.96
N HIS A 10 3.15 12.32 3.52
CA HIS A 10 2.62 11.52 2.44
C HIS A 10 1.36 10.81 2.92
N THR A 11 0.24 11.17 2.34
CA THR A 11 -1.04 10.60 2.74
C THR A 11 -1.01 9.08 2.67
N CYS A 12 -1.64 8.40 3.64
CA CYS A 12 -1.70 6.95 3.58
C CYS A 12 -2.58 6.53 2.43
N VAL A 13 -1.95 5.92 1.46
CA VAL A 13 -2.61 5.31 0.34
C VAL A 13 -3.76 4.38 0.78
N ILE A 14 -3.74 4.01 2.05
CA ILE A 14 -4.73 3.12 2.62
C ILE A 14 -5.75 3.92 3.45
N CYS A 15 -5.26 4.63 4.44
CA CYS A 15 -6.10 5.35 5.39
C CYS A 15 -6.67 6.64 4.80
N ASP A 16 -5.91 7.24 3.88
CA ASP A 16 -6.24 8.53 3.24
C ASP A 16 -6.06 9.72 4.18
N GLN A 17 -4.99 9.69 4.97
CA GLN A 17 -4.61 10.84 5.79
C GLN A 17 -3.15 11.16 5.59
N GLU A 18 -2.82 12.43 5.68
CA GLU A 18 -1.47 12.93 5.53
C GLU A 18 -0.59 12.40 6.64
N LYS A 19 0.23 11.47 6.26
CA LYS A 19 1.02 10.68 7.19
C LYS A 19 2.51 10.88 6.94
N ASN A 20 3.27 11.16 7.98
CA ASN A 20 4.69 11.42 7.82
C ASN A 20 5.52 10.21 8.23
N ARG A 21 4.86 9.23 8.83
CA ARG A 21 5.53 8.00 9.23
C ARG A 21 4.98 6.80 8.46
N GLY A 22 5.85 6.23 7.63
CA GLY A 22 5.47 5.14 6.75
C GLY A 22 6.50 4.95 5.67
N ILE A 23 6.17 4.24 4.61
CA ILE A 23 7.09 4.03 3.53
C ILE A 23 6.50 4.60 2.25
N HIS A 24 7.23 4.48 1.18
CA HIS A 24 6.84 5.06 -0.09
C HIS A 24 7.42 4.29 -1.27
N LEU A 25 6.55 3.75 -2.10
CA LEU A 25 6.92 3.18 -3.34
C LEU A 25 6.41 4.08 -4.44
N TYR A 26 7.15 4.18 -5.53
CA TYR A 26 6.72 5.00 -6.65
C TYR A 26 6.66 6.45 -6.17
N THR A 27 5.48 7.02 -6.13
CA THR A 27 5.31 8.32 -5.50
C THR A 27 4.48 8.23 -4.21
N LYS A 28 3.88 7.06 -3.96
CA LYS A 28 2.84 6.96 -2.95
C LYS A 28 3.37 6.37 -1.66
N PHE A 29 2.48 6.23 -0.70
CA PHE A 29 2.85 5.98 0.67
C PHE A 29 1.86 5.08 1.37
N ILE A 30 2.33 4.01 1.94
CA ILE A 30 1.53 3.22 2.85
C ILE A 30 1.91 3.64 4.26
N CYS A 31 0.95 4.06 5.09
CA CYS A 31 1.31 4.42 6.46
C CYS A 31 1.85 3.20 7.16
N LEU A 32 2.77 3.45 8.05
CA LEU A 32 3.57 2.43 8.69
C LEU A 32 2.72 1.35 9.35
N ASP A 33 1.49 1.70 9.63
CA ASP A 33 0.58 0.81 10.31
C ASP A 33 0.05 -0.18 9.32
N CYS A 34 -0.30 0.35 8.17
CA CYS A 34 -0.78 -0.42 7.06
C CYS A 34 0.34 -1.20 6.44
N GLU A 35 1.52 -0.60 6.47
CA GLU A 35 2.70 -1.21 5.91
C GLU A 35 2.98 -2.55 6.57
N ARG A 36 2.76 -2.61 7.87
CA ARG A 36 2.81 -3.89 8.57
C ARG A 36 1.57 -4.75 8.32
N LYS A 37 0.45 -4.08 8.10
CA LYS A 37 -0.83 -4.74 7.96
C LYS A 37 -0.78 -5.66 6.77
N VAL A 38 -0.15 -5.14 5.74
CA VAL A 38 -0.05 -5.82 4.47
C VAL A 38 0.61 -7.18 4.60
N ILE A 39 1.73 -7.19 5.30
CA ILE A 39 2.57 -8.36 5.47
C ILE A 39 1.77 -9.44 6.14
N SER A 40 0.89 -8.97 6.98
CA SER A 40 0.10 -9.86 7.77
C SER A 40 -1.16 -10.30 7.01
N THR A 41 -1.63 -9.44 6.13
CA THR A 41 -2.87 -9.65 5.39
C THR A 41 -2.66 -10.54 4.16
N SER A 42 -1.47 -10.48 3.57
CA SER A 42 -1.22 -11.08 2.25
C SER A 42 -1.43 -12.60 2.22
N THR A 43 -0.61 -13.33 2.95
CA THR A 43 -0.60 -14.78 2.82
C THR A 43 -1.43 -15.43 3.92
N SER A 44 -1.69 -14.70 4.99
CA SER A 44 -2.50 -15.20 6.09
C SER A 44 -3.96 -14.83 5.85
N ASP A 45 -4.42 -15.00 4.62
CA ASP A 45 -5.79 -14.68 4.26
C ASP A 45 -6.47 -15.83 3.52
N PRO A 46 -5.89 -16.34 2.41
CA PRO A 46 -6.49 -17.46 1.69
C PRO A 46 -6.07 -18.81 2.26
N ASP A 47 -6.78 -19.85 1.88
CA ASP A 47 -6.46 -21.19 2.30
C ASP A 47 -6.50 -22.14 1.11
N TYR A 48 -5.89 -23.30 1.26
CA TYR A 48 -5.71 -24.23 0.17
C TYR A 48 -6.47 -25.53 0.40
N ALA A 49 -7.73 -25.54 0.02
CA ALA A 49 -8.60 -26.72 0.13
C ALA A 49 -8.66 -27.23 1.57
N SER B 1 -19.38 7.13 -0.65
CA SER B 1 -18.59 7.64 -1.78
C SER B 1 -17.10 7.45 -1.52
N MET B 2 -16.60 8.05 -0.45
CA MET B 2 -15.19 7.98 -0.10
C MET B 2 -14.87 6.65 0.56
N ASP B 3 -13.71 6.09 0.21
CA ASP B 3 -13.22 4.84 0.80
C ASP B 3 -14.17 3.68 0.47
N GLU B 4 -14.48 3.54 -0.81
CA GLU B 4 -15.31 2.46 -1.33
C GLU B 4 -15.49 2.62 -2.84
N THR B 5 -14.66 1.96 -3.62
CA THR B 5 -14.73 2.09 -5.07
C THR B 5 -14.18 0.86 -5.80
N VAL B 6 -12.87 0.64 -5.68
CA VAL B 6 -12.20 -0.40 -6.47
C VAL B 6 -12.73 -1.80 -6.17
N LYS B 7 -13.18 -2.48 -7.22
CA LYS B 7 -13.68 -3.84 -7.12
C LYS B 7 -13.18 -4.69 -8.28
N LEU B 8 -13.53 -5.97 -8.28
CA LEU B 8 -13.05 -6.94 -9.27
C LEU B 8 -11.53 -6.94 -9.34
N ASN B 9 -10.97 -6.29 -10.35
CA ASN B 9 -9.54 -6.08 -10.40
C ASN B 9 -9.24 -4.82 -9.61
N HIS B 10 -8.91 -5.01 -8.35
CA HIS B 10 -8.62 -3.89 -7.49
C HIS B 10 -7.34 -3.22 -7.94
N THR B 11 -7.46 -2.00 -8.41
CA THR B 11 -6.32 -1.26 -8.92
C THR B 11 -5.20 -1.19 -7.88
N CYS B 12 -3.94 -1.30 -8.32
CA CYS B 12 -2.85 -1.19 -7.39
C CYS B 12 -2.75 0.23 -6.90
N VAL B 13 -3.02 0.40 -5.63
CA VAL B 13 -2.86 1.64 -4.92
C VAL B 13 -1.47 2.25 -5.16
N ILE B 14 -0.54 1.44 -5.65
CA ILE B 14 0.81 1.86 -5.91
C ILE B 14 1.02 2.08 -7.42
N CYS B 15 0.78 1.04 -8.19
CA CYS B 15 1.05 1.05 -9.64
C CYS B 15 -0.02 1.84 -10.41
N ASP B 16 -1.24 1.84 -9.88
CA ASP B 16 -2.41 2.46 -10.51
C ASP B 16 -2.92 1.70 -11.71
N GLN B 17 -2.93 0.36 -11.61
CA GLN B 17 -3.54 -0.48 -12.63
C GLN B 17 -4.48 -1.49 -11.98
N GLU B 18 -5.53 -1.83 -12.69
CA GLU B 18 -6.53 -2.78 -12.23
C GLU B 18 -5.91 -4.16 -12.09
N LYS B 19 -5.70 -4.51 -10.86
CA LYS B 19 -4.95 -5.69 -10.49
C LYS B 19 -5.82 -6.68 -9.72
N ASN B 20 -5.81 -7.94 -10.11
CA ASN B 20 -6.65 -8.92 -9.46
C ASN B 20 -5.84 -9.79 -8.50
N ARG B 21 -4.53 -9.64 -8.55
CA ARG B 21 -3.65 -10.39 -7.65
C ARG B 21 -2.90 -9.44 -6.71
N GLY B 22 -3.24 -9.55 -5.44
CA GLY B 22 -2.69 -8.66 -4.42
C GLY B 22 -3.51 -8.76 -3.15
N ILE B 23 -3.36 -7.80 -2.25
CA ILE B 23 -4.13 -7.80 -1.03
C ILE B 23 -4.98 -6.55 -0.96
N HIS B 24 -5.71 -6.41 0.11
CA HIS B 24 -6.64 -5.32 0.26
C HIS B 24 -6.89 -4.98 1.73
N LEU B 25 -6.54 -3.76 2.10
CA LEU B 25 -6.88 -3.23 3.38
C LEU B 25 -7.93 -2.17 3.17
N TYR B 26 -8.84 -2.03 4.10
CA TYR B 26 -9.87 -1.00 4.01
C TYR B 26 -10.70 -1.32 2.77
N THR B 27 -10.66 -0.45 1.78
CA THR B 27 -11.26 -0.76 0.49
C THR B 27 -10.21 -0.95 -0.59
N LYS B 28 -8.95 -0.61 -0.30
CA LYS B 28 -7.95 -0.48 -1.34
C LYS B 28 -7.06 -1.69 -1.44
N PHE B 29 -6.11 -1.61 -2.35
CA PHE B 29 -5.38 -2.77 -2.79
C PHE B 29 -3.95 -2.44 -3.12
N ILE B 30 -3.02 -3.14 -2.50
CA ILE B 30 -1.64 -3.08 -2.94
C ILE B 30 -1.40 -4.29 -3.82
N CYS B 31 -0.91 -4.11 -5.05
CA CYS B 31 -0.65 -5.27 -5.88
C CYS B 31 0.44 -6.10 -5.23
N LEU B 32 0.32 -7.40 -5.45
CA LEU B 32 1.10 -8.39 -4.75
C LEU B 32 2.60 -8.13 -4.86
N ASP B 33 2.97 -7.37 -5.87
CA ASP B 33 4.37 -7.10 -6.16
C ASP B 33 4.83 -6.02 -5.22
N CYS B 34 3.98 -5.03 -5.08
CA CYS B 34 4.20 -3.92 -4.18
C CYS B 34 4.04 -4.36 -2.75
N GLU B 35 3.13 -5.30 -2.56
CA GLU B 35 2.84 -5.83 -1.25
C GLU B 35 4.09 -6.44 -0.63
N ARG B 36 4.88 -7.10 -1.45
CA ARG B 36 6.19 -7.55 -1.00
C ARG B 36 7.21 -6.42 -0.94
N LYS B 37 7.04 -5.43 -1.81
CA LYS B 37 7.98 -4.35 -1.95
C LYS B 37 8.06 -3.61 -0.65
N VAL B 38 6.89 -3.43 -0.07
CA VAL B 38 6.73 -2.67 1.15
C VAL B 38 7.58 -3.22 2.28
N ILE B 39 7.49 -4.53 2.46
CA ILE B 39 8.14 -5.26 3.53
C ILE B 39 9.62 -5.04 3.43
N SER B 40 10.05 -4.91 2.20
CA SER B 40 11.44 -4.79 1.91
C SER B 40 11.89 -3.33 1.99
N THR B 41 10.97 -2.43 1.72
CA THR B 41 11.25 -1.00 1.65
C THR B 41 11.23 -0.34 3.04
N SER B 42 10.41 -0.88 3.94
CA SER B 42 10.11 -0.21 5.20
C SER B 42 11.32 0.02 6.10
N THR B 43 11.94 -1.05 6.57
CA THR B 43 12.98 -0.94 7.57
C THR B 43 14.36 -0.99 6.94
N SER B 44 14.45 -1.51 5.73
CA SER B 44 15.70 -1.58 5.01
C SER B 44 15.88 -0.32 4.15
N ASP B 45 15.56 0.83 4.74
CA ASP B 45 15.68 2.11 4.05
C ASP B 45 16.47 3.13 4.87
N PRO B 46 16.07 3.42 6.14
CA PRO B 46 16.80 4.37 6.96
C PRO B 46 17.94 3.71 7.72
N ASP B 47 18.82 4.54 8.26
CA ASP B 47 19.94 4.06 9.04
C ASP B 47 20.08 4.88 10.30
N TYR B 48 20.82 4.34 11.26
CA TYR B 48 20.90 4.94 12.60
C TYR B 48 22.31 5.40 12.90
N ALA B 49 22.63 6.63 12.49
CA ALA B 49 23.93 7.25 12.74
C ALA B 49 25.07 6.38 12.21
N SER A 1 -9.96 7.79 -3.09
CA SER A 1 -10.40 8.88 -3.98
C SER A 1 -9.20 9.63 -4.56
N MET A 2 -8.40 10.24 -3.70
CA MET A 2 -7.26 11.04 -4.14
C MET A 2 -6.08 10.87 -3.19
N ASP A 3 -4.88 10.99 -3.73
CA ASP A 3 -3.66 10.87 -2.94
C ASP A 3 -2.77 12.09 -3.17
N GLU A 4 -2.17 12.59 -2.09
CA GLU A 4 -1.38 13.80 -2.17
C GLU A 4 -0.32 13.84 -1.07
N THR A 5 0.67 14.71 -1.24
CA THR A 5 1.71 14.93 -0.24
C THR A 5 1.73 16.39 0.19
N VAL A 6 1.63 16.64 1.49
CA VAL A 6 1.68 18.01 1.99
C VAL A 6 2.96 18.23 2.80
N LYS A 7 4.06 18.42 2.08
CA LYS A 7 5.36 18.74 2.68
C LYS A 7 5.89 17.59 3.55
N LEU A 8 5.51 17.61 4.83
CA LEU A 8 6.03 16.63 5.78
C LEU A 8 5.22 15.34 5.72
N ASN A 9 3.91 15.44 5.59
CA ASN A 9 3.07 14.26 5.53
C ASN A 9 3.02 13.71 4.13
N HIS A 10 2.86 12.41 4.05
CA HIS A 10 2.47 11.74 2.85
C HIS A 10 1.17 11.03 3.16
N THR A 11 0.15 11.22 2.35
CA THR A 11 -1.15 10.66 2.66
C THR A 11 -1.15 9.16 2.43
N CYS A 12 -1.67 8.41 3.40
CA CYS A 12 -1.75 6.97 3.30
C CYS A 12 -2.77 6.60 2.23
N VAL A 13 -2.30 5.92 1.19
CA VAL A 13 -3.18 5.41 0.13
C VAL A 13 -4.25 4.50 0.72
N ILE A 14 -4.05 4.13 1.97
CA ILE A 14 -4.93 3.22 2.66
C ILE A 14 -5.89 3.98 3.57
N CYS A 15 -5.31 4.71 4.52
CA CYS A 15 -6.08 5.39 5.56
C CYS A 15 -6.64 6.73 5.07
N ASP A 16 -6.05 7.25 3.99
CA ASP A 16 -6.41 8.55 3.43
C ASP A 16 -6.08 9.65 4.42
N GLN A 17 -5.03 9.40 5.16
CA GLN A 17 -4.57 10.28 6.22
C GLN A 17 -3.13 10.73 5.97
N GLU A 18 -2.89 11.99 6.31
CA GLU A 18 -1.59 12.64 6.15
C GLU A 18 -0.62 12.15 7.21
N LYS A 19 0.20 11.19 6.81
CA LYS A 19 1.17 10.60 7.71
C LYS A 19 2.58 10.89 7.26
N ASN A 20 3.42 11.31 8.18
CA ASN A 20 4.80 11.59 7.84
C ASN A 20 5.68 10.38 8.13
N ARG A 21 5.05 9.29 8.55
CA ARG A 21 5.78 8.06 8.88
C ARG A 21 5.15 6.83 8.23
N GLY A 22 5.92 6.23 7.34
CA GLY A 22 5.51 5.06 6.58
C GLY A 22 6.49 4.88 5.43
N ILE A 23 6.11 4.23 4.34
CA ILE A 23 7.03 4.08 3.24
C ILE A 23 6.47 4.69 1.96
N HIS A 24 7.25 4.57 0.92
CA HIS A 24 6.93 5.14 -0.38
C HIS A 24 7.53 4.26 -1.48
N LEU A 25 6.68 3.56 -2.21
CA LEU A 25 7.12 2.66 -3.27
C LEU A 25 7.46 3.45 -4.50
N TYR A 26 6.45 4.05 -5.09
CA TYR A 26 6.59 4.77 -6.33
C TYR A 26 6.59 6.26 -6.05
N THR A 27 5.49 6.93 -6.30
CA THR A 27 5.30 8.29 -5.86
C THR A 27 4.26 8.34 -4.73
N LYS A 28 3.94 7.16 -4.17
CA LYS A 28 2.83 7.04 -3.20
C LYS A 28 3.34 6.76 -1.81
N PHE A 29 2.41 6.55 -0.91
CA PHE A 29 2.70 6.35 0.50
C PHE A 29 1.72 5.38 1.15
N ILE A 30 2.27 4.36 1.78
CA ILE A 30 1.50 3.52 2.69
C ILE A 30 1.96 3.86 4.09
N CYS A 31 1.05 4.20 4.99
CA CYS A 31 1.44 4.52 6.35
C CYS A 31 2.03 3.30 6.99
N LEU A 32 2.95 3.56 7.90
CA LEU A 32 3.76 2.55 8.55
C LEU A 32 2.91 1.44 9.18
N ASP A 33 1.65 1.74 9.39
CA ASP A 33 0.75 0.80 10.04
C ASP A 33 0.28 -0.20 9.02
N CYS A 34 -0.16 0.34 7.90
CA CYS A 34 -0.62 -0.42 6.78
C CYS A 34 0.52 -1.17 6.15
N GLU A 35 1.67 -0.53 6.19
CA GLU A 35 2.88 -1.07 5.62
C GLU A 35 3.19 -2.43 6.20
N ARG A 36 3.05 -2.54 7.49
CA ARG A 36 3.17 -3.83 8.16
C ARG A 36 1.95 -4.73 7.94
N LYS A 37 0.79 -4.10 7.79
CA LYS A 37 -0.48 -4.82 7.76
C LYS A 37 -0.50 -5.75 6.59
N VAL A 38 0.00 -5.20 5.52
CA VAL A 38 -0.12 -5.76 4.21
C VAL A 38 0.43 -7.17 4.12
N ILE A 39 1.67 -7.37 4.53
CA ILE A 39 2.26 -8.68 4.43
C ILE A 39 1.69 -9.57 5.51
N SER A 40 1.33 -8.94 6.62
CA SER A 40 0.79 -9.68 7.72
C SER A 40 -0.54 -10.30 7.29
N THR A 41 -1.16 -9.63 6.33
CA THR A 41 -2.41 -10.07 5.72
C THR A 41 -2.17 -11.12 4.62
N SER A 42 -1.17 -10.87 3.78
CA SER A 42 -0.94 -11.67 2.58
C SER A 42 -0.24 -13.00 2.87
N THR A 43 0.47 -13.07 3.99
CA THR A 43 1.31 -14.21 4.30
C THR A 43 0.50 -15.45 4.68
N SER A 44 -0.80 -15.41 4.41
CA SER A 44 -1.65 -16.58 4.56
C SER A 44 -1.89 -17.22 3.19
N ASP A 45 -1.45 -16.53 2.15
CA ASP A 45 -1.58 -17.01 0.78
C ASP A 45 -0.23 -17.48 0.26
N PRO A 46 -0.07 -18.80 0.06
CA PRO A 46 1.19 -19.38 -0.42
C PRO A 46 1.47 -19.03 -1.87
N ASP A 47 0.62 -19.50 -2.78
CA ASP A 47 0.82 -19.29 -4.20
C ASP A 47 -0.29 -18.42 -4.78
N TYR A 48 -0.29 -18.27 -6.10
CA TYR A 48 -1.20 -17.35 -6.77
C TYR A 48 -2.11 -18.07 -7.77
N ALA A 49 -2.30 -19.37 -7.58
CA ALA A 49 -3.18 -20.14 -8.45
C ALA A 49 -4.39 -20.64 -7.68
N SER B 1 -3.56 9.39 -8.27
CA SER B 1 -4.67 10.27 -8.68
C SER B 1 -6.01 9.70 -8.22
N MET B 2 -6.37 8.52 -8.71
CA MET B 2 -7.66 7.92 -8.39
C MET B 2 -7.51 6.40 -8.22
N ASP B 3 -8.36 5.83 -7.39
CA ASP B 3 -8.35 4.40 -7.14
C ASP B 3 -9.75 3.83 -7.34
N GLU B 4 -9.84 2.66 -7.98
CA GLU B 4 -11.13 2.07 -8.31
C GLU B 4 -11.01 0.55 -8.43
N THR B 5 -12.15 -0.12 -8.39
CA THR B 5 -12.23 -1.55 -8.59
C THR B 5 -13.14 -1.89 -9.77
N VAL B 6 -12.64 -2.67 -10.72
CA VAL B 6 -13.45 -3.06 -11.85
C VAL B 6 -13.72 -4.56 -11.83
N LYS B 7 -14.67 -4.95 -10.98
CA LYS B 7 -15.12 -6.34 -10.86
C LYS B 7 -14.01 -7.27 -10.37
N LEU B 8 -13.23 -7.80 -11.30
CA LEU B 8 -12.21 -8.78 -10.95
C LEU B 8 -10.92 -8.09 -10.50
N ASN B 9 -10.56 -7.00 -11.16
CA ASN B 9 -9.35 -6.29 -10.78
C ASN B 9 -9.61 -5.33 -9.65
N HIS B 10 -8.59 -5.13 -8.86
CA HIS B 10 -8.53 -4.04 -7.93
C HIS B 10 -7.31 -3.23 -8.32
N THR B 11 -7.46 -1.94 -8.49
CA THR B 11 -6.36 -1.12 -8.96
C THR B 11 -5.32 -0.93 -7.86
N CYS B 12 -4.05 -1.14 -8.20
CA CYS B 12 -2.97 -0.97 -7.25
C CYS B 12 -2.83 0.51 -6.92
N VAL B 13 -3.02 0.84 -5.65
CA VAL B 13 -2.81 2.20 -5.16
C VAL B 13 -1.39 2.67 -5.45
N ILE B 14 -0.55 1.72 -5.83
CA ILE B 14 0.84 1.97 -6.10
C ILE B 14 1.09 2.09 -7.59
N CYS B 15 0.80 1.03 -8.30
CA CYS B 15 1.10 0.94 -9.73
C CYS B 15 0.05 1.64 -10.59
N ASP B 16 -1.13 1.86 -10.00
CA ASP B 16 -2.26 2.47 -10.72
C ASP B 16 -2.75 1.55 -11.82
N GLN B 17 -2.58 0.27 -11.55
CA GLN B 17 -2.91 -0.79 -12.50
C GLN B 17 -3.96 -1.73 -11.93
N GLU B 18 -4.85 -2.17 -12.79
CA GLU B 18 -5.93 -3.09 -12.46
C GLU B 18 -5.41 -4.49 -12.27
N LYS B 19 -5.21 -4.84 -11.01
CA LYS B 19 -4.68 -6.15 -10.66
C LYS B 19 -5.70 -6.94 -9.88
N ASN B 20 -5.89 -8.19 -10.24
CA ASN B 20 -6.83 -9.03 -9.52
C ASN B 20 -6.10 -9.87 -8.47
N ARG B 21 -4.79 -9.62 -8.32
CA ARG B 21 -3.98 -10.35 -7.36
C ARG B 21 -3.12 -9.42 -6.51
N GLY B 22 -3.41 -9.42 -5.23
CA GLY B 22 -2.74 -8.59 -4.25
C GLY B 22 -3.58 -8.59 -2.99
N ILE B 23 -3.47 -7.58 -2.12
CA ILE B 23 -4.28 -7.57 -0.93
C ILE B 23 -5.16 -6.34 -0.86
N HIS B 24 -5.92 -6.26 0.21
CA HIS B 24 -6.88 -5.19 0.43
C HIS B 24 -7.01 -4.93 1.92
N LEU B 25 -6.50 -3.79 2.37
CA LEU B 25 -6.52 -3.43 3.78
C LEU B 25 -7.88 -2.91 4.15
N TYR B 26 -8.23 -1.77 3.59
CA TYR B 26 -9.47 -1.11 3.92
C TYR B 26 -10.47 -1.33 2.79
N THR B 27 -10.66 -0.34 1.95
CA THR B 27 -11.41 -0.51 0.72
C THR B 27 -10.46 -0.45 -0.48
N LYS B 28 -9.15 -0.53 -0.21
CA LYS B 28 -8.13 -0.30 -1.24
C LYS B 28 -7.42 -1.58 -1.60
N PHE B 29 -6.44 -1.43 -2.46
CA PHE B 29 -5.68 -2.56 -2.98
C PHE B 29 -4.22 -2.20 -3.24
N ILE B 30 -3.34 -2.99 -2.68
CA ILE B 30 -1.93 -2.98 -3.04
C ILE B 30 -1.66 -4.25 -3.84
N CYS B 31 -1.11 -4.12 -5.04
CA CYS B 31 -0.82 -5.31 -5.83
C CYS B 31 0.20 -6.15 -5.11
N LEU B 32 0.10 -7.43 -5.33
CA LEU B 32 0.87 -8.44 -4.65
C LEU B 32 2.37 -8.17 -4.73
N ASP B 33 2.76 -7.34 -5.68
CA ASP B 33 4.17 -7.06 -5.91
C ASP B 33 4.60 -6.01 -4.92
N CYS B 34 3.80 -4.97 -4.85
CA CYS B 34 4.00 -3.87 -3.94
C CYS B 34 3.80 -4.34 -2.52
N GLU B 35 2.87 -5.25 -2.37
CA GLU B 35 2.52 -5.78 -1.08
C GLU B 35 3.73 -6.37 -0.39
N ARG B 36 4.52 -7.09 -1.14
CA ARG B 36 5.80 -7.58 -0.63
C ARG B 36 6.86 -6.48 -0.55
N LYS B 37 6.77 -5.51 -1.45
CA LYS B 37 7.80 -4.49 -1.61
C LYS B 37 7.93 -3.71 -0.34
N VAL B 38 6.77 -3.41 0.16
CA VAL B 38 6.58 -2.46 1.22
C VAL B 38 7.41 -2.79 2.45
N ILE B 39 7.28 -3.99 2.97
CA ILE B 39 8.00 -4.35 4.17
C ILE B 39 9.44 -4.58 3.84
N SER B 40 9.66 -5.04 2.61
CA SER B 40 11.00 -5.31 2.18
C SER B 40 11.79 -4.00 2.15
N THR B 41 11.04 -2.92 1.95
CA THR B 41 11.56 -1.56 1.95
C THR B 41 11.72 -1.01 3.39
N SER B 42 10.71 -1.25 4.22
CA SER B 42 10.62 -0.63 5.54
C SER B 42 11.51 -1.32 6.57
N THR B 43 11.84 -2.58 6.34
CA THR B 43 12.54 -3.38 7.33
C THR B 43 14.01 -2.97 7.49
N SER B 44 14.36 -1.81 6.96
CA SER B 44 15.67 -1.22 7.18
C SER B 44 15.56 -0.15 8.27
N ASP B 45 14.32 0.16 8.65
CA ASP B 45 14.05 1.16 9.68
C ASP B 45 13.61 0.48 10.96
N PRO B 46 14.45 0.51 12.00
CA PRO B 46 14.16 -0.12 13.29
C PRO B 46 13.04 0.58 14.06
N ASP B 47 13.29 1.83 14.44
CA ASP B 47 12.32 2.59 15.23
C ASP B 47 11.82 3.80 14.44
N TYR B 48 11.02 4.63 15.10
CA TYR B 48 10.35 5.74 14.43
C TYR B 48 10.76 7.09 15.02
N ALA B 49 11.92 7.15 15.65
CA ALA B 49 12.43 8.41 16.19
C ALA B 49 13.69 8.84 15.45
N SER A 1 -10.00 8.40 0.31
CA SER A 1 -10.01 9.39 -0.78
C SER A 1 -9.42 10.72 -0.32
N MET A 2 -8.91 11.50 -1.27
CA MET A 2 -8.36 12.83 -1.01
C MET A 2 -7.03 12.74 -0.25
N ASP A 3 -5.94 12.90 -0.97
CA ASP A 3 -4.62 12.91 -0.36
C ASP A 3 -4.01 14.29 -0.47
N GLU A 4 -3.24 14.68 0.53
CA GLU A 4 -2.65 16.00 0.57
C GLU A 4 -1.23 15.92 1.12
N THR A 5 -0.31 15.51 0.28
CA THR A 5 1.08 15.39 0.65
C THR A 5 1.86 16.63 0.20
N VAL A 6 2.13 17.51 1.14
CA VAL A 6 2.86 18.73 0.84
C VAL A 6 4.36 18.48 0.91
N LYS A 7 4.84 18.03 2.07
CA LYS A 7 6.25 17.75 2.26
C LYS A 7 6.48 16.97 3.54
N LEU A 8 5.86 17.40 4.63
CA LEU A 8 6.07 16.80 5.94
C LEU A 8 5.36 15.45 6.06
N ASN A 9 4.05 15.48 6.27
CA ASN A 9 3.31 14.24 6.43
C ASN A 9 2.77 13.80 5.08
N HIS A 10 2.97 12.55 4.73
CA HIS A 10 2.47 12.02 3.47
C HIS A 10 1.14 11.33 3.73
N THR A 11 0.15 11.61 2.91
CA THR A 11 -1.15 11.01 3.14
C THR A 11 -1.13 9.54 2.77
N CYS A 12 -1.60 8.71 3.69
CA CYS A 12 -1.66 7.28 3.47
C CYS A 12 -2.69 6.95 2.40
N VAL A 13 -2.30 6.10 1.46
CA VAL A 13 -3.22 5.60 0.46
C VAL A 13 -4.27 4.70 1.09
N ILE A 14 -4.00 4.24 2.31
CA ILE A 14 -4.86 3.27 2.96
C ILE A 14 -5.85 3.94 3.89
N CYS A 15 -5.34 4.60 4.92
CA CYS A 15 -6.20 5.19 5.93
C CYS A 15 -6.43 6.68 5.66
N ASP A 16 -5.87 7.15 4.55
CA ASP A 16 -6.05 8.52 4.08
C ASP A 16 -5.71 9.54 5.15
N GLN A 17 -4.71 9.22 5.94
CA GLN A 17 -4.24 10.10 6.98
C GLN A 17 -2.86 10.65 6.61
N GLU A 18 -2.62 11.89 6.97
CA GLU A 18 -1.35 12.55 6.68
C GLU A 18 -0.30 12.11 7.67
N LYS A 19 0.52 11.20 7.21
CA LYS A 19 1.54 10.59 8.04
C LYS A 19 2.94 10.81 7.48
N ASN A 20 3.79 11.41 8.29
CA ASN A 20 5.18 11.63 7.90
C ASN A 20 5.95 10.31 7.92
N ARG A 21 5.51 9.37 8.76
CA ARG A 21 6.22 8.10 8.88
C ARG A 21 5.46 6.97 8.18
N GLY A 22 6.23 6.10 7.55
CA GLY A 22 5.72 5.05 6.71
C GLY A 22 6.61 4.93 5.49
N ILE A 23 6.18 4.29 4.43
CA ILE A 23 7.05 4.15 3.30
C ILE A 23 6.42 4.73 2.05
N HIS A 24 7.17 4.65 0.99
CA HIS A 24 6.77 5.23 -0.28
C HIS A 24 7.46 4.47 -1.41
N LEU A 25 6.68 3.75 -2.20
CA LEU A 25 7.23 2.89 -3.21
C LEU A 25 7.53 3.68 -4.45
N TYR A 26 6.49 4.13 -5.10
CA TYR A 26 6.62 4.91 -6.31
C TYR A 26 6.52 6.38 -5.95
N THR A 27 5.36 6.96 -6.20
CA THR A 27 5.08 8.31 -5.76
C THR A 27 4.07 8.30 -4.62
N LYS A 28 3.65 7.11 -4.19
CA LYS A 28 2.65 7.01 -3.14
C LYS A 28 3.24 6.55 -1.84
N PHE A 29 2.40 6.56 -0.83
CA PHE A 29 2.80 6.33 0.53
C PHE A 29 1.80 5.45 1.26
N ILE A 30 2.26 4.33 1.76
CA ILE A 30 1.50 3.57 2.72
C ILE A 30 2.04 3.91 4.09
N CYS A 31 1.18 4.34 5.00
CA CYS A 31 1.68 4.71 6.30
C CYS A 31 2.13 3.47 7.02
N LEU A 32 3.08 3.68 7.89
CA LEU A 32 3.82 2.64 8.56
C LEU A 32 2.91 1.61 9.22
N ASP A 33 1.68 1.99 9.49
CA ASP A 33 0.76 1.14 10.20
C ASP A 33 0.15 0.16 9.22
N CYS A 34 -0.31 0.73 8.13
CA CYS A 34 -0.92 0.01 7.04
C CYS A 34 0.14 -0.78 6.30
N GLU A 35 1.31 -0.20 6.25
CA GLU A 35 2.47 -0.83 5.66
C GLU A 35 2.74 -2.15 6.36
N ARG A 36 2.55 -2.22 7.66
CA ARG A 36 2.65 -3.48 8.37
C ARG A 36 1.43 -4.35 8.13
N LYS A 37 0.31 -3.70 7.97
CA LYS A 37 -0.98 -4.37 7.88
C LYS A 37 -0.96 -5.30 6.69
N VAL A 38 -0.33 -4.81 5.64
CA VAL A 38 -0.22 -5.53 4.40
C VAL A 38 0.46 -6.88 4.59
N ILE A 39 1.59 -6.85 5.27
CA ILE A 39 2.42 -8.02 5.51
C ILE A 39 1.63 -9.04 6.26
N SER A 40 0.73 -8.53 7.06
CA SER A 40 -0.07 -9.38 7.89
C SER A 40 -1.20 -10.01 7.08
N THR A 41 -1.62 -9.30 6.06
CA THR A 41 -2.75 -9.70 5.23
C THR A 41 -2.35 -10.70 4.14
N SER A 42 -1.15 -10.52 3.58
CA SER A 42 -0.74 -11.27 2.40
C SER A 42 -0.26 -12.67 2.71
N THR A 43 0.06 -12.93 3.97
CA THR A 43 0.66 -14.19 4.34
C THR A 43 -0.36 -15.34 4.41
N SER A 44 -1.23 -15.37 3.40
CA SER A 44 -2.21 -16.43 3.23
C SER A 44 -2.65 -16.48 1.76
N ASP A 45 -1.68 -16.28 0.87
CA ASP A 45 -1.96 -16.25 -0.57
C ASP A 45 -0.90 -16.98 -1.40
N PRO A 46 0.41 -16.69 -1.22
CA PRO A 46 1.46 -17.27 -2.07
C PRO A 46 1.54 -18.80 -2.00
N ASP A 47 2.30 -19.37 -2.93
CA ASP A 47 2.47 -20.83 -3.06
C ASP A 47 1.18 -21.49 -3.52
N TYR A 48 0.36 -20.72 -4.22
CA TYR A 48 -0.87 -21.22 -4.80
C TYR A 48 -1.05 -20.69 -6.20
N ALA A 49 -1.47 -21.55 -7.11
CA ALA A 49 -1.66 -21.17 -8.49
C ALA A 49 -2.93 -20.35 -8.64
N SER B 1 -2.30 7.23 -10.62
CA SER B 1 -3.61 7.92 -10.64
C SER B 1 -4.61 7.13 -11.47
N MET B 2 -5.90 7.33 -11.16
CA MET B 2 -7.01 6.70 -11.87
C MET B 2 -7.08 5.20 -11.60
N ASP B 3 -8.01 4.82 -10.73
CA ASP B 3 -8.23 3.42 -10.42
C ASP B 3 -9.58 2.98 -10.95
N GLU B 4 -9.68 1.74 -11.38
CA GLU B 4 -10.91 1.22 -11.95
C GLU B 4 -11.13 -0.21 -11.50
N THR B 5 -11.60 -0.37 -10.28
CA THR B 5 -11.88 -1.67 -9.71
C THR B 5 -13.37 -2.01 -9.85
N VAL B 6 -13.68 -2.85 -10.84
CA VAL B 6 -15.06 -3.25 -11.08
C VAL B 6 -15.42 -4.43 -10.20
N LYS B 7 -14.68 -5.52 -10.33
CA LYS B 7 -14.93 -6.72 -9.55
C LYS B 7 -13.77 -7.71 -9.66
N LEU B 8 -13.31 -7.92 -10.89
CA LEU B 8 -12.27 -8.92 -11.14
C LEU B 8 -10.89 -8.41 -10.70
N ASN B 9 -10.29 -7.56 -11.50
CA ASN B 9 -8.96 -7.06 -11.17
C ASN B 9 -9.10 -5.75 -10.39
N HIS B 10 -8.40 -5.65 -9.29
CA HIS B 10 -8.43 -4.46 -8.46
C HIS B 10 -7.24 -3.58 -8.85
N THR B 11 -7.47 -2.30 -9.05
CA THR B 11 -6.38 -1.43 -9.46
C THR B 11 -5.45 -1.17 -8.30
N CYS B 12 -4.17 -1.38 -8.53
CA CYS B 12 -3.16 -1.16 -7.51
C CYS B 12 -3.03 0.32 -7.20
N VAL B 13 -3.02 0.65 -5.92
CA VAL B 13 -2.78 2.03 -5.49
C VAL B 13 -1.35 2.43 -5.80
N ILE B 14 -0.49 1.46 -6.06
CA ILE B 14 0.93 1.73 -6.26
C ILE B 14 1.28 1.87 -7.72
N CYS B 15 1.09 0.80 -8.49
CA CYS B 15 1.49 0.80 -9.88
C CYS B 15 0.31 1.10 -10.80
N ASP B 16 -0.84 1.37 -10.18
CA ASP B 16 -2.06 1.78 -10.88
C ASP B 16 -2.44 0.80 -11.98
N GLN B 17 -2.18 -0.46 -11.73
CA GLN B 17 -2.52 -1.51 -12.66
C GLN B 17 -3.67 -2.34 -12.09
N GLU B 18 -4.54 -2.79 -12.98
CA GLU B 18 -5.69 -3.60 -12.60
C GLU B 18 -5.27 -5.03 -12.34
N LYS B 19 -5.15 -5.34 -11.08
CA LYS B 19 -4.65 -6.64 -10.64
C LYS B 19 -5.67 -7.36 -9.76
N ASN B 20 -6.04 -8.55 -10.17
CA ASN B 20 -6.96 -9.37 -9.40
C ASN B 20 -6.25 -9.93 -8.17
N ARG B 21 -4.94 -10.11 -8.27
CA ARG B 21 -4.18 -10.69 -7.17
C ARG B 21 -3.37 -9.63 -6.43
N GLY B 22 -3.33 -9.79 -5.11
CA GLY B 22 -2.74 -8.82 -4.21
C GLY B 22 -3.63 -8.73 -2.99
N ILE B 23 -3.50 -7.70 -2.18
CA ILE B 23 -4.30 -7.64 -0.99
C ILE B 23 -5.14 -6.38 -0.97
N HIS B 24 -5.91 -6.25 0.07
CA HIS B 24 -6.83 -5.15 0.23
C HIS B 24 -7.10 -4.94 1.71
N LEU B 25 -6.64 -3.81 2.24
CA LEU B 25 -6.71 -3.56 3.65
C LEU B 25 -8.06 -3.01 4.02
N TYR B 26 -8.32 -1.80 3.57
CA TYR B 26 -9.58 -1.15 3.83
C TYR B 26 -10.49 -1.35 2.62
N THR B 27 -10.60 -0.31 1.81
CA THR B 27 -11.30 -0.42 0.54
C THR B 27 -10.30 -0.37 -0.62
N LYS B 28 -9.02 -0.30 -0.31
CA LYS B 28 -8.02 -0.20 -1.36
C LYS B 28 -7.23 -1.48 -1.51
N PHE B 29 -6.39 -1.49 -2.52
CA PHE B 29 -5.69 -2.66 -2.96
C PHE B 29 -4.25 -2.33 -3.32
N ILE B 30 -3.33 -2.99 -2.65
CA ILE B 30 -1.95 -2.99 -3.09
C ILE B 30 -1.74 -4.30 -3.84
N CYS B 31 -1.27 -4.24 -5.08
CA CYS B 31 -1.08 -5.47 -5.81
C CYS B 31 0.05 -6.24 -5.19
N LEU B 32 -0.05 -7.53 -5.35
CA LEU B 32 0.79 -8.50 -4.70
C LEU B 32 2.28 -8.20 -4.87
N ASP B 33 2.60 -7.44 -5.89
CA ASP B 33 3.99 -7.17 -6.21
C ASP B 33 4.48 -6.05 -5.32
N CYS B 34 3.67 -5.01 -5.30
CA CYS B 34 3.92 -3.82 -4.51
C CYS B 34 3.72 -4.13 -3.05
N GLU B 35 2.78 -5.02 -2.80
CA GLU B 35 2.51 -5.50 -1.48
C GLU B 35 3.77 -6.14 -0.88
N ARG B 36 4.55 -6.81 -1.69
CA ARG B 36 5.85 -7.32 -1.24
C ARG B 36 6.88 -6.21 -1.15
N LYS B 37 6.75 -5.26 -2.04
CA LYS B 37 7.72 -4.20 -2.20
C LYS B 37 7.82 -3.43 -0.92
N VAL B 38 6.67 -3.25 -0.32
CA VAL B 38 6.55 -2.51 0.91
C VAL B 38 7.40 -3.12 2.02
N ILE B 39 7.28 -4.43 2.18
CA ILE B 39 7.96 -5.18 3.21
C ILE B 39 9.44 -5.03 3.05
N SER B 40 9.81 -4.87 1.80
CA SER B 40 11.20 -4.78 1.45
C SER B 40 11.73 -3.37 1.75
N THR B 41 10.82 -2.40 1.67
CA THR B 41 11.16 -0.99 1.84
C THR B 41 11.23 -0.58 3.31
N SER B 42 10.33 -1.13 4.12
CA SER B 42 10.13 -0.68 5.49
C SER B 42 11.17 -1.21 6.46
N THR B 43 11.88 -2.24 6.06
CA THR B 43 12.80 -2.92 6.96
C THR B 43 14.11 -2.14 7.15
N SER B 44 13.98 -0.84 7.30
CA SER B 44 15.09 0.06 7.58
C SER B 44 14.56 1.33 8.24
N ASP B 45 13.57 1.17 9.12
CA ASP B 45 12.93 2.30 9.78
C ASP B 45 12.65 2.03 11.27
N PRO B 46 12.00 0.91 11.64
CA PRO B 46 11.60 0.66 13.04
C PRO B 46 12.77 0.61 14.01
N ASP B 47 12.43 0.64 15.31
CA ASP B 47 13.40 0.63 16.41
C ASP B 47 14.20 1.93 16.43
N TYR B 48 13.59 2.99 15.93
CA TYR B 48 14.17 4.31 15.97
C TYR B 48 13.11 5.34 16.34
N ALA B 49 13.49 6.27 17.20
CA ALA B 49 12.57 7.30 17.66
C ALA B 49 12.37 8.34 16.58
N SER A 1 -9.80 8.51 -1.81
CA SER A 1 -9.39 8.86 -3.18
C SER A 1 -8.53 10.11 -3.18
N MET A 2 -8.28 10.69 -4.36
CA MET A 2 -7.48 11.90 -4.50
C MET A 2 -6.01 11.66 -4.21
N ASP A 3 -5.18 12.60 -4.63
CA ASP A 3 -3.74 12.52 -4.42
C ASP A 3 -3.27 13.82 -3.78
N GLU A 4 -3.69 14.94 -4.36
CA GLU A 4 -3.48 16.27 -3.80
C GLU A 4 -2.00 16.65 -3.73
N THR A 5 -1.71 17.75 -3.06
CA THR A 5 -0.36 18.28 -2.98
C THR A 5 0.54 17.38 -2.14
N VAL A 6 0.21 17.24 -0.86
CA VAL A 6 0.98 16.42 0.07
C VAL A 6 2.38 17.00 0.29
N LYS A 7 2.57 17.66 1.42
CA LYS A 7 3.84 18.30 1.71
C LYS A 7 4.64 17.52 2.77
N LEU A 8 4.38 17.82 4.04
CA LEU A 8 5.15 17.20 5.13
C LEU A 8 4.67 15.77 5.38
N ASN A 9 3.39 15.60 5.66
CA ASN A 9 2.82 14.29 5.89
C ASN A 9 2.30 13.73 4.58
N HIS A 10 2.60 12.49 4.30
CA HIS A 10 2.14 11.86 3.08
C HIS A 10 0.84 11.12 3.36
N THR A 11 -0.12 11.26 2.49
CA THR A 11 -1.41 10.63 2.72
C THR A 11 -1.31 9.15 2.46
N CYS A 12 -1.78 8.37 3.43
CA CYS A 12 -1.80 6.93 3.30
C CYS A 12 -2.82 6.55 2.25
N VAL A 13 -2.37 5.85 1.22
CA VAL A 13 -3.25 5.33 0.18
C VAL A 13 -4.32 4.42 0.78
N ILE A 14 -4.07 3.99 2.01
CA ILE A 14 -4.95 3.06 2.71
C ILE A 14 -5.91 3.80 3.62
N CYS A 15 -5.35 4.59 4.52
CA CYS A 15 -6.13 5.30 5.53
C CYS A 15 -6.75 6.58 4.96
N ASP A 16 -6.17 7.07 3.86
CA ASP A 16 -6.51 8.38 3.28
C ASP A 16 -6.28 9.47 4.30
N GLN A 17 -5.19 9.33 5.05
CA GLN A 17 -4.82 10.25 6.11
C GLN A 17 -3.37 10.69 5.90
N GLU A 18 -3.10 11.94 6.21
CA GLU A 18 -1.77 12.51 6.02
C GLU A 18 -0.84 12.11 7.13
N LYS A 19 0.04 11.21 6.79
CA LYS A 19 1.00 10.61 7.72
C LYS A 19 2.42 10.81 7.21
N ASN A 20 3.30 11.32 8.06
CA ASN A 20 4.67 11.55 7.65
C ASN A 20 5.50 10.27 7.76
N ARG A 21 5.07 9.35 8.62
CA ARG A 21 5.83 8.11 8.81
C ARG A 21 5.17 6.92 8.15
N GLY A 22 5.98 6.21 7.38
CA GLY A 22 5.53 5.07 6.59
C GLY A 22 6.52 4.85 5.47
N ILE A 23 6.13 4.18 4.39
CA ILE A 23 7.05 3.99 3.29
C ILE A 23 6.50 4.62 2.03
N HIS A 24 7.27 4.49 0.97
CA HIS A 24 6.95 5.09 -0.30
C HIS A 24 7.59 4.30 -1.43
N LEU A 25 6.75 3.61 -2.19
CA LEU A 25 7.23 2.77 -3.27
C LEU A 25 7.51 3.60 -4.50
N TYR A 26 6.44 3.96 -5.19
CA TYR A 26 6.56 4.67 -6.45
C TYR A 26 6.42 6.17 -6.20
N THR A 27 5.21 6.68 -6.35
CA THR A 27 4.94 8.07 -6.02
C THR A 27 4.06 8.16 -4.77
N LYS A 28 3.78 7.00 -4.16
CA LYS A 28 2.75 6.92 -3.14
C LYS A 28 3.34 6.75 -1.76
N PHE A 29 2.44 6.56 -0.83
CA PHE A 29 2.78 6.39 0.56
C PHE A 29 1.80 5.44 1.24
N ILE A 30 2.33 4.36 1.77
CA ILE A 30 1.58 3.53 2.70
C ILE A 30 2.02 3.91 4.10
N CYS A 31 1.08 4.25 4.97
CA CYS A 31 1.47 4.61 6.31
C CYS A 31 2.05 3.40 6.99
N LEU A 32 2.99 3.68 7.85
CA LEU A 32 3.84 2.69 8.47
C LEU A 32 3.05 1.55 9.08
N ASP A 33 1.82 1.85 9.43
CA ASP A 33 0.99 0.90 10.14
C ASP A 33 0.40 -0.06 9.13
N CYS A 34 0.01 0.49 7.99
CA CYS A 34 -0.53 -0.32 6.92
C CYS A 34 0.58 -1.11 6.29
N GLU A 35 1.74 -0.50 6.25
CA GLU A 35 2.93 -1.13 5.74
C GLU A 35 3.18 -2.45 6.44
N ARG A 36 3.02 -2.45 7.74
CA ARG A 36 3.07 -3.69 8.50
C ARG A 36 1.80 -4.54 8.39
N LYS A 37 0.65 -3.89 8.19
CA LYS A 37 -0.61 -4.58 8.13
C LYS A 37 -0.60 -5.53 6.96
N VAL A 38 -0.05 -5.03 5.87
CA VAL A 38 0.03 -5.77 4.64
C VAL A 38 0.74 -7.11 4.82
N ILE A 39 1.87 -7.05 5.51
CA ILE A 39 2.68 -8.20 5.81
C ILE A 39 1.88 -9.14 6.64
N SER A 40 1.04 -8.55 7.45
CA SER A 40 0.25 -9.32 8.37
C SER A 40 -0.94 -9.95 7.64
N THR A 41 -1.29 -9.39 6.50
CA THR A 41 -2.39 -9.87 5.70
C THR A 41 -1.99 -11.03 4.78
N SER A 42 -0.90 -10.85 4.05
CA SER A 42 -0.55 -11.73 2.94
C SER A 42 0.26 -12.97 3.34
N THR A 43 0.99 -12.88 4.44
CA THR A 43 2.00 -13.89 4.74
C THR A 43 1.39 -15.23 5.14
N SER A 44 0.14 -15.22 5.58
CA SER A 44 -0.54 -16.45 5.91
C SER A 44 -1.78 -16.61 5.00
N ASP A 45 -1.69 -16.03 3.82
CA ASP A 45 -2.78 -16.14 2.84
C ASP A 45 -2.25 -16.73 1.54
N PRO A 46 -2.21 -18.06 1.45
CA PRO A 46 -1.70 -18.77 0.28
C PRO A 46 -2.75 -18.90 -0.81
N ASP A 47 -2.30 -19.30 -1.99
CA ASP A 47 -3.19 -19.50 -3.12
C ASP A 47 -2.84 -20.80 -3.82
N TYR A 48 -1.60 -20.91 -4.28
CA TYR A 48 -1.13 -22.10 -4.97
C TYR A 48 -0.65 -23.14 -3.96
N ALA A 49 -1.58 -23.91 -3.43
CA ALA A 49 -1.26 -24.95 -2.48
C ALA A 49 -0.69 -26.17 -3.18
N SER B 1 -3.54 8.43 -9.39
CA SER B 1 -4.66 9.00 -8.61
C SER B 1 -5.96 8.30 -9.00
N MET B 2 -7.10 8.85 -8.55
CA MET B 2 -8.43 8.31 -8.84
C MET B 2 -8.67 6.98 -8.11
N ASP B 3 -9.93 6.60 -8.05
CA ASP B 3 -10.34 5.36 -7.41
C ASP B 3 -11.21 4.55 -8.37
N GLU B 4 -12.18 5.23 -8.96
CA GLU B 4 -13.01 4.67 -10.04
C GLU B 4 -13.84 3.48 -9.57
N THR B 5 -14.46 2.80 -10.51
CA THR B 5 -15.37 1.70 -10.22
C THR B 5 -14.61 0.50 -9.66
N VAL B 6 -13.73 -0.08 -10.48
CA VAL B 6 -12.93 -1.24 -10.10
C VAL B 6 -13.82 -2.47 -9.88
N LYS B 7 -13.83 -3.36 -10.86
CA LYS B 7 -14.67 -4.54 -10.79
C LYS B 7 -13.86 -5.80 -10.51
N LEU B 8 -13.34 -6.43 -11.56
CA LEU B 8 -12.61 -7.69 -11.40
C LEU B 8 -11.20 -7.46 -10.87
N ASN B 9 -10.43 -6.66 -11.58
CA ASN B 9 -9.08 -6.35 -11.14
C ASN B 9 -9.11 -5.09 -10.30
N HIS B 10 -8.43 -5.10 -9.18
CA HIS B 10 -8.38 -3.93 -8.31
C HIS B 10 -7.15 -3.11 -8.66
N THR B 11 -7.32 -1.82 -8.74
CA THR B 11 -6.21 -0.96 -9.11
C THR B 11 -5.23 -0.82 -7.95
N CYS B 12 -3.97 -1.07 -8.25
CA CYS B 12 -2.93 -0.93 -7.26
C CYS B 12 -2.76 0.54 -6.93
N VAL B 13 -2.93 0.86 -5.66
CA VAL B 13 -2.70 2.23 -5.18
C VAL B 13 -1.27 2.68 -5.46
N ILE B 14 -0.42 1.72 -5.79
CA ILE B 14 0.99 1.96 -6.04
C ILE B 14 1.26 2.10 -7.52
N CYS B 15 0.88 1.07 -8.27
CA CYS B 15 1.17 1.00 -9.68
C CYS B 15 0.15 1.80 -10.50
N ASP B 16 -1.02 2.06 -9.88
CA ASP B 16 -2.17 2.65 -10.57
C ASP B 16 -2.59 1.78 -11.74
N GLN B 17 -2.53 0.48 -11.52
CA GLN B 17 -2.84 -0.51 -12.53
C GLN B 17 -3.86 -1.50 -11.98
N GLU B 18 -4.78 -1.94 -12.81
CA GLU B 18 -5.84 -2.85 -12.41
C GLU B 18 -5.34 -4.28 -12.31
N LYS B 19 -5.17 -4.69 -11.09
CA LYS B 19 -4.62 -6.01 -10.75
C LYS B 19 -5.59 -6.78 -9.87
N ASN B 20 -5.91 -8.01 -10.24
CA ASN B 20 -6.84 -8.80 -9.46
C ASN B 20 -6.13 -9.49 -8.28
N ARG B 21 -4.83 -9.68 -8.40
CA ARG B 21 -4.08 -10.35 -7.34
C ARG B 21 -3.23 -9.38 -6.52
N GLY B 22 -3.39 -9.49 -5.21
CA GLY B 22 -2.75 -8.61 -4.25
C GLY B 22 -3.54 -8.64 -2.96
N ILE B 23 -3.42 -7.63 -2.11
CA ILE B 23 -4.20 -7.62 -0.89
C ILE B 23 -5.10 -6.41 -0.85
N HIS B 24 -5.84 -6.31 0.23
CA HIS B 24 -6.82 -5.26 0.41
C HIS B 24 -7.03 -5.01 1.90
N LEU B 25 -6.56 -3.86 2.36
CA LEU B 25 -6.64 -3.51 3.76
C LEU B 25 -8.02 -2.94 4.08
N TYR B 26 -8.22 -1.70 3.70
CA TYR B 26 -9.46 -1.00 4.03
C TYR B 26 -10.41 -1.09 2.85
N THR B 27 -10.40 -0.08 2.00
CA THR B 27 -11.18 -0.13 0.78
C THR B 27 -10.27 -0.26 -0.43
N LYS B 28 -8.97 -0.41 -0.19
CA LYS B 28 -7.98 -0.28 -1.24
C LYS B 28 -7.38 -1.61 -1.62
N PHE B 29 -6.42 -1.51 -2.51
CA PHE B 29 -5.72 -2.66 -3.03
C PHE B 29 -4.26 -2.32 -3.30
N ILE B 30 -3.37 -3.04 -2.65
CA ILE B 30 -1.98 -3.04 -3.02
C ILE B 30 -1.73 -4.28 -3.85
N CYS B 31 -1.17 -4.13 -5.04
CA CYS B 31 -0.92 -5.30 -5.86
C CYS B 31 0.11 -6.15 -5.16
N LEU B 32 -0.04 -7.44 -5.37
CA LEU B 32 0.69 -8.46 -4.66
C LEU B 32 2.18 -8.20 -4.68
N ASP B 33 2.62 -7.50 -5.69
CA ASP B 33 4.04 -7.30 -5.91
C ASP B 33 4.51 -6.19 -5.00
N CYS B 34 3.68 -5.17 -4.90
CA CYS B 34 3.95 -4.03 -4.04
C CYS B 34 3.80 -4.45 -2.61
N GLU B 35 2.85 -5.34 -2.39
CA GLU B 35 2.59 -5.91 -1.10
C GLU B 35 3.87 -6.51 -0.52
N ARG B 36 4.59 -7.22 -1.35
CA ARG B 36 5.90 -7.71 -0.96
C ARG B 36 7.00 -6.65 -1.00
N LYS B 37 6.85 -5.66 -1.89
CA LYS B 37 7.85 -4.63 -2.05
C LYS B 37 7.99 -3.86 -0.75
N VAL B 38 6.84 -3.60 -0.16
CA VAL B 38 6.75 -2.84 1.06
C VAL B 38 7.59 -3.47 2.17
N ILE B 39 7.43 -4.77 2.30
CA ILE B 39 8.15 -5.56 3.29
C ILE B 39 9.61 -5.46 3.00
N SER B 40 9.90 -5.36 1.73
CA SER B 40 11.26 -5.32 1.30
C SER B 40 11.85 -3.92 1.53
N THR B 41 10.98 -2.93 1.64
CA THR B 41 11.39 -1.56 1.86
C THR B 41 11.65 -1.25 3.33
N SER B 42 10.71 -1.62 4.19
CA SER B 42 10.68 -1.15 5.57
C SER B 42 11.52 -1.99 6.54
N THR B 43 11.70 -3.26 6.24
CA THR B 43 12.24 -4.20 7.22
C THR B 43 13.71 -3.95 7.54
N SER B 44 14.41 -3.29 6.64
CA SER B 44 15.80 -2.92 6.90
C SER B 44 15.95 -1.41 6.89
N ASP B 45 14.87 -0.72 7.24
CA ASP B 45 14.89 0.74 7.33
C ASP B 45 14.48 1.18 8.73
N PRO B 46 15.44 1.25 9.66
CA PRO B 46 15.19 1.63 11.03
C PRO B 46 15.15 3.14 11.22
N ASP B 47 14.67 3.56 12.38
CA ASP B 47 14.61 4.98 12.71
C ASP B 47 15.12 5.20 14.13
N TYR B 48 14.47 4.55 15.09
CA TYR B 48 14.86 4.67 16.48
C TYR B 48 15.96 3.68 16.81
N ALA B 49 17.20 4.07 16.54
CA ALA B 49 18.35 3.24 16.82
C ALA B 49 18.70 3.29 18.29
N SER A 1 -5.00 14.44 -15.38
CA SER A 1 -4.13 13.48 -16.10
C SER A 1 -3.22 12.72 -15.14
N MET A 2 -2.27 13.43 -14.54
CA MET A 2 -1.34 12.82 -13.59
C MET A 2 -1.10 13.75 -12.41
N ASP A 3 -2.18 14.20 -11.79
CA ASP A 3 -2.07 15.00 -10.57
C ASP A 3 -2.07 14.09 -9.36
N GLU A 4 -0.92 13.96 -8.73
CA GLU A 4 -0.75 13.03 -7.62
C GLU A 4 0.52 13.36 -6.84
N THR A 5 0.37 14.05 -5.73
CA THR A 5 1.50 14.42 -4.90
C THR A 5 1.16 14.33 -3.42
N VAL A 6 1.98 13.61 -2.67
CA VAL A 6 1.81 13.51 -1.23
C VAL A 6 2.95 14.25 -0.52
N LYS A 7 2.65 15.45 -0.04
CA LYS A 7 3.66 16.33 0.54
C LYS A 7 3.55 16.37 2.06
N LEU A 8 4.59 16.93 2.70
CA LEU A 8 4.73 16.93 4.17
C LEU A 8 4.30 15.60 4.77
N ASN A 9 3.18 15.58 5.48
CA ASN A 9 2.59 14.32 5.94
C ASN A 9 1.98 13.61 4.75
N HIS A 10 2.72 12.66 4.23
CA HIS A 10 2.30 11.93 3.05
C HIS A 10 1.01 11.18 3.33
N THR A 11 -0.01 11.46 2.54
CA THR A 11 -1.29 10.82 2.76
C THR A 11 -1.21 9.33 2.46
N CYS A 12 -1.70 8.53 3.40
CA CYS A 12 -1.72 7.10 3.25
C CYS A 12 -2.70 6.72 2.17
N VAL A 13 -2.21 6.08 1.11
CA VAL A 13 -3.04 5.58 0.03
C VAL A 13 -4.12 4.66 0.57
N ILE A 14 -3.92 4.21 1.80
CA ILE A 14 -4.81 3.28 2.44
C ILE A 14 -5.83 4.01 3.30
N CYS A 15 -5.32 4.73 4.29
CA CYS A 15 -6.17 5.36 5.30
C CYS A 15 -6.79 6.66 4.79
N ASP A 16 -6.16 7.28 3.79
CA ASP A 16 -6.51 8.60 3.30
C ASP A 16 -6.19 9.66 4.36
N GLN A 17 -5.12 9.38 5.12
CA GLN A 17 -4.68 10.23 6.21
C GLN A 17 -3.25 10.72 5.98
N GLU A 18 -3.00 11.95 6.35
CA GLU A 18 -1.71 12.60 6.15
C GLU A 18 -0.71 12.16 7.19
N LYS A 19 0.14 11.24 6.79
CA LYS A 19 1.13 10.62 7.68
C LYS A 19 2.54 10.82 7.14
N ASN A 20 3.44 11.29 7.98
CA ASN A 20 4.82 11.47 7.54
C ASN A 20 5.63 10.20 7.83
N ARG A 21 4.99 9.20 8.42
CA ARG A 21 5.68 7.97 8.81
C ARG A 21 5.08 6.74 8.13
N GLY A 22 5.92 6.09 7.34
CA GLY A 22 5.54 4.92 6.57
C GLY A 22 6.55 4.71 5.47
N ILE A 23 6.20 4.03 4.37
CA ILE A 23 7.16 3.82 3.31
C ILE A 23 6.67 4.44 2.01
N HIS A 24 7.47 4.27 0.98
CA HIS A 24 7.24 4.90 -0.31
C HIS A 24 7.58 3.95 -1.45
N LEU A 25 6.56 3.41 -2.12
CA LEU A 25 6.75 2.77 -3.38
C LEU A 25 6.44 3.81 -4.44
N TYR A 26 7.22 3.85 -5.51
CA TYR A 26 6.88 4.71 -6.64
C TYR A 26 6.90 6.17 -6.16
N THR A 27 5.79 6.84 -6.30
CA THR A 27 5.64 8.18 -5.77
C THR A 27 4.66 8.20 -4.59
N LYS A 28 4.33 7.02 -4.06
CA LYS A 28 3.22 6.89 -3.12
C LYS A 28 3.69 6.73 -1.70
N PHE A 29 2.70 6.53 -0.85
CA PHE A 29 2.94 6.37 0.57
C PHE A 29 1.92 5.41 1.20
N ILE A 30 2.41 4.31 1.75
CA ILE A 30 1.62 3.50 2.65
C ILE A 30 2.04 3.84 4.07
N CYS A 31 1.09 4.19 4.92
CA CYS A 31 1.45 4.52 6.28
C CYS A 31 1.99 3.29 6.96
N LEU A 32 2.91 3.54 7.87
CA LEU A 32 3.70 2.53 8.53
C LEU A 32 2.84 1.44 9.16
N ASP A 33 1.58 1.77 9.38
CA ASP A 33 0.65 0.89 10.05
C ASP A 33 0.14 -0.12 9.05
N CYS A 34 -0.25 0.42 7.91
CA CYS A 34 -0.70 -0.36 6.77
C CYS A 34 0.45 -1.14 6.21
N GLU A 35 1.63 -0.54 6.28
CA GLU A 35 2.82 -1.18 5.81
C GLU A 35 3.02 -2.50 6.53
N ARG A 36 2.81 -2.51 7.81
CA ARG A 36 2.84 -3.77 8.56
C ARG A 36 1.58 -4.60 8.34
N LYS A 37 0.46 -3.92 8.09
CA LYS A 37 -0.81 -4.58 7.93
C LYS A 37 -0.71 -5.58 6.80
N VAL A 38 -0.06 -5.11 5.75
CA VAL A 38 0.06 -5.86 4.53
C VAL A 38 0.75 -7.21 4.75
N ILE A 39 1.86 -7.15 5.46
CA ILE A 39 2.69 -8.30 5.75
C ILE A 39 1.87 -9.30 6.52
N SER A 40 0.94 -8.76 7.29
CA SER A 40 0.15 -9.56 8.14
C SER A 40 -1.08 -10.10 7.41
N THR A 41 -1.56 -9.33 6.45
CA THR A 41 -2.78 -9.67 5.71
C THR A 41 -2.49 -10.67 4.59
N SER A 42 -1.37 -10.47 3.89
CA SER A 42 -1.04 -11.29 2.72
C SER A 42 -0.73 -12.73 3.11
N THR A 43 -0.20 -12.91 4.31
CA THR A 43 0.30 -14.20 4.74
C THR A 43 -0.83 -15.13 5.22
N SER A 44 -1.94 -15.10 4.51
CA SER A 44 -3.09 -15.92 4.82
C SER A 44 -4.08 -15.94 3.66
N ASP A 45 -3.96 -16.95 2.81
CA ASP A 45 -4.87 -17.13 1.69
C ASP A 45 -5.17 -18.61 1.49
N PRO A 46 -6.41 -18.97 1.14
CA PRO A 46 -6.79 -20.37 0.94
C PRO A 46 -5.95 -21.04 -0.14
N ASP A 47 -6.31 -20.80 -1.40
CA ASP A 47 -5.60 -21.35 -2.55
C ASP A 47 -6.32 -20.94 -3.83
N TYR A 48 -7.62 -21.21 -3.86
CA TYR A 48 -8.46 -20.83 -4.98
C TYR A 48 -9.23 -19.57 -4.64
N ALA A 49 -9.07 -18.54 -5.49
CA ALA A 49 -9.76 -17.27 -5.33
C ALA A 49 -9.38 -16.59 -4.02
N SER B 1 -16.83 13.32 -2.96
CA SER B 1 -16.81 13.15 -1.50
C SER B 1 -16.10 11.86 -1.11
N MET B 2 -16.72 10.72 -1.42
CA MET B 2 -16.15 9.43 -1.10
C MET B 2 -16.36 8.44 -2.26
N ASP B 3 -15.96 8.85 -3.45
CA ASP B 3 -16.01 7.96 -4.60
C ASP B 3 -14.69 7.22 -4.71
N GLU B 4 -14.74 5.93 -4.41
CA GLU B 4 -13.53 5.12 -4.36
C GLU B 4 -13.89 3.63 -4.38
N THR B 5 -13.79 3.01 -5.55
CA THR B 5 -14.12 1.61 -5.68
C THR B 5 -13.15 0.91 -6.65
N VAL B 6 -12.55 -0.18 -6.20
CA VAL B 6 -11.68 -0.98 -7.05
C VAL B 6 -12.35 -2.32 -7.36
N LYS B 7 -12.91 -2.43 -8.54
CA LYS B 7 -13.69 -3.60 -8.93
C LYS B 7 -12.91 -4.51 -9.89
N LEU B 8 -13.43 -5.73 -10.10
CA LEU B 8 -12.74 -6.78 -10.87
C LEU B 8 -11.24 -6.79 -10.57
N ASN B 9 -10.42 -6.39 -11.54
CA ASN B 9 -9.00 -6.20 -11.30
C ASN B 9 -8.83 -4.95 -10.46
N HIS B 10 -8.64 -5.15 -9.17
CA HIS B 10 -8.51 -4.06 -8.23
C HIS B 10 -7.28 -3.23 -8.59
N THR B 11 -7.48 -1.96 -8.82
CA THR B 11 -6.39 -1.09 -9.18
C THR B 11 -5.42 -0.92 -8.03
N CYS B 12 -4.14 -1.13 -8.29
CA CYS B 12 -3.11 -0.98 -7.29
C CYS B 12 -2.97 0.48 -6.94
N VAL B 13 -3.22 0.79 -5.66
CA VAL B 13 -3.05 2.16 -5.14
C VAL B 13 -1.64 2.66 -5.42
N ILE B 14 -0.75 1.72 -5.72
CA ILE B 14 0.64 2.03 -5.96
C ILE B 14 0.92 2.22 -7.44
N CYS B 15 0.66 1.17 -8.21
CA CYS B 15 1.02 1.15 -9.63
C CYS B 15 0.02 1.92 -10.49
N ASP B 16 -1.21 2.06 -9.97
CA ASP B 16 -2.33 2.61 -10.73
C ASP B 16 -2.74 1.65 -11.85
N GLN B 17 -2.57 0.36 -11.56
CA GLN B 17 -2.84 -0.70 -12.52
C GLN B 17 -3.89 -1.66 -11.97
N GLU B 18 -4.76 -2.13 -12.84
CA GLU B 18 -5.87 -3.00 -12.49
C GLU B 18 -5.40 -4.43 -12.30
N LYS B 19 -5.24 -4.79 -11.05
CA LYS B 19 -4.70 -6.10 -10.67
C LYS B 19 -5.69 -6.85 -9.77
N ASN B 20 -5.97 -8.10 -10.09
CA ASN B 20 -6.88 -8.86 -9.24
C ASN B 20 -6.09 -9.64 -8.19
N ARG B 21 -4.77 -9.50 -8.21
CA ARG B 21 -3.90 -10.25 -7.31
C ARG B 21 -3.07 -9.33 -6.42
N GLY B 22 -3.31 -9.43 -5.12
CA GLY B 22 -2.65 -8.61 -4.13
C GLY B 22 -3.45 -8.66 -2.85
N ILE B 23 -3.33 -7.67 -1.96
CA ILE B 23 -4.09 -7.70 -0.73
C ILE B 23 -5.03 -6.52 -0.63
N HIS B 24 -5.73 -6.46 0.49
CA HIS B 24 -6.78 -5.47 0.71
C HIS B 24 -6.76 -4.97 2.14
N LEU B 25 -6.29 -3.76 2.35
CA LEU B 25 -6.50 -3.06 3.59
C LEU B 25 -7.72 -2.18 3.36
N TYR B 26 -8.59 -2.09 4.35
CA TYR B 26 -9.69 -1.12 4.28
C TYR B 26 -10.57 -1.47 3.09
N THR B 27 -10.72 -0.55 2.17
CA THR B 27 -11.42 -0.82 0.93
C THR B 27 -10.44 -0.84 -0.26
N LYS B 28 -9.14 -0.89 0.03
CA LYS B 28 -8.13 -0.65 -0.99
C LYS B 28 -7.47 -1.92 -1.47
N PHE B 29 -6.50 -1.71 -2.33
CA PHE B 29 -5.74 -2.80 -2.93
C PHE B 29 -4.30 -2.39 -3.19
N ILE B 30 -3.38 -3.10 -2.55
CA ILE B 30 -1.97 -3.04 -2.95
C ILE B 30 -1.69 -4.28 -3.77
N CYS B 31 -1.16 -4.12 -4.98
CA CYS B 31 -0.87 -5.29 -5.78
C CYS B 31 0.21 -6.10 -5.11
N LEU B 32 0.12 -7.39 -5.33
CA LEU B 32 0.90 -8.39 -4.66
C LEU B 32 2.40 -8.11 -4.75
N ASP B 33 2.76 -7.30 -5.73
CA ASP B 33 4.13 -7.00 -6.02
C ASP B 33 4.61 -5.92 -5.07
N CYS B 34 3.78 -4.91 -4.95
CA CYS B 34 3.98 -3.82 -4.02
C CYS B 34 3.84 -4.31 -2.61
N GLU B 35 2.95 -5.27 -2.45
CA GLU B 35 2.72 -5.87 -1.16
C GLU B 35 4.02 -6.45 -0.61
N ARG B 36 4.77 -7.11 -1.46
CA ARG B 36 6.09 -7.58 -1.07
C ARG B 36 7.11 -6.45 -1.05
N LYS B 37 6.92 -5.45 -1.90
CA LYS B 37 7.85 -4.35 -2.03
C LYS B 37 7.99 -3.68 -0.70
N VAL B 38 6.86 -3.52 -0.06
CA VAL B 38 6.77 -2.80 1.18
C VAL B 38 7.64 -3.42 2.26
N ILE B 39 7.51 -4.73 2.39
CA ILE B 39 8.21 -5.51 3.39
C ILE B 39 9.69 -5.36 3.17
N SER B 40 10.03 -5.17 1.91
CA SER B 40 11.39 -5.09 1.52
C SER B 40 11.93 -3.66 1.67
N THR B 41 11.04 -2.70 1.48
CA THR B 41 11.41 -1.28 1.51
C THR B 41 11.49 -0.74 2.94
N SER B 42 10.55 -1.16 3.78
CA SER B 42 10.45 -0.65 5.14
C SER B 42 11.63 -1.08 6.00
N THR B 43 12.16 -2.27 5.70
CA THR B 43 13.17 -2.88 6.53
C THR B 43 14.57 -2.31 6.27
N SER B 44 14.63 -0.99 6.11
CA SER B 44 15.87 -0.29 5.86
C SER B 44 15.69 1.21 6.05
N ASP B 45 15.99 1.69 7.25
CA ASP B 45 15.92 3.12 7.54
C ASP B 45 17.08 3.51 8.45
N PRO B 46 17.66 4.70 8.26
CA PRO B 46 18.79 5.15 9.07
C PRO B 46 18.43 5.23 10.57
N ASP B 47 17.75 6.31 10.94
CA ASP B 47 17.30 6.53 12.32
C ASP B 47 16.64 7.89 12.42
N TYR B 48 17.35 8.91 11.96
CA TYR B 48 16.83 10.26 11.93
C TYR B 48 16.33 10.60 10.53
N ALA B 49 15.06 10.99 10.45
CA ALA B 49 14.43 11.38 9.18
C ALA B 49 14.42 10.22 8.19
N SER A 1 -0.39 17.09 -12.81
CA SER A 1 0.10 16.26 -11.69
C SER A 1 -0.40 14.83 -11.84
N MET A 2 0.10 13.94 -10.99
CA MET A 2 -0.30 12.54 -11.03
C MET A 2 -0.79 12.08 -9.66
N ASP A 3 -1.88 12.71 -9.21
CA ASP A 3 -2.47 12.42 -7.90
C ASP A 3 -1.45 12.68 -6.80
N GLU A 4 -1.30 13.94 -6.43
CA GLU A 4 -0.32 14.33 -5.42
C GLU A 4 -0.72 13.78 -4.06
N THR A 5 0.25 13.22 -3.35
CA THR A 5 -0.03 12.57 -2.08
C THR A 5 0.26 13.49 -0.90
N VAL A 6 0.58 14.75 -1.20
CA VAL A 6 0.78 15.79 -0.19
C VAL A 6 2.11 15.61 0.53
N LYS A 7 2.83 16.72 0.68
CA LYS A 7 4.14 16.70 1.33
C LYS A 7 4.01 16.97 2.83
N LEU A 8 5.16 17.03 3.51
CA LEU A 8 5.21 17.10 4.97
C LEU A 8 4.74 15.78 5.58
N ASN A 9 3.44 15.55 5.54
CA ASN A 9 2.89 14.26 5.90
C ASN A 9 2.23 13.67 4.67
N HIS A 10 2.92 12.73 4.04
CA HIS A 10 2.34 12.04 2.90
C HIS A 10 1.08 11.31 3.32
N THR A 11 0.00 11.57 2.63
CA THR A 11 -1.27 10.97 2.97
C THR A 11 -1.25 9.49 2.62
N CYS A 12 -1.73 8.67 3.55
CA CYS A 12 -1.69 7.24 3.40
C CYS A 12 -2.61 6.78 2.30
N VAL A 13 -2.00 6.08 1.36
CA VAL A 13 -2.66 5.38 0.31
C VAL A 13 -3.79 4.47 0.84
N ILE A 14 -3.69 4.09 2.10
CA ILE A 14 -4.64 3.17 2.69
C ILE A 14 -5.70 3.88 3.51
N CYS A 15 -5.26 4.54 4.58
CA CYS A 15 -6.20 5.08 5.55
C CYS A 15 -6.48 6.56 5.32
N ASP A 16 -5.91 7.11 4.24
CA ASP A 16 -6.21 8.47 3.79
C ASP A 16 -5.86 9.51 4.85
N GLN A 17 -4.91 9.14 5.67
CA GLN A 17 -4.43 9.99 6.74
C GLN A 17 -3.05 10.54 6.40
N GLU A 18 -2.85 11.80 6.72
CA GLU A 18 -1.60 12.50 6.48
C GLU A 18 -0.55 12.07 7.48
N LYS A 19 0.33 11.23 7.01
CA LYS A 19 1.35 10.61 7.85
C LYS A 19 2.74 10.93 7.35
N ASN A 20 3.66 11.19 8.25
CA ASN A 20 5.04 11.46 7.86
C ASN A 20 5.90 10.23 8.09
N ARG A 21 5.30 9.22 8.73
CA ARG A 21 6.01 7.98 8.98
C ARG A 21 5.34 6.81 8.26
N GLY A 22 6.14 6.08 7.51
CA GLY A 22 5.66 5.03 6.64
C GLY A 22 6.63 4.85 5.52
N ILE A 23 6.22 4.22 4.42
CA ILE A 23 7.10 4.07 3.31
C ILE A 23 6.47 4.67 2.08
N HIS A 24 7.19 4.63 1.00
CA HIS A 24 6.76 5.21 -0.25
C HIS A 24 7.46 4.52 -1.41
N LEU A 25 6.68 3.79 -2.20
CA LEU A 25 7.22 2.95 -3.22
C LEU A 25 7.44 3.73 -4.49
N TYR A 26 6.34 4.17 -5.05
CA TYR A 26 6.38 4.94 -6.28
C TYR A 26 6.32 6.42 -5.94
N THR A 27 5.18 7.03 -6.18
CA THR A 27 4.96 8.38 -5.72
C THR A 27 3.97 8.39 -4.55
N LYS A 28 3.60 7.19 -4.09
CA LYS A 28 2.60 7.07 -3.03
C LYS A 28 3.21 6.64 -1.73
N PHE A 29 2.34 6.47 -0.76
CA PHE A 29 2.74 6.29 0.60
C PHE A 29 1.79 5.35 1.34
N ILE A 30 2.29 4.21 1.76
CA ILE A 30 1.57 3.40 2.72
C ILE A 30 2.06 3.81 4.09
N CYS A 31 1.19 4.28 4.95
CA CYS A 31 1.65 4.65 6.27
C CYS A 31 2.10 3.43 7.02
N LEU A 32 2.99 3.66 7.96
CA LEU A 32 3.73 2.64 8.66
C LEU A 32 2.83 1.58 9.29
N ASP A 33 1.60 1.95 9.57
CA ASP A 33 0.68 1.07 10.26
C ASP A 33 0.09 0.11 9.27
N CYS A 34 -0.26 0.68 8.14
CA CYS A 34 -0.82 -0.07 7.03
C CYS A 34 0.27 -0.88 6.36
N GLU A 35 1.46 -0.33 6.37
CA GLU A 35 2.62 -0.97 5.80
C GLU A 35 2.88 -2.30 6.48
N ARG A 36 2.70 -2.35 7.77
CA ARG A 36 2.75 -3.62 8.48
C ARG A 36 1.48 -4.43 8.28
N LYS A 37 0.36 -3.75 8.07
CA LYS A 37 -0.94 -4.41 7.95
C LYS A 37 -0.89 -5.35 6.79
N VAL A 38 -0.22 -4.88 5.74
CA VAL A 38 -0.11 -5.62 4.51
C VAL A 38 0.57 -6.98 4.73
N ILE A 39 1.71 -6.93 5.40
CA ILE A 39 2.52 -8.08 5.68
C ILE A 39 1.71 -9.05 6.49
N SER A 40 0.88 -8.47 7.35
CA SER A 40 0.13 -9.25 8.29
C SER A 40 -1.09 -9.88 7.61
N THR A 41 -1.61 -9.18 6.61
CA THR A 41 -2.78 -9.62 5.88
C THR A 41 -2.40 -10.66 4.82
N SER A 42 -1.28 -10.43 4.16
CA SER A 42 -0.88 -11.24 3.02
C SER A 42 -0.33 -12.60 3.45
N THR A 43 0.36 -12.65 4.58
CA THR A 43 1.00 -13.88 5.03
C THR A 43 0.01 -14.84 5.67
N SER A 44 -1.16 -14.96 5.06
CA SER A 44 -2.20 -15.85 5.54
C SER A 44 -3.11 -16.25 4.38
N ASP A 45 -2.54 -16.31 3.18
CA ASP A 45 -3.32 -16.60 1.98
C ASP A 45 -2.65 -17.69 1.14
N PRO A 46 -2.99 -18.96 1.42
CA PRO A 46 -2.55 -20.08 0.60
C PRO A 46 -3.49 -20.31 -0.58
N ASP A 47 -3.00 -21.09 -1.54
CA ASP A 47 -3.69 -21.43 -2.78
C ASP A 47 -4.78 -20.43 -3.21
N TYR A 48 -6.04 -20.71 -2.92
CA TYR A 48 -7.14 -19.87 -3.34
C TYR A 48 -8.12 -19.63 -2.21
N ALA A 49 -8.71 -18.44 -2.20
CA ALA A 49 -9.78 -18.11 -1.26
C ALA A 49 -10.82 -17.26 -1.96
N SER B 1 -19.41 8.06 -3.82
CA SER B 1 -18.41 6.99 -3.69
C SER B 1 -17.19 7.51 -2.92
N MET B 2 -16.27 6.61 -2.59
CA MET B 2 -15.06 6.98 -1.87
C MET B 2 -13.84 6.49 -2.61
N ASP B 3 -13.64 7.01 -3.82
CA ASP B 3 -12.54 6.62 -4.69
C ASP B 3 -12.57 5.13 -4.97
N GLU B 4 -13.42 4.74 -5.91
CA GLU B 4 -13.59 3.34 -6.25
C GLU B 4 -12.32 2.78 -6.88
N THR B 5 -11.92 1.60 -6.45
CA THR B 5 -10.67 1.01 -6.89
C THR B 5 -10.88 0.00 -8.02
N VAL B 6 -12.13 -0.08 -8.49
CA VAL B 6 -12.50 -0.90 -9.64
C VAL B 6 -12.53 -2.40 -9.28
N LYS B 7 -13.58 -3.07 -9.70
CA LYS B 7 -13.76 -4.48 -9.41
C LYS B 7 -13.16 -5.35 -10.50
N LEU B 8 -13.31 -6.68 -10.36
CA LEU B 8 -12.65 -7.66 -11.22
C LEU B 8 -11.14 -7.64 -10.95
N ASN B 9 -10.47 -6.63 -11.45
CA ASN B 9 -9.08 -6.39 -11.09
C ASN B 9 -8.99 -5.08 -10.34
N HIS B 10 -8.87 -5.16 -9.03
CA HIS B 10 -8.68 -3.98 -8.22
C HIS B 10 -7.41 -3.27 -8.63
N THR B 11 -7.53 -2.00 -8.95
CA THR B 11 -6.40 -1.24 -9.40
C THR B 11 -5.44 -0.98 -8.24
N CYS B 12 -4.16 -1.20 -8.50
CA CYS B 12 -3.16 -1.08 -7.46
C CYS B 12 -2.99 0.34 -7.00
N VAL B 13 -3.18 0.49 -5.71
CA VAL B 13 -2.91 1.70 -4.98
C VAL B 13 -1.50 2.24 -5.27
N ILE B 14 -0.61 1.36 -5.71
CA ILE B 14 0.77 1.74 -5.92
C ILE B 14 1.07 2.00 -7.40
N CYS B 15 0.93 0.96 -8.22
CA CYS B 15 1.38 1.04 -9.59
C CYS B 15 0.24 1.37 -10.55
N ASP B 16 -0.95 1.60 -10.00
CA ASP B 16 -2.11 2.09 -10.76
C ASP B 16 -2.50 1.11 -11.86
N GLN B 17 -2.18 -0.14 -11.61
CA GLN B 17 -2.49 -1.21 -12.54
C GLN B 17 -3.63 -2.06 -12.00
N GLU B 18 -4.51 -2.46 -12.89
CA GLU B 18 -5.66 -3.28 -12.57
C GLU B 18 -5.24 -4.71 -12.34
N LYS B 19 -5.19 -5.07 -11.08
CA LYS B 19 -4.69 -6.37 -10.66
C LYS B 19 -5.74 -7.12 -9.87
N ASN B 20 -5.85 -8.42 -10.10
CA ASN B 20 -6.80 -9.22 -9.35
C ASN B 20 -6.08 -10.00 -8.25
N ARG B 21 -4.76 -9.93 -8.25
CA ARG B 21 -3.95 -10.60 -7.25
C ARG B 21 -3.16 -9.58 -6.43
N GLY B 22 -3.30 -9.70 -5.12
CA GLY B 22 -2.75 -8.74 -4.19
C GLY B 22 -3.57 -8.75 -2.94
N ILE B 23 -3.47 -7.72 -2.11
CA ILE B 23 -4.27 -7.68 -0.93
C ILE B 23 -5.10 -6.41 -0.92
N HIS B 24 -5.90 -6.28 0.10
CA HIS B 24 -6.81 -5.15 0.21
C HIS B 24 -7.13 -4.92 1.67
N LEU B 25 -6.66 -3.80 2.20
CA LEU B 25 -6.75 -3.53 3.61
C LEU B 25 -8.09 -2.91 3.94
N TYR B 26 -8.28 -1.71 3.43
CA TYR B 26 -9.50 -0.98 3.66
C TYR B 26 -10.43 -1.19 2.49
N THR B 27 -10.57 -0.18 1.65
CA THR B 27 -11.29 -0.34 0.40
C THR B 27 -10.30 -0.34 -0.77
N LYS B 28 -9.01 -0.32 -0.45
CA LYS B 28 -7.99 -0.24 -1.49
C LYS B 28 -7.24 -1.53 -1.65
N PHE B 29 -6.27 -1.48 -2.55
CA PHE B 29 -5.60 -2.65 -3.01
C PHE B 29 -4.14 -2.37 -3.30
N ILE B 30 -3.25 -3.00 -2.55
CA ILE B 30 -1.86 -3.04 -2.96
C ILE B 30 -1.67 -4.32 -3.75
N CYS B 31 -1.24 -4.21 -4.99
CA CYS B 31 -1.05 -5.43 -5.77
C CYS B 31 0.10 -6.21 -5.18
N LEU B 32 0.04 -7.50 -5.42
CA LEU B 32 0.88 -8.48 -4.78
C LEU B 32 2.36 -8.18 -4.92
N ASP B 33 2.71 -7.42 -5.94
CA ASP B 33 4.10 -7.16 -6.25
C ASP B 33 4.56 -6.03 -5.35
N CYS B 34 3.70 -5.04 -5.25
CA CYS B 34 3.93 -3.88 -4.42
C CYS B 34 3.79 -4.27 -2.97
N GLU B 35 2.89 -5.20 -2.71
CA GLU B 35 2.63 -5.70 -1.38
C GLU B 35 3.90 -6.31 -0.79
N ARG B 36 4.66 -7.00 -1.60
CA ARG B 36 5.97 -7.45 -1.17
C ARG B 36 6.99 -6.33 -1.16
N LYS B 37 6.80 -5.35 -2.04
CA LYS B 37 7.75 -4.27 -2.21
C LYS B 37 7.87 -3.54 -0.90
N VAL B 38 6.73 -3.38 -0.27
CA VAL B 38 6.64 -2.66 0.97
C VAL B 38 7.50 -3.28 2.05
N ILE B 39 7.35 -4.58 2.21
CA ILE B 39 8.06 -5.35 3.21
C ILE B 39 9.53 -5.23 2.94
N SER B 40 9.85 -5.15 1.67
CA SER B 40 11.22 -5.17 1.25
C SER B 40 11.84 -3.78 1.42
N THR B 41 11.01 -2.76 1.28
CA THR B 41 11.44 -1.39 1.40
C THR B 41 11.54 -0.96 2.87
N SER B 42 10.59 -1.39 3.67
CA SER B 42 10.48 -0.96 5.05
C SER B 42 11.52 -1.61 5.95
N THR B 43 11.86 -2.87 5.68
CA THR B 43 12.77 -3.61 6.54
C THR B 43 14.23 -3.24 6.27
N SER B 44 14.47 -1.95 6.10
CA SER B 44 15.81 -1.43 5.89
C SER B 44 15.88 0.02 6.35
N ASP B 45 15.10 0.35 7.37
CA ASP B 45 15.03 1.73 7.86
C ASP B 45 15.17 1.80 9.37
N PRO B 46 16.41 1.89 9.86
CA PRO B 46 16.68 2.11 11.27
C PRO B 46 16.63 3.60 11.63
N ASP B 47 16.55 3.87 12.93
CA ASP B 47 16.46 5.22 13.51
C ASP B 47 15.90 6.28 12.55
N TYR B 48 16.77 7.07 11.93
CA TYR B 48 16.34 8.16 11.08
C TYR B 48 17.12 8.18 9.78
N ALA B 49 16.45 8.60 8.71
CA ALA B 49 17.11 8.80 7.42
C ALA B 49 16.52 10.03 6.75
N SER A 1 -12.94 9.08 -8.34
CA SER A 1 -12.80 10.54 -8.18
C SER A 1 -12.97 10.92 -6.71
N MET A 2 -12.94 12.23 -6.43
CA MET A 2 -13.11 12.79 -5.08
C MET A 2 -11.89 12.55 -4.20
N ASP A 3 -11.42 11.30 -4.16
CA ASP A 3 -10.27 10.93 -3.35
C ASP A 3 -9.02 11.67 -3.81
N GLU A 4 -8.51 12.52 -2.93
CA GLU A 4 -7.29 13.27 -3.22
C GLU A 4 -6.39 13.26 -1.99
N THR A 5 -5.14 12.90 -2.20
CA THR A 5 -4.21 12.72 -1.10
C THR A 5 -2.95 13.57 -1.25
N VAL A 6 -2.00 13.37 -0.32
CA VAL A 6 -0.68 14.00 -0.35
C VAL A 6 -0.71 15.42 0.23
N LYS A 7 -0.36 15.52 1.50
CA LYS A 7 -0.16 16.79 2.18
C LYS A 7 1.29 16.86 2.70
N LEU A 8 1.55 17.74 3.66
CA LEU A 8 2.87 17.84 4.30
C LEU A 8 3.27 16.47 4.86
N ASN A 9 2.50 16.01 5.83
CA ASN A 9 2.54 14.62 6.26
C ASN A 9 2.02 13.77 5.12
N HIS A 10 2.87 12.90 4.58
CA HIS A 10 2.46 12.08 3.45
C HIS A 10 1.17 11.37 3.77
N THR A 11 0.18 11.58 2.95
CA THR A 11 -1.12 11.00 3.21
C THR A 11 -1.13 9.55 2.77
N CYS A 12 -1.64 8.70 3.64
CA CYS A 12 -1.62 7.28 3.38
C CYS A 12 -2.53 6.89 2.24
N VAL A 13 -1.92 6.21 1.29
CA VAL A 13 -2.60 5.55 0.21
C VAL A 13 -3.69 4.61 0.72
N ILE A 14 -3.65 4.29 2.01
CA ILE A 14 -4.57 3.34 2.58
C ILE A 14 -5.65 3.98 3.46
N CYS A 15 -5.23 4.59 4.56
CA CYS A 15 -6.16 5.06 5.56
C CYS A 15 -6.47 6.55 5.40
N ASP A 16 -5.94 7.14 4.32
CA ASP A 16 -6.21 8.54 3.96
C ASP A 16 -5.81 9.49 5.08
N GLN A 17 -4.85 9.07 5.84
CA GLN A 17 -4.36 9.82 6.97
C GLN A 17 -3.01 10.45 6.63
N GLU A 18 -2.83 11.66 7.10
CA GLU A 18 -1.61 12.42 6.90
C GLU A 18 -0.56 11.94 7.87
N LYS A 19 0.36 11.17 7.35
CA LYS A 19 1.37 10.52 8.15
C LYS A 19 2.75 10.94 7.68
N ASN A 20 3.55 11.47 8.58
CA ASN A 20 4.88 11.89 8.22
C ASN A 20 5.84 10.69 8.33
N ARG A 21 5.28 9.53 8.69
CA ARG A 21 6.06 8.30 8.83
C ARG A 21 5.42 7.14 8.06
N GLY A 22 6.26 6.36 7.39
CA GLY A 22 5.80 5.22 6.60
C GLY A 22 6.78 4.96 5.47
N ILE A 23 6.38 4.25 4.42
CA ILE A 23 7.28 4.01 3.32
C ILE A 23 6.72 4.63 2.07
N HIS A 24 7.43 4.46 0.99
CA HIS A 24 7.08 5.11 -0.25
C HIS A 24 7.39 4.21 -1.44
N LEU A 25 6.35 3.66 -2.02
CA LEU A 25 6.47 2.93 -3.25
C LEU A 25 6.16 3.90 -4.38
N TYR A 26 7.06 3.99 -5.35
CA TYR A 26 6.82 4.81 -6.53
C TYR A 26 6.68 6.27 -6.08
N THR A 27 5.52 6.83 -6.32
CA THR A 27 5.21 8.17 -5.85
C THR A 27 4.18 8.13 -4.72
N LYS A 28 3.90 6.94 -4.18
CA LYS A 28 2.84 6.81 -3.19
C LYS A 28 3.41 6.66 -1.81
N PHE A 29 2.50 6.47 -0.89
CA PHE A 29 2.81 6.38 0.50
C PHE A 29 1.87 5.41 1.19
N ILE A 30 2.39 4.28 1.60
CA ILE A 30 1.66 3.47 2.54
C ILE A 30 2.16 3.87 3.91
N CYS A 31 1.29 4.35 4.77
CA CYS A 31 1.75 4.72 6.10
C CYS A 31 2.25 3.49 6.83
N LEU A 32 3.16 3.75 7.74
CA LEU A 32 3.92 2.73 8.43
C LEU A 32 3.04 1.66 9.08
N ASP A 33 1.81 2.02 9.34
CA ASP A 33 0.90 1.14 10.06
C ASP A 33 0.32 0.15 9.07
N CYS A 34 -0.14 0.70 7.96
CA CYS A 34 -0.69 -0.05 6.86
C CYS A 34 0.41 -0.85 6.21
N GLU A 35 1.58 -0.26 6.21
CA GLU A 35 2.76 -0.88 5.64
C GLU A 35 3.04 -2.19 6.35
N ARG A 36 2.86 -2.20 7.64
CA ARG A 36 2.94 -3.45 8.39
C ARG A 36 1.67 -4.30 8.23
N LYS A 37 0.55 -3.65 8.04
CA LYS A 37 -0.75 -4.31 7.99
C LYS A 37 -0.76 -5.28 6.84
N VAL A 38 -0.18 -4.79 5.77
CA VAL A 38 -0.11 -5.52 4.53
C VAL A 38 0.62 -6.84 4.70
N ILE A 39 1.74 -6.79 5.40
CA ILE A 39 2.57 -7.94 5.65
C ILE A 39 1.77 -8.96 6.41
N SER A 40 0.88 -8.44 7.22
CA SER A 40 0.05 -9.26 8.04
C SER A 40 -1.04 -9.93 7.19
N THR A 41 -1.54 -9.18 6.22
CA THR A 41 -2.57 -9.67 5.31
C THR A 41 -1.95 -10.51 4.19
N SER A 42 -0.67 -10.27 3.95
CA SER A 42 0.10 -10.90 2.89
C SER A 42 0.38 -12.38 3.17
N THR A 43 0.06 -12.81 4.38
CA THR A 43 0.32 -14.18 4.81
C THR A 43 -0.61 -15.19 4.13
N SER A 44 -0.78 -15.00 2.83
CA SER A 44 -1.60 -15.86 1.99
C SER A 44 -1.11 -15.69 0.55
N ASP A 45 0.22 -15.71 0.40
CA ASP A 45 0.87 -15.35 -0.86
C ASP A 45 0.75 -16.42 -1.98
N PRO A 46 0.47 -17.72 -1.70
CA PRO A 46 0.22 -18.69 -2.78
C PRO A 46 -0.75 -18.19 -3.84
N ASP A 47 -0.71 -18.82 -5.00
CA ASP A 47 -1.47 -18.35 -6.15
C ASP A 47 -2.91 -18.83 -6.10
N TYR A 48 -3.09 -20.14 -6.29
CA TYR A 48 -4.39 -20.82 -6.34
C TYR A 48 -5.52 -19.92 -6.85
N ALA A 49 -5.34 -19.38 -8.04
CA ALA A 49 -6.33 -18.51 -8.66
C ALA A 49 -6.26 -18.61 -10.18
N SER B 1 -6.04 15.03 -7.61
CA SER B 1 -7.12 14.77 -8.57
C SER B 1 -6.61 13.94 -9.74
N MET B 2 -7.48 13.70 -10.73
CA MET B 2 -7.15 12.95 -11.95
C MET B 2 -7.02 11.46 -11.67
N ASP B 3 -6.24 11.11 -10.66
CA ASP B 3 -6.00 9.71 -10.30
C ASP B 3 -7.29 9.02 -9.88
N GLU B 4 -7.71 8.05 -10.68
CA GLU B 4 -8.90 7.28 -10.38
C GLU B 4 -8.63 5.81 -10.62
N THR B 5 -8.95 4.98 -9.63
CA THR B 5 -8.62 3.58 -9.68
C THR B 5 -9.85 2.68 -9.50
N VAL B 6 -9.61 1.38 -9.43
CA VAL B 6 -10.63 0.36 -9.15
C VAL B 6 -11.42 -0.02 -10.41
N LYS B 7 -10.98 -1.12 -11.01
CA LYS B 7 -11.70 -1.75 -12.12
C LYS B 7 -12.06 -3.19 -11.74
N LEU B 8 -12.36 -4.03 -12.74
CA LEU B 8 -12.63 -5.45 -12.48
C LEU B 8 -11.46 -6.08 -11.73
N ASN B 9 -10.31 -6.10 -12.38
CA ASN B 9 -9.05 -6.37 -11.71
C ASN B 9 -8.76 -5.21 -10.78
N HIS B 10 -8.71 -5.49 -9.48
CA HIS B 10 -8.49 -4.43 -8.51
C HIS B 10 -7.27 -3.63 -8.89
N THR B 11 -7.45 -2.35 -9.06
CA THR B 11 -6.36 -1.51 -9.49
C THR B 11 -5.47 -1.19 -8.31
N CYS B 12 -4.18 -1.33 -8.52
CA CYS B 12 -3.23 -1.14 -7.45
C CYS B 12 -3.14 0.30 -7.01
N VAL B 13 -3.35 0.48 -5.71
CA VAL B 13 -3.12 1.71 -5.01
C VAL B 13 -1.70 2.24 -5.24
N ILE B 14 -0.83 1.39 -5.78
CA ILE B 14 0.55 1.76 -5.96
C ILE B 14 0.94 1.99 -7.41
N CYS B 15 0.87 0.95 -8.22
CA CYS B 15 1.38 1.00 -9.57
C CYS B 15 0.29 1.31 -10.59
N ASP B 16 -0.92 1.57 -10.09
CA ASP B 16 -2.08 1.97 -10.91
C ASP B 16 -2.40 0.92 -11.97
N GLN B 17 -2.07 -0.29 -11.65
CA GLN B 17 -2.27 -1.41 -12.53
C GLN B 17 -3.45 -2.25 -12.07
N GLU B 18 -4.22 -2.72 -13.02
CA GLU B 18 -5.38 -3.55 -12.77
C GLU B 18 -4.95 -4.96 -12.49
N LYS B 19 -4.98 -5.29 -11.23
CA LYS B 19 -4.49 -6.57 -10.75
C LYS B 19 -5.59 -7.34 -10.06
N ASN B 20 -5.86 -8.53 -10.51
CA ASN B 20 -6.89 -9.35 -9.90
C ASN B 20 -6.29 -10.12 -8.72
N ARG B 21 -5.00 -9.89 -8.45
CA ARG B 21 -4.29 -10.54 -7.35
C ARG B 21 -3.54 -9.51 -6.49
N GLY B 22 -3.62 -9.70 -5.17
CA GLY B 22 -2.96 -8.82 -4.22
C GLY B 22 -3.73 -8.83 -2.90
N ILE B 23 -3.56 -7.83 -2.05
CA ILE B 23 -4.28 -7.82 -0.80
C ILE B 23 -5.17 -6.59 -0.77
N HIS B 24 -5.87 -6.44 0.33
CA HIS B 24 -6.86 -5.39 0.45
C HIS B 24 -6.90 -4.84 1.86
N LEU B 25 -6.36 -3.65 2.02
CA LEU B 25 -6.46 -2.93 3.26
C LEU B 25 -7.64 -2.01 3.13
N TYR B 26 -8.57 -2.07 4.08
CA TYR B 26 -9.70 -1.15 4.10
C TYR B 26 -10.53 -1.37 2.85
N THR B 27 -10.62 -0.34 2.03
CA THR B 27 -11.30 -0.45 0.75
C THR B 27 -10.28 -0.38 -0.41
N LYS B 28 -8.98 -0.48 -0.08
CA LYS B 28 -7.95 -0.30 -1.11
C LYS B 28 -7.37 -1.63 -1.52
N PHE B 29 -6.39 -1.51 -2.38
CA PHE B 29 -5.74 -2.64 -2.97
C PHE B 29 -4.29 -2.34 -3.23
N ILE B 30 -3.42 -2.96 -2.46
CA ILE B 30 -2.03 -2.99 -2.85
C ILE B 30 -1.85 -4.27 -3.64
N CYS B 31 -1.43 -4.17 -4.89
CA CYS B 31 -1.24 -5.39 -5.66
C CYS B 31 -0.12 -6.20 -5.04
N LEU B 32 -0.21 -7.49 -5.26
CA LEU B 32 0.62 -8.50 -4.62
C LEU B 32 2.10 -8.21 -4.75
N ASP B 33 2.45 -7.44 -5.75
CA ASP B 33 3.85 -7.18 -6.06
C ASP B 33 4.34 -6.07 -5.16
N CYS B 34 3.54 -5.03 -5.10
CA CYS B 34 3.78 -3.88 -4.26
C CYS B 34 3.62 -4.27 -2.82
N GLU B 35 2.71 -5.19 -2.60
CA GLU B 35 2.43 -5.71 -1.29
C GLU B 35 3.68 -6.35 -0.70
N ARG B 36 4.41 -7.03 -1.53
CA ARG B 36 5.71 -7.54 -1.13
C ARG B 36 6.79 -6.45 -1.12
N LYS B 37 6.63 -5.47 -2.00
CA LYS B 37 7.63 -4.44 -2.21
C LYS B 37 7.79 -3.66 -0.93
N VAL B 38 6.65 -3.43 -0.33
CA VAL B 38 6.56 -2.68 0.89
C VAL B 38 7.37 -3.29 2.01
N ILE B 39 7.24 -4.60 2.13
CA ILE B 39 7.91 -5.38 3.16
C ILE B 39 9.39 -5.22 2.98
N SER B 40 9.75 -5.08 1.73
CA SER B 40 11.13 -4.94 1.35
C SER B 40 11.64 -3.55 1.71
N THR B 41 10.78 -2.56 1.54
CA THR B 41 11.09 -1.17 1.86
C THR B 41 10.93 -0.90 3.36
N SER B 42 10.12 -1.74 3.99
CA SER B 42 9.76 -1.63 5.39
C SER B 42 10.92 -1.97 6.31
N THR B 43 11.99 -2.51 5.74
CA THR B 43 13.16 -2.93 6.51
C THR B 43 13.96 -1.75 7.07
N SER B 44 13.22 -0.79 7.62
CA SER B 44 13.78 0.40 8.23
C SER B 44 12.72 0.95 9.20
N ASP B 45 12.13 0.03 9.97
CA ASP B 45 10.97 0.33 10.80
C ASP B 45 11.25 1.17 12.06
N PRO B 46 12.51 1.24 12.60
CA PRO B 46 12.81 2.15 13.72
C PRO B 46 12.27 3.56 13.51
N ASP B 47 12.17 4.29 14.59
CA ASP B 47 11.52 5.60 14.58
C ASP B 47 12.48 6.69 14.13
N TYR B 48 13.46 6.98 14.99
CA TYR B 48 14.47 8.03 14.79
C TYR B 48 13.97 9.20 13.93
N ALA B 49 12.87 9.81 14.37
CA ALA B 49 12.30 10.95 13.67
C ALA B 49 11.57 11.86 14.64
N SER A 1 -7.73 10.05 -12.27
CA SER A 1 -7.78 11.37 -12.95
C SER A 1 -7.04 12.43 -12.15
N MET A 2 -7.34 12.52 -10.86
CA MET A 2 -6.72 13.51 -10.00
C MET A 2 -5.36 13.04 -9.51
N ASP A 3 -4.32 13.32 -10.28
CA ASP A 3 -2.97 12.94 -9.91
C ASP A 3 -2.35 13.99 -9.02
N GLU A 4 -2.24 13.68 -7.74
CA GLU A 4 -1.66 14.60 -6.77
C GLU A 4 -1.02 13.82 -5.63
N THR A 5 0.09 14.35 -5.13
CA THR A 5 0.82 13.71 -4.05
C THR A 5 1.24 14.74 -3.00
N VAL A 6 1.12 14.36 -1.73
CA VAL A 6 1.48 15.26 -0.63
C VAL A 6 2.94 15.08 -0.26
N LYS A 7 3.66 16.19 -0.16
CA LYS A 7 5.10 16.17 0.06
C LYS A 7 5.44 16.18 1.54
N LEU A 8 4.63 16.85 2.37
CA LEU A 8 4.89 16.92 3.79
C LEU A 8 4.46 15.62 4.49
N ASN A 9 3.29 15.63 5.12
CA ASN A 9 2.73 14.40 5.64
C ASN A 9 2.08 13.67 4.48
N HIS A 10 2.81 12.75 3.89
CA HIS A 10 2.32 12.03 2.75
C HIS A 10 1.00 11.37 3.09
N THR A 11 -0.05 11.68 2.34
CA THR A 11 -1.33 11.07 2.60
C THR A 11 -1.28 9.61 2.23
N CYS A 12 -1.67 8.77 3.18
CA CYS A 12 -1.64 7.35 3.00
C CYS A 12 -2.66 6.90 1.95
N VAL A 13 -2.23 6.00 1.06
CA VAL A 13 -3.12 5.39 0.08
C VAL A 13 -4.14 4.49 0.76
N ILE A 14 -3.79 4.04 1.95
CA ILE A 14 -4.58 3.08 2.69
C ILE A 14 -5.56 3.77 3.58
N CYS A 15 -5.02 4.55 4.49
CA CYS A 15 -5.79 5.15 5.54
C CYS A 15 -6.16 6.60 5.19
N ASP A 16 -5.80 6.98 3.96
CA ASP A 16 -6.17 8.28 3.35
C ASP A 16 -5.92 9.44 4.29
N GLN A 17 -4.81 9.41 4.99
CA GLN A 17 -4.54 10.39 6.00
C GLN A 17 -3.12 10.91 5.87
N GLU A 18 -2.93 12.13 6.30
CA GLU A 18 -1.66 12.82 6.15
C GLU A 18 -0.65 12.37 7.18
N LYS A 19 0.19 11.45 6.76
CA LYS A 19 1.21 10.87 7.62
C LYS A 19 2.60 11.09 7.04
N ASN A 20 3.53 11.58 7.84
CA ASN A 20 4.90 11.73 7.38
C ASN A 20 5.75 10.55 7.86
N ARG A 21 5.11 9.59 8.53
CA ARG A 21 5.78 8.38 8.97
C ARG A 21 5.16 7.14 8.32
N GLY A 22 5.97 6.42 7.57
CA GLY A 22 5.51 5.25 6.84
C GLY A 22 6.54 4.89 5.79
N ILE A 23 6.13 4.30 4.68
CA ILE A 23 7.06 4.04 3.60
C ILE A 23 6.52 4.64 2.31
N HIS A 24 7.28 4.45 1.26
CA HIS A 24 6.96 5.03 -0.03
C HIS A 24 7.62 4.22 -1.13
N LEU A 25 6.81 3.57 -1.95
CA LEU A 25 7.30 2.71 -2.98
C LEU A 25 7.59 3.49 -4.24
N TYR A 26 6.54 3.91 -4.90
CA TYR A 26 6.68 4.65 -6.14
C TYR A 26 6.65 6.14 -5.81
N THR A 27 5.53 6.78 -6.06
CA THR A 27 5.33 8.13 -5.59
C THR A 27 4.31 8.14 -4.45
N LYS A 28 3.86 6.95 -4.03
CA LYS A 28 2.80 6.86 -3.04
C LYS A 28 3.34 6.58 -1.67
N PHE A 29 2.42 6.47 -0.75
CA PHE A 29 2.74 6.31 0.63
C PHE A 29 1.74 5.43 1.37
N ILE A 30 2.20 4.28 1.80
CA ILE A 30 1.49 3.49 2.79
C ILE A 30 2.02 3.90 4.13
N CYS A 31 1.18 4.35 5.05
CA CYS A 31 1.71 4.74 6.33
C CYS A 31 2.11 3.51 7.14
N LEU A 32 2.73 3.76 8.24
CA LEU A 32 3.52 2.77 8.92
C LEU A 32 2.69 1.61 9.46
N ASP A 33 1.41 1.84 9.58
CA ASP A 33 0.51 0.89 10.23
C ASP A 33 0.08 -0.16 9.22
N CYS A 34 -0.39 0.32 8.10
CA CYS A 34 -0.86 -0.47 7.00
C CYS A 34 0.30 -1.20 6.38
N GLU A 35 1.44 -0.55 6.45
CA GLU A 35 2.66 -1.10 5.91
C GLU A 35 2.98 -2.44 6.55
N ARG A 36 2.82 -2.51 7.85
CA ARG A 36 2.91 -3.80 8.54
C ARG A 36 1.66 -4.66 8.31
N LYS A 37 0.53 -4.00 8.08
CA LYS A 37 -0.76 -4.68 7.96
C LYS A 37 -0.71 -5.60 6.77
N VAL A 38 -0.08 -5.09 5.73
CA VAL A 38 0.04 -5.81 4.49
C VAL A 38 0.76 -7.14 4.67
N ILE A 39 1.87 -7.08 5.39
CA ILE A 39 2.69 -8.24 5.67
C ILE A 39 1.85 -9.20 6.43
N SER A 40 1.04 -8.63 7.29
CA SER A 40 0.22 -9.39 8.17
C SER A 40 -0.97 -10.00 7.42
N THR A 41 -1.24 -9.45 6.24
CA THR A 41 -2.30 -9.93 5.39
C THR A 41 -1.84 -11.13 4.55
N SER A 42 -0.67 -11.00 3.95
CA SER A 42 -0.19 -11.97 2.97
C SER A 42 0.52 -13.15 3.60
N THR A 43 1.41 -12.89 4.55
CA THR A 43 2.30 -13.92 5.07
C THR A 43 1.56 -14.96 5.92
N SER A 44 0.31 -14.66 6.26
CA SER A 44 -0.50 -15.58 7.03
C SER A 44 -1.52 -16.28 6.15
N ASP A 45 -1.42 -16.06 4.84
CA ASP A 45 -2.34 -16.68 3.89
C ASP A 45 -1.64 -16.88 2.55
N PRO A 46 -1.08 -18.07 2.33
CA PRO A 46 -0.31 -18.39 1.13
C PRO A 46 -1.19 -18.81 -0.05
N ASP A 47 -2.41 -18.33 -0.08
CA ASP A 47 -3.33 -18.65 -1.17
C ASP A 47 -3.00 -17.81 -2.41
N TYR A 48 -3.72 -18.05 -3.49
CA TYR A 48 -3.47 -17.41 -4.77
C TYR A 48 -2.00 -17.51 -5.16
N ALA A 49 -1.54 -18.75 -5.35
CA ALA A 49 -0.17 -19.01 -5.75
C ALA A 49 -0.15 -19.64 -7.13
N SER B 1 -10.82 13.53 -3.33
CA SER B 1 -12.15 13.98 -3.80
C SER B 1 -12.86 12.87 -4.57
N MET B 2 -12.15 12.26 -5.52
CA MET B 2 -12.73 11.20 -6.33
C MET B 2 -12.65 9.85 -5.63
N ASP B 3 -13.67 9.56 -4.83
CA ASP B 3 -13.74 8.30 -4.11
C ASP B 3 -14.34 7.22 -5.00
N GLU B 4 -13.50 6.32 -5.47
CA GLU B 4 -13.94 5.24 -6.33
C GLU B 4 -13.03 4.03 -6.15
N THR B 5 -13.61 2.84 -6.23
CA THR B 5 -12.87 1.61 -6.06
C THR B 5 -13.29 0.58 -7.11
N VAL B 6 -12.32 -0.14 -7.66
CA VAL B 6 -12.59 -1.13 -8.69
C VAL B 6 -12.86 -2.49 -8.04
N LYS B 7 -13.94 -3.13 -8.46
CA LYS B 7 -14.39 -4.38 -7.84
C LYS B 7 -13.77 -5.60 -8.52
N LEU B 8 -13.55 -5.53 -9.82
CA LEU B 8 -12.99 -6.64 -10.57
C LEU B 8 -11.48 -6.73 -10.36
N ASN B 9 -10.69 -6.24 -11.31
CA ASN B 9 -9.27 -6.11 -11.10
C ASN B 9 -9.03 -4.86 -10.31
N HIS B 10 -8.91 -5.00 -9.01
CA HIS B 10 -8.74 -3.87 -8.13
C HIS B 10 -7.54 -3.05 -8.58
N THR B 11 -7.74 -1.80 -8.88
CA THR B 11 -6.64 -0.95 -9.28
C THR B 11 -5.72 -0.72 -8.10
N CYS B 12 -4.44 -1.00 -8.31
CA CYS B 12 -3.46 -0.88 -7.28
C CYS B 12 -3.24 0.59 -6.91
N VAL B 13 -3.17 0.86 -5.60
CA VAL B 13 -2.85 2.19 -5.09
C VAL B 13 -1.41 2.55 -5.44
N ILE B 14 -0.60 1.52 -5.64
CA ILE B 14 0.83 1.69 -5.84
C ILE B 14 1.13 1.84 -7.31
N CYS B 15 0.78 0.82 -8.05
CA CYS B 15 1.17 0.73 -9.44
C CYS B 15 0.03 1.19 -10.35
N ASP B 16 -1.03 1.70 -9.71
CA ASP B 16 -2.18 2.33 -10.37
C ASP B 16 -2.71 1.51 -11.54
N GLN B 17 -2.78 0.21 -11.35
CA GLN B 17 -3.13 -0.68 -12.43
C GLN B 17 -4.15 -1.68 -11.96
N GLU B 18 -4.95 -2.15 -12.90
CA GLU B 18 -6.07 -3.03 -12.61
C GLU B 18 -5.59 -4.46 -12.40
N LYS B 19 -5.43 -4.80 -11.15
CA LYS B 19 -4.95 -6.13 -10.74
C LYS B 19 -5.97 -6.82 -9.85
N ASN B 20 -6.31 -8.06 -10.16
CA ASN B 20 -7.20 -8.82 -9.29
C ASN B 20 -6.39 -9.75 -8.37
N ARG B 21 -5.07 -9.65 -8.47
CA ARG B 21 -4.18 -10.43 -7.60
C ARG B 21 -3.32 -9.50 -6.76
N GLY B 22 -3.47 -9.61 -5.46
CA GLY B 22 -2.76 -8.76 -4.52
C GLY B 22 -3.41 -8.87 -3.16
N ILE B 23 -3.37 -7.81 -2.35
CA ILE B 23 -4.07 -7.83 -1.09
C ILE B 23 -4.98 -6.60 -0.99
N HIS B 24 -5.67 -6.50 0.11
CA HIS B 24 -6.63 -5.45 0.32
C HIS B 24 -6.82 -5.21 1.80
N LEU B 25 -6.42 -4.04 2.28
CA LEU B 25 -6.48 -3.74 3.67
C LEU B 25 -7.83 -3.17 4.04
N TYR B 26 -8.08 -1.95 3.61
CA TYR B 26 -9.31 -1.29 3.91
C TYR B 26 -10.28 -1.50 2.77
N THR B 27 -10.45 -0.52 1.93
CA THR B 27 -11.16 -0.71 0.69
C THR B 27 -10.19 -0.66 -0.49
N LYS B 28 -8.89 -0.55 -0.18
CA LYS B 28 -7.90 -0.37 -1.24
C LYS B 28 -7.21 -1.66 -1.58
N PHE B 29 -6.28 -1.54 -2.50
CA PHE B 29 -5.60 -2.68 -3.03
C PHE B 29 -4.16 -2.36 -3.41
N ILE B 30 -3.25 -2.95 -2.68
CA ILE B 30 -1.85 -3.02 -3.09
C ILE B 30 -1.71 -4.31 -3.86
N CYS B 31 -1.24 -4.26 -5.09
CA CYS B 31 -1.11 -5.52 -5.82
C CYS B 31 0.09 -6.30 -5.30
N LEU B 32 0.20 -7.50 -5.77
CA LEU B 32 0.98 -8.52 -5.12
C LEU B 32 2.47 -8.19 -5.11
N ASP B 33 2.87 -7.30 -5.98
CA ASP B 33 4.28 -6.99 -6.20
C ASP B 33 4.75 -5.99 -5.16
N CYS B 34 4.01 -4.92 -5.06
CA CYS B 34 4.23 -3.83 -4.17
C CYS B 34 4.03 -4.30 -2.76
N GLU B 35 3.11 -5.24 -2.63
CA GLU B 35 2.77 -5.80 -1.34
C GLU B 35 4.00 -6.43 -0.70
N ARG B 36 4.77 -7.14 -1.48
CA ARG B 36 6.07 -7.61 -1.00
C ARG B 36 7.10 -6.49 -0.95
N LYS B 37 6.94 -5.49 -1.82
CA LYS B 37 7.92 -4.42 -1.96
C LYS B 37 7.99 -3.66 -0.66
N VAL B 38 6.84 -3.48 -0.07
CA VAL B 38 6.71 -2.76 1.17
C VAL B 38 7.53 -3.39 2.28
N ILE B 39 7.40 -4.70 2.40
CA ILE B 39 8.10 -5.48 3.39
C ILE B 39 9.57 -5.30 3.14
N SER B 40 9.88 -5.25 1.87
CA SER B 40 11.25 -5.17 1.44
C SER B 40 11.79 -3.76 1.66
N THR B 41 10.89 -2.82 1.84
CA THR B 41 11.25 -1.43 2.11
C THR B 41 11.56 -1.22 3.59
N SER B 42 10.68 -1.73 4.45
CA SER B 42 10.75 -1.43 5.87
C SER B 42 11.69 -2.35 6.64
N THR B 43 11.62 -3.65 6.37
CA THR B 43 12.31 -4.64 7.19
C THR B 43 13.83 -4.59 6.99
N SER B 44 14.27 -3.87 5.97
CA SER B 44 15.69 -3.71 5.71
C SER B 44 16.18 -2.34 6.14
N ASP B 45 15.31 -1.58 6.81
CA ASP B 45 15.67 -0.26 7.29
C ASP B 45 14.88 0.07 8.54
N PRO B 46 15.46 -0.18 9.71
CA PRO B 46 14.78 0.02 11.00
C PRO B 46 14.87 1.45 11.51
N ASP B 47 14.97 2.40 10.60
CA ASP B 47 15.04 3.82 10.97
C ASP B 47 13.64 4.33 11.30
N TYR B 48 13.55 5.60 11.71
CA TYR B 48 12.31 6.20 12.16
C TYR B 48 11.60 5.33 13.19
N ALA B 49 12.27 5.13 14.32
CA ALA B 49 11.72 4.36 15.42
C ALA B 49 11.50 5.25 16.63
N SER A 1 -7.77 8.23 -3.79
CA SER A 1 -8.67 9.33 -3.47
C SER A 1 -7.86 10.47 -2.85
N MET A 2 -8.06 11.69 -3.37
CA MET A 2 -7.25 12.83 -3.01
C MET A 2 -5.81 12.60 -3.48
N ASP A 3 -4.97 12.05 -2.58
CA ASP A 3 -3.57 11.67 -2.88
C ASP A 3 -2.88 12.63 -3.85
N GLU A 4 -3.04 13.92 -3.63
CA GLU A 4 -2.46 14.92 -4.51
C GLU A 4 -1.47 15.80 -3.75
N THR A 5 -0.22 15.77 -4.19
CA THR A 5 0.85 16.55 -3.57
C THR A 5 0.91 16.27 -2.06
N VAL A 6 1.24 15.04 -1.73
CA VAL A 6 1.26 14.59 -0.34
C VAL A 6 2.58 14.96 0.34
N LYS A 7 2.85 16.26 0.37
CA LYS A 7 4.09 16.79 0.93
C LYS A 7 4.01 16.87 2.45
N LEU A 8 5.16 16.98 3.09
CA LEU A 8 5.27 17.01 4.56
C LEU A 8 4.77 15.69 5.15
N ASN A 9 3.49 15.60 5.47
CA ASN A 9 2.91 14.35 5.92
C ASN A 9 2.24 13.68 4.75
N HIS A 10 2.88 12.67 4.20
CA HIS A 10 2.34 11.97 3.05
C HIS A 10 1.06 11.25 3.44
N THR A 11 0.04 11.43 2.64
CA THR A 11 -1.25 10.84 2.94
C THR A 11 -1.23 9.36 2.58
N CYS A 12 -1.72 8.54 3.49
CA CYS A 12 -1.74 7.11 3.29
C CYS A 12 -2.77 6.75 2.22
N VAL A 13 -2.32 5.99 1.24
CA VAL A 13 -3.21 5.45 0.20
C VAL A 13 -4.25 4.54 0.82
N ILE A 14 -4.01 4.13 2.07
CA ILE A 14 -4.87 3.17 2.73
C ILE A 14 -5.89 3.84 3.62
N CYS A 15 -5.41 4.52 4.65
CA CYS A 15 -6.29 5.09 5.64
C CYS A 15 -6.55 6.56 5.38
N ASP A 16 -6.01 7.04 4.26
CA ASP A 16 -6.22 8.43 3.80
C ASP A 16 -5.87 9.45 4.87
N GLN A 17 -4.87 9.13 5.67
CA GLN A 17 -4.43 10.01 6.72
C GLN A 17 -3.05 10.56 6.36
N GLU A 18 -2.80 11.78 6.78
CA GLU A 18 -1.56 12.48 6.48
C GLU A 18 -0.50 12.09 7.49
N LYS A 19 0.41 11.27 7.01
CA LYS A 19 1.43 10.66 7.85
C LYS A 19 2.83 10.97 7.32
N ASN A 20 3.73 11.37 8.20
CA ASN A 20 5.12 11.57 7.79
C ASN A 20 5.94 10.33 8.12
N ARG A 21 5.26 9.24 8.43
CA ARG A 21 5.92 8.01 8.84
C ARG A 21 5.30 6.79 8.16
N GLY A 22 6.13 6.08 7.41
CA GLY A 22 5.69 4.93 6.64
C GLY A 22 6.66 4.72 5.50
N ILE A 23 6.25 4.14 4.38
CA ILE A 23 7.15 3.98 3.26
C ILE A 23 6.58 4.63 2.01
N HIS A 24 7.34 4.50 0.96
CA HIS A 24 7.04 5.10 -0.33
C HIS A 24 7.65 4.25 -1.43
N LEU A 25 6.81 3.50 -2.14
CA LEU A 25 7.28 2.62 -3.19
C LEU A 25 7.69 3.44 -4.40
N TYR A 26 6.69 4.09 -4.97
CA TYR A 26 6.89 4.91 -6.14
C TYR A 26 6.85 6.37 -5.73
N THR A 27 5.76 7.02 -6.06
CA THR A 27 5.51 8.37 -5.59
C THR A 27 4.39 8.35 -4.54
N LYS A 28 4.06 7.15 -4.06
CA LYS A 28 2.92 7.00 -3.15
C LYS A 28 3.40 6.72 -1.75
N PHE A 29 2.44 6.52 -0.87
CA PHE A 29 2.72 6.36 0.53
C PHE A 29 1.73 5.41 1.20
N ILE A 30 2.25 4.35 1.78
CA ILE A 30 1.49 3.56 2.73
C ILE A 30 2.03 3.91 4.11
N CYS A 31 1.17 4.29 5.02
CA CYS A 31 1.64 4.65 6.33
C CYS A 31 2.12 3.41 7.04
N LEU A 32 3.05 3.64 7.94
CA LEU A 32 3.81 2.60 8.61
C LEU A 32 2.93 1.51 9.20
N ASP A 33 1.68 1.86 9.46
CA ASP A 33 0.76 0.95 10.13
C ASP A 33 0.18 0.01 9.10
N CYS A 34 -0.32 0.60 8.04
CA CYS A 34 -0.89 -0.12 6.93
C CYS A 34 0.21 -0.87 6.22
N GLU A 35 1.37 -0.28 6.22
CA GLU A 35 2.54 -0.88 5.64
C GLU A 35 2.84 -2.19 6.35
N ARG A 36 2.63 -2.24 7.64
CA ARG A 36 2.71 -3.50 8.38
C ARG A 36 1.48 -4.37 8.16
N LYS A 37 0.34 -3.72 7.97
CA LYS A 37 -0.93 -4.39 7.85
C LYS A 37 -0.89 -5.33 6.70
N VAL A 38 -0.25 -4.85 5.64
CA VAL A 38 -0.13 -5.59 4.42
C VAL A 38 0.56 -6.93 4.63
N ILE A 39 1.67 -6.86 5.34
CA ILE A 39 2.50 -8.01 5.64
C ILE A 39 1.71 -9.00 6.45
N SER A 40 0.78 -8.45 7.20
CA SER A 40 -0.02 -9.24 8.10
C SER A 40 -1.23 -9.83 7.38
N THR A 41 -1.75 -9.08 6.43
CA THR A 41 -2.95 -9.47 5.70
C THR A 41 -2.62 -10.45 4.57
N SER A 42 -1.40 -10.38 4.08
CA SER A 42 -0.96 -11.19 2.95
C SER A 42 -0.77 -12.66 3.34
N THR A 43 -0.78 -12.94 4.64
CA THR A 43 -0.45 -14.28 5.15
C THR A 43 -1.60 -15.27 4.93
N SER A 44 -2.22 -15.22 3.76
CA SER A 44 -3.29 -16.13 3.39
C SER A 44 -3.47 -16.11 1.89
N ASP A 45 -2.86 -17.07 1.21
CA ASP A 45 -2.98 -17.17 -0.24
C ASP A 45 -3.23 -18.61 -0.64
N PRO A 46 -4.22 -18.84 -1.52
CA PRO A 46 -4.56 -20.17 -2.01
C PRO A 46 -3.59 -20.65 -3.09
N ASP A 47 -3.69 -21.93 -3.44
CA ASP A 47 -2.84 -22.52 -4.47
C ASP A 47 -3.38 -22.17 -5.85
N TYR A 48 -4.68 -21.92 -5.92
CA TYR A 48 -5.32 -21.51 -7.15
C TYR A 48 -5.84 -20.09 -7.03
N ALA A 49 -5.07 -19.15 -7.57
CA ALA A 49 -5.47 -17.75 -7.54
C ALA A 49 -6.27 -17.39 -8.78
N SER B 1 -5.13 8.16 -7.03
CA SER B 1 -5.46 8.61 -8.39
C SER B 1 -6.33 7.56 -9.07
N MET B 2 -7.44 8.02 -9.64
CA MET B 2 -8.47 7.13 -10.17
C MET B 2 -9.10 6.34 -9.03
N ASP B 3 -8.56 5.13 -8.77
CA ASP B 3 -8.97 4.27 -7.65
C ASP B 3 -10.47 4.34 -7.35
N GLU B 4 -11.29 4.29 -8.39
CA GLU B 4 -12.73 4.37 -8.23
C GLU B 4 -13.41 3.11 -8.73
N THR B 5 -14.11 2.42 -7.83
CA THR B 5 -14.82 1.20 -8.14
C THR B 5 -13.87 0.20 -8.80
N VAL B 6 -12.88 -0.25 -8.03
CA VAL B 6 -11.85 -1.14 -8.54
C VAL B 6 -12.32 -2.59 -8.50
N LYS B 7 -13.41 -2.86 -9.21
CA LYS B 7 -14.01 -4.18 -9.25
C LYS B 7 -13.28 -5.09 -10.22
N LEU B 8 -13.48 -6.40 -10.07
CA LEU B 8 -12.82 -7.43 -10.88
C LEU B 8 -11.31 -7.39 -10.63
N ASN B 9 -10.58 -6.61 -11.40
CA ASN B 9 -9.15 -6.43 -11.16
C ASN B 9 -8.97 -5.14 -10.38
N HIS B 10 -8.72 -5.25 -9.10
CA HIS B 10 -8.56 -4.08 -8.26
C HIS B 10 -7.29 -3.34 -8.68
N THR B 11 -7.43 -2.04 -8.85
CA THR B 11 -6.32 -1.23 -9.28
C THR B 11 -5.38 -0.97 -8.13
N CYS B 12 -4.09 -1.17 -8.37
CA CYS B 12 -3.09 -0.97 -7.34
C CYS B 12 -2.95 0.51 -7.00
N VAL B 13 -3.03 0.81 -5.72
CA VAL B 13 -2.80 2.17 -5.24
C VAL B 13 -1.36 2.60 -5.54
N ILE B 14 -0.51 1.62 -5.87
CA ILE B 14 0.89 1.89 -6.07
C ILE B 14 1.24 2.08 -7.53
N CYS B 15 1.05 1.03 -8.32
CA CYS B 15 1.47 1.05 -9.68
C CYS B 15 0.31 1.37 -10.63
N ASP B 16 -0.85 1.67 -10.02
CA ASP B 16 -2.06 2.09 -10.73
C ASP B 16 -2.44 1.11 -11.84
N GLN B 17 -2.18 -0.17 -11.59
CA GLN B 17 -2.51 -1.21 -12.53
C GLN B 17 -3.66 -2.04 -11.99
N GLU B 18 -4.49 -2.53 -12.89
CA GLU B 18 -5.66 -3.32 -12.54
C GLU B 18 -5.28 -4.76 -12.32
N LYS B 19 -5.25 -5.13 -11.07
CA LYS B 19 -4.77 -6.43 -10.64
C LYS B 19 -5.83 -7.17 -9.82
N ASN B 20 -6.04 -8.44 -10.13
CA ASN B 20 -6.96 -9.24 -9.33
C ASN B 20 -6.17 -10.06 -8.30
N ARG B 21 -4.91 -9.69 -8.12
CA ARG B 21 -4.02 -10.43 -7.24
C ARG B 21 -3.19 -9.48 -6.37
N GLY B 22 -3.34 -9.62 -5.07
CA GLY B 22 -2.67 -8.76 -4.10
C GLY B 22 -3.48 -8.76 -2.82
N ILE B 23 -3.43 -7.71 -2.01
CA ILE B 23 -4.24 -7.68 -0.81
C ILE B 23 -5.14 -6.46 -0.80
N HIS B 24 -5.88 -6.36 0.28
CA HIS B 24 -6.87 -5.31 0.48
C HIS B 24 -7.02 -5.06 1.97
N LEU B 25 -6.48 -3.94 2.43
CA LEU B 25 -6.51 -3.59 3.84
C LEU B 25 -7.91 -3.16 4.21
N TYR B 26 -8.31 -2.05 3.62
CA TYR B 26 -9.60 -1.45 3.87
C TYR B 26 -10.49 -1.73 2.67
N THR B 27 -10.74 -0.71 1.89
CA THR B 27 -11.43 -0.85 0.63
C THR B 27 -10.44 -0.68 -0.53
N LYS B 28 -9.15 -0.69 -0.20
CA LYS B 28 -8.12 -0.41 -1.20
C LYS B 28 -7.38 -1.67 -1.59
N PHE B 29 -6.41 -1.49 -2.45
CA PHE B 29 -5.68 -2.60 -3.01
C PHE B 29 -4.22 -2.24 -3.29
N ILE B 30 -3.32 -2.99 -2.66
CA ILE B 30 -1.93 -3.00 -3.10
C ILE B 30 -1.72 -4.30 -3.84
N CYS B 31 -1.21 -4.24 -5.06
CA CYS B 31 -1.01 -5.46 -5.79
C CYS B 31 0.11 -6.24 -5.17
N LEU B 32 0.02 -7.53 -5.36
CA LEU B 32 0.84 -8.52 -4.70
C LEU B 32 2.33 -8.20 -4.77
N ASP B 33 2.70 -7.42 -5.77
CA ASP B 33 4.09 -7.12 -6.04
C ASP B 33 4.54 -6.00 -5.14
N CYS B 34 3.75 -4.95 -5.17
CA CYS B 34 3.96 -3.77 -4.35
C CYS B 34 3.74 -4.13 -2.91
N GLU B 35 2.81 -5.04 -2.71
CA GLU B 35 2.52 -5.56 -1.40
C GLU B 35 3.77 -6.20 -0.81
N ARG B 36 4.54 -6.87 -1.63
CA ARG B 36 5.84 -7.37 -1.20
C ARG B 36 6.89 -6.26 -1.14
N LYS B 37 6.74 -5.29 -2.02
CA LYS B 37 7.71 -4.22 -2.17
C LYS B 37 7.82 -3.49 -0.87
N VAL B 38 6.68 -3.31 -0.26
CA VAL B 38 6.57 -2.59 0.98
C VAL B 38 7.43 -3.23 2.08
N ILE B 39 7.29 -4.53 2.18
CA ILE B 39 7.98 -5.33 3.17
C ILE B 39 9.47 -5.22 2.94
N SER B 40 9.80 -5.00 1.68
CA SER B 40 11.18 -4.95 1.28
C SER B 40 11.75 -3.54 1.45
N THR B 41 10.90 -2.55 1.24
CA THR B 41 11.31 -1.15 1.31
C THR B 41 11.37 -0.66 2.75
N SER B 42 10.56 -1.28 3.61
CA SER B 42 10.45 -0.87 5.00
C SER B 42 11.69 -1.22 5.82
N THR B 43 12.57 -2.04 5.25
CA THR B 43 13.72 -2.57 5.98
C THR B 43 14.83 -1.53 6.17
N SER B 44 14.44 -0.31 6.50
CA SER B 44 15.38 0.76 6.75
C SER B 44 14.67 1.88 7.51
N ASP B 45 14.83 1.87 8.82
CA ASP B 45 14.21 2.89 9.67
C ASP B 45 15.22 3.38 10.70
N PRO B 46 15.34 4.71 10.85
CA PRO B 46 16.24 5.32 11.81
C PRO B 46 15.68 5.29 13.23
N ASP B 47 16.52 5.62 14.20
CA ASP B 47 16.11 5.65 15.60
C ASP B 47 15.37 6.93 15.90
N TYR B 48 15.66 7.97 15.12
CA TYR B 48 14.98 9.25 15.24
C TYR B 48 14.16 9.52 14.00
N ALA B 49 12.86 9.26 14.09
CA ALA B 49 11.96 9.50 12.98
C ALA B 49 11.38 10.91 13.07
N SER A 1 -3.82 8.59 -12.99
CA SER A 1 -2.92 9.73 -12.73
C SER A 1 -3.47 10.60 -11.59
N MET A 2 -3.08 10.26 -10.36
CA MET A 2 -3.51 10.99 -9.19
C MET A 2 -2.31 11.35 -8.33
N ASP A 3 -1.20 11.63 -9.00
CA ASP A 3 0.05 11.95 -8.32
C ASP A 3 0.17 13.46 -8.12
N GLU A 4 -0.66 13.99 -7.24
CA GLU A 4 -0.73 15.44 -7.04
C GLU A 4 -1.15 15.78 -5.60
N THR A 5 -0.90 17.03 -5.20
CA THR A 5 -1.30 17.56 -3.89
C THR A 5 -0.83 16.70 -2.73
N VAL A 6 0.45 16.85 -2.39
CA VAL A 6 1.02 16.16 -1.23
C VAL A 6 2.26 16.92 -0.76
N LYS A 7 2.23 17.40 0.48
CA LYS A 7 3.31 18.23 1.02
C LYS A 7 3.48 18.02 2.52
N LEU A 8 4.74 17.97 2.96
CA LEU A 8 5.11 17.73 4.36
C LEU A 8 4.74 16.31 4.77
N ASN A 9 3.48 16.07 5.05
CA ASN A 9 2.97 14.73 5.25
C ASN A 9 2.84 14.05 3.90
N HIS A 10 2.88 12.75 3.91
CA HIS A 10 2.42 11.98 2.78
C HIS A 10 1.14 11.31 3.20
N THR A 11 0.09 11.50 2.44
CA THR A 11 -1.20 10.96 2.80
C THR A 11 -1.24 9.48 2.49
N CYS A 12 -1.73 8.71 3.43
CA CYS A 12 -1.79 7.28 3.26
C CYS A 12 -2.81 6.88 2.20
N VAL A 13 -2.37 6.03 1.28
CA VAL A 13 -3.25 5.46 0.25
C VAL A 13 -4.33 4.55 0.87
N ILE A 14 -4.06 4.09 2.08
CA ILE A 14 -4.92 3.12 2.76
C ILE A 14 -5.86 3.79 3.74
N CYS A 15 -5.28 4.44 4.72
CA CYS A 15 -6.03 4.95 5.83
C CYS A 15 -6.40 6.42 5.59
N ASP A 16 -5.87 6.98 4.48
CA ASP A 16 -6.22 8.32 3.98
C ASP A 16 -5.95 9.39 5.02
N GLN A 17 -4.82 9.25 5.65
CA GLN A 17 -4.40 10.15 6.70
C GLN A 17 -3.07 10.78 6.34
N GLU A 18 -2.86 11.99 6.82
CA GLU A 18 -1.64 12.73 6.56
C GLU A 18 -0.57 12.32 7.54
N LYS A 19 0.33 11.53 7.03
CA LYS A 19 1.38 10.92 7.84
C LYS A 19 2.75 11.32 7.32
N ASN A 20 3.63 11.66 8.22
CA ASN A 20 5.00 11.97 7.82
C ASN A 20 5.89 10.74 8.07
N ARG A 21 5.28 9.66 8.57
CA ARG A 21 6.00 8.41 8.81
C ARG A 21 5.28 7.20 8.20
N GLY A 22 6.08 6.32 7.64
CA GLY A 22 5.59 5.15 6.92
C GLY A 22 6.55 4.86 5.78
N ILE A 23 6.11 4.27 4.68
CA ILE A 23 7.01 4.00 3.58
C ILE A 23 6.43 4.57 2.30
N HIS A 24 7.16 4.39 1.22
CA HIS A 24 6.81 5.00 -0.05
C HIS A 24 7.37 4.21 -1.22
N LEU A 25 6.47 3.62 -2.00
CA LEU A 25 6.82 2.98 -3.22
C LEU A 25 6.34 3.84 -4.36
N TYR A 26 7.13 3.92 -5.43
CA TYR A 26 6.78 4.71 -6.59
C TYR A 26 6.63 6.17 -6.17
N THR A 27 5.43 6.70 -6.25
CA THR A 27 5.17 8.05 -5.80
C THR A 27 4.32 8.05 -4.54
N LYS A 28 3.90 6.88 -4.09
CA LYS A 28 2.82 6.80 -3.11
C LYS A 28 3.35 6.55 -1.73
N PHE A 29 2.42 6.40 -0.82
CA PHE A 29 2.73 6.27 0.60
C PHE A 29 1.72 5.36 1.30
N ILE A 30 2.21 4.20 1.73
CA ILE A 30 1.47 3.37 2.67
C ILE A 30 1.96 3.76 4.04
N CYS A 31 1.08 4.25 4.91
CA CYS A 31 1.58 4.69 6.19
C CYS A 31 1.96 3.49 7.03
N LEU A 32 2.78 3.75 8.00
CA LEU A 32 3.51 2.75 8.74
C LEU A 32 2.61 1.65 9.31
N ASP A 33 1.32 1.93 9.40
CA ASP A 33 0.39 1.07 10.03
C ASP A 33 -0.02 -0.05 9.10
N CYS A 34 -0.44 0.36 7.95
CA CYS A 34 -0.89 -0.47 6.87
C CYS A 34 0.28 -1.20 6.29
N GLU A 35 1.40 -0.53 6.34
CA GLU A 35 2.63 -1.08 5.82
C GLU A 35 2.95 -2.40 6.51
N ARG A 36 2.75 -2.48 7.81
CA ARG A 36 2.87 -3.75 8.49
C ARG A 36 1.66 -4.64 8.26
N LYS A 37 0.50 -4.03 8.05
CA LYS A 37 -0.75 -4.75 7.92
C LYS A 37 -0.66 -5.69 6.75
N VAL A 38 -0.07 -5.16 5.71
CA VAL A 38 0.05 -5.86 4.45
C VAL A 38 0.77 -7.20 4.60
N ILE A 39 1.87 -7.16 5.33
CA ILE A 39 2.70 -8.32 5.58
C ILE A 39 1.87 -9.35 6.27
N SER A 40 1.05 -8.82 7.16
CA SER A 40 0.24 -9.65 8.00
C SER A 40 -0.93 -10.24 7.21
N THR A 41 -1.29 -9.54 6.15
CA THR A 41 -2.40 -9.91 5.30
C THR A 41 -2.00 -11.00 4.30
N SER A 42 -0.87 -10.79 3.64
CA SER A 42 -0.43 -11.67 2.57
C SER A 42 0.26 -12.92 3.10
N THR A 43 1.36 -12.73 3.82
CA THR A 43 2.21 -13.86 4.22
C THR A 43 1.60 -14.67 5.36
N SER A 44 0.30 -14.53 5.54
CA SER A 44 -0.42 -15.32 6.52
C SER A 44 -0.69 -16.71 5.96
N ASP A 45 -0.93 -16.78 4.65
CA ASP A 45 -1.21 -18.04 3.97
C ASP A 45 -1.32 -17.88 2.46
N PRO A 46 -2.16 -16.93 1.95
CA PRO A 46 -2.43 -16.83 0.51
C PRO A 46 -1.22 -16.40 -0.32
N ASP A 47 -1.30 -16.69 -1.61
CA ASP A 47 -0.27 -16.33 -2.57
C ASP A 47 -0.85 -16.33 -3.97
N TYR A 48 -1.48 -17.46 -4.32
CA TYR A 48 -2.10 -17.61 -5.62
C TYR A 48 -3.62 -17.71 -5.47
N ALA A 49 -4.12 -17.05 -4.43
CA ALA A 49 -5.54 -17.07 -4.07
C ALA A 49 -5.98 -18.49 -3.70
N SER B 1 -11.64 11.04 0.03
CA SER B 1 -12.73 10.15 -0.41
C SER B 1 -12.60 9.82 -1.89
N MET B 2 -11.86 8.75 -2.18
CA MET B 2 -11.66 8.29 -3.55
C MET B 2 -12.00 6.82 -3.67
N ASP B 3 -12.98 6.39 -2.91
CA ASP B 3 -13.38 4.98 -2.86
C ASP B 3 -14.48 4.72 -3.88
N GLU B 4 -14.12 4.77 -5.16
CA GLU B 4 -15.09 4.66 -6.24
C GLU B 4 -14.46 4.05 -7.49
N THR B 5 -15.32 3.57 -8.39
CA THR B 5 -14.91 3.02 -9.70
C THR B 5 -13.84 1.92 -9.58
N VAL B 6 -14.28 0.73 -9.21
CA VAL B 6 -13.41 -0.43 -9.16
C VAL B 6 -14.23 -1.71 -9.29
N LYS B 7 -13.96 -2.49 -10.33
CA LYS B 7 -14.76 -3.68 -10.62
C LYS B 7 -13.91 -4.77 -11.27
N LEU B 8 -14.15 -6.02 -10.85
CA LEU B 8 -13.40 -7.19 -11.32
C LEU B 8 -11.97 -7.14 -10.82
N ASN B 9 -11.14 -6.35 -11.48
CA ASN B 9 -9.81 -6.05 -10.98
C ASN B 9 -9.91 -5.06 -9.84
N HIS B 10 -8.93 -5.07 -8.98
CA HIS B 10 -8.73 -3.96 -8.07
C HIS B 10 -7.49 -3.23 -8.53
N THR B 11 -7.61 -1.95 -8.74
CA THR B 11 -6.51 -1.19 -9.26
C THR B 11 -5.51 -0.91 -8.15
N CYS B 12 -4.25 -1.13 -8.44
CA CYS B 12 -3.22 -0.93 -7.46
C CYS B 12 -3.04 0.55 -7.11
N VAL B 13 -3.01 0.83 -5.81
CA VAL B 13 -2.76 2.18 -5.30
C VAL B 13 -1.34 2.63 -5.62
N ILE B 14 -0.46 1.66 -5.88
CA ILE B 14 0.96 1.91 -6.08
C ILE B 14 1.32 1.98 -7.55
N CYS B 15 1.09 0.88 -8.24
CA CYS B 15 1.54 0.72 -9.59
C CYS B 15 0.45 1.13 -10.59
N ASP B 16 -0.74 1.43 -10.03
CA ASP B 16 -1.90 1.97 -10.78
C ASP B 16 -2.29 1.07 -11.94
N GLN B 17 -2.31 -0.19 -11.63
CA GLN B 17 -2.63 -1.21 -12.60
C GLN B 17 -3.83 -2.03 -12.12
N GLU B 18 -4.60 -2.52 -13.07
CA GLU B 18 -5.79 -3.30 -12.78
C GLU B 18 -5.41 -4.74 -12.54
N LYS B 19 -5.41 -5.08 -11.28
CA LYS B 19 -4.95 -6.39 -10.83
C LYS B 19 -6.06 -7.11 -10.09
N ASN B 20 -6.23 -8.39 -10.38
CA ASN B 20 -7.20 -9.17 -9.66
C ASN B 20 -6.49 -9.99 -8.57
N ARG B 21 -5.16 -9.81 -8.46
CA ARG B 21 -4.36 -10.49 -7.45
C ARG B 21 -3.47 -9.52 -6.69
N GLY B 22 -3.39 -9.74 -5.38
CA GLY B 22 -2.66 -8.87 -4.46
C GLY B 22 -3.40 -8.87 -3.13
N ILE B 23 -3.33 -7.79 -2.35
CA ILE B 23 -4.04 -7.77 -1.09
C ILE B 23 -4.90 -6.53 -1.01
N HIS B 24 -5.58 -6.38 0.10
CA HIS B 24 -6.56 -5.32 0.26
C HIS B 24 -6.77 -4.97 1.73
N LEU B 25 -6.35 -3.77 2.10
CA LEU B 25 -6.62 -3.23 3.40
C LEU B 25 -7.68 -2.15 3.25
N TYR B 26 -8.58 -2.08 4.21
CA TYR B 26 -9.63 -1.08 4.20
C TYR B 26 -10.48 -1.27 2.95
N THR B 27 -10.45 -0.32 2.04
CA THR B 27 -11.15 -0.46 0.78
C THR B 27 -10.18 -0.61 -0.38
N LYS B 28 -8.87 -0.54 -0.09
CA LYS B 28 -7.90 -0.35 -1.15
C LYS B 28 -7.21 -1.63 -1.52
N PHE B 29 -6.27 -1.51 -2.42
CA PHE B 29 -5.58 -2.64 -2.99
C PHE B 29 -4.13 -2.30 -3.31
N ILE B 30 -3.22 -2.91 -2.58
CA ILE B 30 -1.82 -2.93 -2.96
C ILE B 30 -1.62 -4.20 -3.75
N CYS B 31 -1.21 -4.11 -5.00
CA CYS B 31 -1.08 -5.31 -5.78
C CYS B 31 0.10 -6.11 -5.29
N LEU B 32 0.06 -7.37 -5.61
CA LEU B 32 0.92 -8.37 -5.02
C LEU B 32 2.41 -8.02 -5.09
N ASP B 33 2.74 -7.11 -5.98
CA ASP B 33 4.10 -6.78 -6.26
C ASP B 33 4.66 -5.83 -5.22
N CYS B 34 3.91 -4.78 -5.03
CA CYS B 34 4.19 -3.71 -4.10
C CYS B 34 3.99 -4.22 -2.71
N GLU B 35 3.06 -5.13 -2.60
CA GLU B 35 2.73 -5.74 -1.33
C GLU B 35 3.95 -6.37 -0.70
N ARG B 36 4.73 -7.06 -1.50
CA ARG B 36 6.02 -7.56 -1.03
C ARG B 36 7.07 -6.46 -0.93
N LYS B 37 6.96 -5.45 -1.79
CA LYS B 37 7.94 -4.39 -1.88
C LYS B 37 8.04 -3.68 -0.57
N VAL B 38 6.87 -3.48 0.00
CA VAL B 38 6.71 -2.74 1.23
C VAL B 38 7.53 -3.35 2.36
N ILE B 39 7.43 -4.66 2.49
CA ILE B 39 8.12 -5.43 3.51
C ILE B 39 9.59 -5.20 3.34
N SER B 40 9.96 -5.16 2.09
CA SER B 40 11.34 -5.07 1.72
C SER B 40 11.86 -3.65 1.96
N THR B 41 10.92 -2.70 1.94
CA THR B 41 11.23 -1.30 2.11
C THR B 41 11.40 -0.95 3.59
N SER B 42 10.45 -1.39 4.40
CA SER B 42 10.42 -1.01 5.81
C SER B 42 11.36 -1.84 6.66
N THR B 43 11.15 -3.15 6.67
CA THR B 43 11.86 -4.03 7.59
C THR B 43 13.31 -4.27 7.16
N SER B 44 13.81 -3.40 6.30
CA SER B 44 15.19 -3.45 5.87
C SER B 44 16.09 -2.85 6.95
N ASP B 45 15.58 -1.82 7.63
CA ASP B 45 16.31 -1.15 8.70
C ASP B 45 15.46 -0.08 9.41
N PRO B 46 14.81 0.85 8.68
CA PRO B 46 14.11 1.98 9.29
C PRO B 46 12.89 1.58 10.11
N ASP B 47 12.48 2.48 10.98
CA ASP B 47 11.32 2.30 11.84
C ASP B 47 10.85 3.66 12.35
N TYR B 48 11.77 4.38 12.96
CA TYR B 48 11.48 5.71 13.48
C TYR B 48 12.24 6.76 12.69
N ALA B 49 12.46 6.46 11.41
CA ALA B 49 13.22 7.32 10.51
C ALA B 49 14.66 7.46 10.98
N SER A 1 -14.65 8.50 -1.18
CA SER A 1 -13.77 9.65 -0.89
C SER A 1 -12.36 9.40 -1.46
N MET A 2 -11.74 10.46 -1.97
CA MET A 2 -10.40 10.35 -2.54
C MET A 2 -9.51 11.43 -1.96
N ASP A 3 -8.23 11.12 -1.80
CA ASP A 3 -7.28 12.06 -1.21
C ASP A 3 -6.63 12.91 -2.29
N GLU A 4 -6.16 14.08 -1.90
CA GLU A 4 -5.48 14.99 -2.81
C GLU A 4 -4.76 16.08 -2.03
N THR A 5 -3.77 16.70 -2.68
CA THR A 5 -3.01 17.79 -2.08
C THR A 5 -2.24 17.32 -0.84
N VAL A 6 -1.05 16.79 -1.07
CA VAL A 6 -0.19 16.33 0.01
C VAL A 6 0.67 17.48 0.53
N LYS A 7 0.61 17.71 1.83
CA LYS A 7 1.39 18.79 2.44
C LYS A 7 2.18 18.26 3.63
N LEU A 8 3.50 18.14 3.45
CA LEU A 8 4.41 17.66 4.49
C LEU A 8 4.19 16.17 4.76
N ASN A 9 3.09 15.86 5.45
CA ASN A 9 2.74 14.48 5.72
C ASN A 9 2.15 13.87 4.46
N HIS A 10 2.65 12.72 4.06
CA HIS A 10 2.16 12.04 2.87
C HIS A 10 0.95 11.18 3.23
N THR A 11 -0.10 11.31 2.43
CA THR A 11 -1.33 10.59 2.70
C THR A 11 -1.17 9.09 2.50
N CYS A 12 -1.65 8.32 3.46
CA CYS A 12 -1.65 6.88 3.34
C CYS A 12 -2.67 6.49 2.29
N VAL A 13 -2.20 5.83 1.24
CA VAL A 13 -3.09 5.31 0.18
C VAL A 13 -4.16 4.40 0.77
N ILE A 14 -3.92 3.98 2.00
CA ILE A 14 -4.80 3.07 2.70
C ILE A 14 -5.75 3.81 3.60
N CYS A 15 -5.19 4.55 4.54
CA CYS A 15 -5.97 5.24 5.55
C CYS A 15 -6.60 6.52 5.00
N ASP A 16 -6.05 6.99 3.88
CA ASP A 16 -6.43 8.28 3.29
C ASP A 16 -6.17 9.40 4.29
N GLN A 17 -5.08 9.25 5.04
CA GLN A 17 -4.70 10.19 6.08
C GLN A 17 -3.26 10.63 5.86
N GLU A 18 -3.00 11.91 6.09
CA GLU A 18 -1.67 12.49 5.89
C GLU A 18 -0.76 12.10 7.03
N LYS A 19 0.15 11.23 6.70
CA LYS A 19 1.10 10.66 7.65
C LYS A 19 2.53 10.96 7.23
N ASN A 20 3.37 11.31 8.18
CA ASN A 20 4.77 11.60 7.85
C ASN A 20 5.63 10.36 8.05
N ARG A 21 5.03 9.29 8.58
CA ARG A 21 5.77 8.07 8.83
C ARG A 21 5.16 6.87 8.11
N GLY A 22 5.98 6.25 7.29
CA GLY A 22 5.58 5.12 6.48
C GLY A 22 6.54 4.99 5.31
N ILE A 23 6.15 4.34 4.22
CA ILE A 23 7.07 4.12 3.14
C ILE A 23 6.60 4.78 1.85
N HIS A 24 7.42 4.59 0.83
CA HIS A 24 7.21 5.18 -0.48
C HIS A 24 7.73 4.21 -1.54
N LEU A 25 6.83 3.54 -2.25
CA LEU A 25 7.25 2.64 -3.31
C LEU A 25 7.54 3.45 -4.56
N TYR A 26 6.46 3.95 -5.15
CA TYR A 26 6.54 4.67 -6.40
C TYR A 26 6.54 6.16 -6.11
N THR A 27 5.43 6.81 -6.36
CA THR A 27 5.25 8.19 -5.93
C THR A 27 4.24 8.24 -4.78
N LYS A 28 3.95 7.06 -4.22
CA LYS A 28 2.87 6.94 -3.24
C LYS A 28 3.41 6.76 -1.85
N PHE A 29 2.48 6.58 -0.94
CA PHE A 29 2.79 6.42 0.47
C PHE A 29 1.80 5.47 1.15
N ILE A 30 2.33 4.40 1.72
CA ILE A 30 1.57 3.58 2.67
C ILE A 30 2.05 3.93 4.06
N CYS A 31 1.14 4.22 4.97
CA CYS A 31 1.57 4.54 6.32
C CYS A 31 2.19 3.31 6.93
N LEU A 32 3.14 3.57 7.81
CA LEU A 32 4.02 2.56 8.33
C LEU A 32 3.30 1.35 8.91
N ASP A 33 2.05 1.55 9.27
CA ASP A 33 1.27 0.52 9.93
C ASP A 33 0.69 -0.41 8.88
N CYS A 34 0.17 0.19 7.83
CA CYS A 34 -0.40 -0.52 6.71
C CYS A 34 0.70 -1.26 6.01
N GLU A 35 1.88 -0.67 6.05
CA GLU A 35 3.06 -1.29 5.50
C GLU A 35 3.24 -2.68 6.08
N ARG A 36 3.02 -2.81 7.38
CA ARG A 36 3.03 -4.11 8.03
C ARG A 36 1.75 -4.91 7.80
N LYS A 37 0.64 -4.19 7.68
CA LYS A 37 -0.67 -4.78 7.59
C LYS A 37 -0.74 -5.71 6.41
N VAL A 38 -0.10 -5.26 5.37
CA VAL A 38 -0.15 -5.88 4.08
C VAL A 38 0.31 -7.35 4.11
N ILE A 39 1.48 -7.57 4.66
CA ILE A 39 2.09 -8.90 4.74
C ILE A 39 1.30 -9.73 5.69
N SER A 40 0.83 -9.06 6.70
CA SER A 40 0.08 -9.71 7.75
C SER A 40 -1.20 -10.32 7.17
N THR A 41 -1.67 -9.71 6.08
CA THR A 41 -2.94 -10.07 5.48
C THR A 41 -2.87 -11.28 4.53
N SER A 42 -2.18 -11.12 3.40
CA SER A 42 -2.30 -12.05 2.28
C SER A 42 -1.28 -13.21 2.23
N THR A 43 -0.28 -13.21 3.11
CA THR A 43 0.91 -14.07 2.93
C THR A 43 0.67 -15.58 3.07
N SER A 44 -0.38 -16.08 2.45
CA SER A 44 -0.56 -17.50 2.24
C SER A 44 -0.16 -17.81 0.80
N ASP A 45 1.09 -17.47 0.47
CA ASP A 45 1.57 -17.47 -0.92
C ASP A 45 1.51 -18.85 -1.57
N PRO A 46 0.72 -19.00 -2.63
CA PRO A 46 0.66 -20.21 -3.42
C PRO A 46 1.68 -20.20 -4.56
N ASP A 47 1.85 -21.33 -5.20
CA ASP A 47 2.80 -21.43 -6.30
C ASP A 47 2.07 -21.84 -7.57
N TYR A 48 2.82 -21.95 -8.66
CA TYR A 48 2.24 -22.26 -9.95
C TYR A 48 3.00 -23.40 -10.61
N ALA A 49 2.26 -24.30 -11.24
CA ALA A 49 2.86 -25.44 -11.91
C ALA A 49 2.37 -25.53 -13.35
N SER B 1 -1.27 11.72 -12.25
CA SER B 1 -2.36 10.82 -12.70
C SER B 1 -3.00 10.13 -11.50
N MET B 2 -4.32 9.96 -11.56
CA MET B 2 -5.05 9.30 -10.48
C MET B 2 -5.95 8.22 -11.05
N ASP B 3 -6.14 7.14 -10.30
CA ASP B 3 -6.94 6.02 -10.75
C ASP B 3 -8.40 6.20 -10.35
N GLU B 4 -9.29 5.55 -11.09
CA GLU B 4 -10.72 5.59 -10.79
C GLU B 4 -11.45 4.51 -11.58
N THR B 5 -12.65 4.16 -11.10
CA THR B 5 -13.49 3.15 -11.76
C THR B 5 -12.80 1.78 -11.77
N VAL B 6 -12.98 1.04 -10.69
CA VAL B 6 -12.43 -0.30 -10.59
C VAL B 6 -13.39 -1.32 -11.19
N LYS B 7 -12.90 -2.12 -12.11
CA LYS B 7 -13.72 -3.15 -12.75
C LYS B 7 -13.04 -4.50 -12.70
N LEU B 8 -13.56 -5.39 -11.84
CA LEU B 8 -13.03 -6.74 -11.67
C LEU B 8 -11.66 -6.70 -10.99
N ASN B 9 -10.64 -6.30 -11.73
CA ASN B 9 -9.30 -6.17 -11.19
C ASN B 9 -9.23 -4.88 -10.37
N HIS B 10 -8.74 -4.99 -9.15
CA HIS B 10 -8.63 -3.82 -8.29
C HIS B 10 -7.32 -3.10 -8.55
N THR B 11 -7.39 -1.80 -8.71
CA THR B 11 -6.22 -1.01 -9.04
C THR B 11 -5.23 -0.97 -7.87
N CYS B 12 -3.97 -1.20 -8.17
CA CYS B 12 -2.92 -1.08 -7.18
C CYS B 12 -2.75 0.38 -6.84
N VAL B 13 -2.97 0.74 -5.58
CA VAL B 13 -2.75 2.11 -5.10
C VAL B 13 -1.32 2.56 -5.39
N ILE B 14 -0.47 1.61 -5.72
CA ILE B 14 0.92 1.86 -5.97
C ILE B 14 1.20 1.98 -7.45
N CYS B 15 0.88 0.92 -8.17
CA CYS B 15 1.16 0.84 -9.60
C CYS B 15 0.15 1.64 -10.42
N ASP B 16 -0.99 1.93 -9.80
CA ASP B 16 -2.12 2.56 -10.49
C ASP B 16 -2.58 1.69 -11.64
N GLN B 17 -2.52 0.38 -11.44
CA GLN B 17 -2.87 -0.60 -12.44
C GLN B 17 -3.90 -1.58 -11.86
N GLU B 18 -4.86 -1.96 -12.68
CA GLU B 18 -5.93 -2.86 -12.26
C GLU B 18 -5.43 -4.28 -12.20
N LYS B 19 -5.29 -4.73 -10.97
CA LYS B 19 -4.75 -6.07 -10.68
C LYS B 19 -5.77 -6.88 -9.91
N ASN B 20 -5.89 -8.16 -10.24
CA ASN B 20 -6.83 -9.02 -9.53
C ASN B 20 -6.13 -9.76 -8.40
N ARG B 21 -4.81 -9.63 -8.34
CA ARG B 21 -4.04 -10.33 -7.32
C ARG B 21 -3.22 -9.37 -6.45
N GLY B 22 -3.50 -9.43 -5.16
CA GLY B 22 -2.88 -8.58 -4.18
C GLY B 22 -3.74 -8.55 -2.94
N ILE B 23 -3.64 -7.53 -2.10
CA ILE B 23 -4.39 -7.53 -0.87
C ILE B 23 -5.35 -6.36 -0.78
N HIS B 24 -6.05 -6.32 0.34
CA HIS B 24 -7.07 -5.32 0.61
C HIS B 24 -7.07 -5.02 2.11
N LEU B 25 -6.55 -3.86 2.49
CA LEU B 25 -6.56 -3.46 3.88
C LEU B 25 -7.92 -2.89 4.23
N TYR B 26 -8.18 -1.71 3.70
CA TYR B 26 -9.40 -0.99 3.99
C TYR B 26 -10.39 -1.21 2.87
N THR B 27 -10.57 -0.22 2.03
CA THR B 27 -11.34 -0.39 0.81
C THR B 27 -10.40 -0.36 -0.39
N LYS B 28 -9.10 -0.48 -0.11
CA LYS B 28 -8.08 -0.28 -1.14
C LYS B 28 -7.46 -1.59 -1.55
N PHE B 29 -6.49 -1.46 -2.43
CA PHE B 29 -5.78 -2.59 -2.98
C PHE B 29 -4.32 -2.25 -3.26
N ILE B 30 -3.42 -3.00 -2.64
CA ILE B 30 -2.02 -3.01 -3.04
C ILE B 30 -1.78 -4.29 -3.82
N CYS B 31 -1.18 -4.19 -5.00
CA CYS B 31 -0.91 -5.40 -5.75
C CYS B 31 0.09 -6.23 -5.00
N LEU B 32 -0.04 -7.52 -5.18
CA LEU B 32 0.64 -8.52 -4.39
C LEU B 32 2.15 -8.30 -4.33
N ASP B 33 2.68 -7.58 -5.29
CA ASP B 33 4.10 -7.38 -5.40
C ASP B 33 4.54 -6.24 -4.50
N CYS B 34 3.75 -5.18 -4.55
CA CYS B 34 3.95 -4.00 -3.73
C CYS B 34 3.73 -4.37 -2.30
N GLU B 35 2.83 -5.31 -2.10
CA GLU B 35 2.55 -5.84 -0.78
C GLU B 35 3.84 -6.32 -0.14
N ARG B 36 4.67 -6.98 -0.91
CA ARG B 36 6.01 -7.37 -0.46
C ARG B 36 7.00 -6.22 -0.45
N LYS B 37 6.84 -5.32 -1.41
CA LYS B 37 7.77 -4.24 -1.66
C LYS B 37 7.92 -3.41 -0.41
N VAL B 38 6.79 -3.24 0.22
CA VAL B 38 6.63 -2.35 1.34
C VAL B 38 7.58 -2.68 2.50
N ILE B 39 7.58 -3.92 2.91
CA ILE B 39 8.39 -4.40 4.03
C ILE B 39 9.82 -4.38 3.62
N SER B 40 10.00 -4.70 2.36
CA SER B 40 11.32 -4.79 1.81
C SER B 40 12.01 -3.42 1.87
N THR B 41 11.19 -2.38 1.87
CA THR B 41 11.65 -1.01 1.80
C THR B 41 12.08 -0.42 3.16
N SER B 42 11.12 -0.22 4.05
CA SER B 42 11.32 0.63 5.24
C SER B 42 11.78 -0.08 6.51
N THR B 43 11.83 -1.42 6.53
CA THR B 43 11.91 -2.18 7.80
C THR B 43 13.24 -2.05 8.56
N SER B 44 13.73 -0.84 8.69
CA SER B 44 14.78 -0.53 9.64
C SER B 44 14.14 0.11 10.87
N ASP B 45 13.22 -0.63 11.48
CA ASP B 45 12.33 -0.11 12.52
C ASP B 45 13.08 0.37 13.75
N PRO B 46 12.97 1.68 14.05
CA PRO B 46 13.53 2.28 15.25
C PRO B 46 12.54 2.23 16.41
N ASP B 47 13.02 2.54 17.59
CA ASP B 47 12.17 2.53 18.77
C ASP B 47 12.13 3.91 19.40
N TYR B 48 11.36 4.05 20.47
CA TYR B 48 11.18 5.33 21.12
C TYR B 48 11.43 5.22 22.61
N ALA B 49 12.09 6.21 23.18
CA ALA B 49 12.40 6.23 24.59
C ALA B 49 11.93 7.53 25.22
N SER A 1 9.52 7.87 -12.14
CA SER A 1 8.19 8.50 -11.94
C SER A 1 7.85 8.60 -10.45
N MET A 2 8.66 9.39 -9.74
CA MET A 2 8.47 9.56 -8.30
C MET A 2 8.30 11.04 -7.98
N ASP A 3 8.05 11.35 -6.71
CA ASP A 3 7.94 12.73 -6.23
C ASP A 3 6.84 13.50 -6.97
N GLU A 4 5.61 13.31 -6.55
CA GLU A 4 4.49 14.02 -7.14
C GLU A 4 3.86 14.97 -6.12
N THR A 5 3.68 14.48 -4.90
CA THR A 5 3.05 15.28 -3.85
C THR A 5 3.91 15.29 -2.58
N VAL A 6 4.22 16.48 -2.09
CA VAL A 6 4.97 16.62 -0.85
C VAL A 6 4.52 17.86 -0.08
N LYS A 7 4.25 17.69 1.20
CA LYS A 7 3.86 18.77 2.08
C LYS A 7 4.69 18.73 3.35
N LEU A 8 4.35 17.80 4.22
CA LEU A 8 5.09 17.52 5.43
C LEU A 8 4.67 16.16 5.96
N ASN A 9 3.37 15.89 5.86
CA ASN A 9 2.82 14.57 6.12
C ASN A 9 2.27 14.01 4.82
N HIS A 10 2.79 12.88 4.38
CA HIS A 10 2.28 12.25 3.18
C HIS A 10 1.05 11.45 3.51
N THR A 11 0.11 11.47 2.62
CA THR A 11 -1.16 10.82 2.84
C THR A 11 -1.06 9.32 2.63
N CYS A 12 -1.63 8.55 3.55
CA CYS A 12 -1.61 7.11 3.45
C CYS A 12 -2.50 6.67 2.32
N VAL A 13 -1.88 5.99 1.38
CA VAL A 13 -2.53 5.34 0.30
C VAL A 13 -3.63 4.38 0.79
N ILE A 14 -3.60 4.07 2.07
CA ILE A 14 -4.55 3.17 2.68
C ILE A 14 -5.58 3.93 3.53
N CYS A 15 -5.07 4.66 4.51
CA CYS A 15 -5.92 5.36 5.48
C CYS A 15 -6.54 6.62 4.88
N ASP A 16 -5.89 7.14 3.84
CA ASP A 16 -6.26 8.42 3.25
C ASP A 16 -6.09 9.55 4.26
N GLN A 17 -5.02 9.47 5.03
CA GLN A 17 -4.71 10.43 6.08
C GLN A 17 -3.26 10.88 5.95
N GLU A 18 -2.98 12.11 6.37
CA GLU A 18 -1.67 12.71 6.24
C GLU A 18 -0.77 12.29 7.39
N LYS A 19 0.18 11.45 7.04
CA LYS A 19 1.09 10.84 8.00
C LYS A 19 2.53 11.12 7.60
N ASN A 20 3.39 11.37 8.56
CA ASN A 20 4.76 11.73 8.25
C ASN A 20 5.68 10.52 8.34
N ARG A 21 5.19 9.42 8.90
CA ARG A 21 5.97 8.21 9.01
C ARG A 21 5.30 7.04 8.31
N GLY A 22 6.11 6.31 7.56
CA GLY A 22 5.63 5.19 6.77
C GLY A 22 6.55 4.98 5.58
N ILE A 23 6.09 4.35 4.52
CA ILE A 23 6.95 4.10 3.38
C ILE A 23 6.37 4.73 2.13
N HIS A 24 7.06 4.52 1.03
CA HIS A 24 6.73 5.15 -0.24
C HIS A 24 7.24 4.33 -1.40
N LEU A 25 6.32 3.75 -2.16
CA LEU A 25 6.64 3.05 -3.37
C LEU A 25 6.14 3.89 -4.53
N TYR A 26 6.95 3.99 -5.57
CA TYR A 26 6.56 4.74 -6.76
C TYR A 26 6.37 6.19 -6.37
N THR A 27 5.14 6.64 -6.39
CA THR A 27 4.83 7.99 -5.95
C THR A 27 4.06 8.01 -4.62
N LYS A 28 3.56 6.84 -4.18
CA LYS A 28 2.61 6.80 -3.06
C LYS A 28 3.29 6.65 -1.73
N PHE A 29 2.45 6.53 -0.71
CA PHE A 29 2.86 6.39 0.65
C PHE A 29 1.93 5.44 1.38
N ILE A 30 2.45 4.30 1.78
CA ILE A 30 1.72 3.45 2.71
C ILE A 30 2.16 3.85 4.11
N CYS A 31 1.22 4.26 4.95
CA CYS A 31 1.60 4.63 6.30
C CYS A 31 2.15 3.43 7.03
N LEU A 32 3.02 3.73 7.97
CA LEU A 32 3.85 2.77 8.65
C LEU A 32 3.03 1.64 9.28
N ASP A 33 1.78 1.93 9.53
CA ASP A 33 0.88 1.02 10.21
C ASP A 33 0.38 0.00 9.23
N CYS A 34 0.03 0.52 8.08
CA CYS A 34 -0.47 -0.27 6.97
C CYS A 34 0.65 -1.08 6.38
N GLU A 35 1.84 -0.51 6.43
CA GLU A 35 3.01 -1.17 5.91
C GLU A 35 3.21 -2.52 6.59
N ARG A 36 2.97 -2.57 7.88
CA ARG A 36 2.98 -3.85 8.57
C ARG A 36 1.71 -4.65 8.32
N LYS A 37 0.61 -3.94 8.08
CA LYS A 37 -0.71 -4.57 7.94
C LYS A 37 -0.67 -5.50 6.77
N VAL A 38 -0.01 -5.04 5.74
CA VAL A 38 0.11 -5.77 4.50
C VAL A 38 0.76 -7.13 4.70
N ILE A 39 1.85 -7.12 5.44
CA ILE A 39 2.66 -8.30 5.72
C ILE A 39 1.83 -9.27 6.51
N SER A 40 0.92 -8.70 7.28
CA SER A 40 0.09 -9.49 8.12
C SER A 40 -1.11 -10.03 7.33
N THR A 41 -1.41 -9.36 6.23
CA THR A 41 -2.53 -9.73 5.38
C THR A 41 -2.16 -10.88 4.44
N SER A 42 -1.24 -10.63 3.53
CA SER A 42 -0.88 -11.61 2.50
C SER A 42 0.23 -12.55 2.95
N THR A 43 1.39 -11.98 3.24
CA THR A 43 2.58 -12.76 3.53
C THR A 43 2.55 -13.40 4.93
N SER A 44 1.38 -13.42 5.54
CA SER A 44 1.18 -14.10 6.80
C SER A 44 0.19 -15.24 6.63
N ASP A 45 -0.39 -15.31 5.45
CA ASP A 45 -1.37 -16.35 5.10
C ASP A 45 -1.74 -16.23 3.62
N PRO A 46 -1.19 -17.12 2.78
CA PRO A 46 -1.41 -17.08 1.33
C PRO A 46 -2.88 -17.32 0.97
N ASP A 47 -3.22 -16.90 -0.24
CA ASP A 47 -4.59 -17.02 -0.73
C ASP A 47 -4.73 -18.25 -1.61
N TYR A 48 -3.69 -18.55 -2.35
CA TYR A 48 -3.66 -19.72 -3.21
C TYR A 48 -2.39 -20.52 -2.97
N ALA A 49 -2.54 -21.65 -2.29
CA ALA A 49 -1.42 -22.52 -1.98
C ALA A 49 -1.86 -23.97 -1.96
N SER B 1 -15.96 0.30 6.74
CA SER B 1 -15.80 1.17 5.56
C SER B 1 -14.99 0.46 4.47
N MET B 2 -15.55 -0.63 3.95
CA MET B 2 -14.88 -1.41 2.92
C MET B 2 -15.78 -1.53 1.70
N ASP B 3 -15.27 -2.16 0.64
CA ASP B 3 -16.05 -2.42 -0.58
C ASP B 3 -16.58 -1.13 -1.20
N GLU B 4 -15.72 -0.44 -1.94
CA GLU B 4 -16.13 0.77 -2.63
C GLU B 4 -16.09 0.57 -4.13
N THR B 5 -15.03 -0.06 -4.63
CA THR B 5 -14.86 -0.27 -6.05
C THR B 5 -14.57 -1.74 -6.36
N VAL B 6 -15.35 -2.33 -7.25
CA VAL B 6 -15.14 -3.70 -7.67
C VAL B 6 -15.52 -3.89 -9.15
N LYS B 7 -14.61 -4.50 -9.89
CA LYS B 7 -14.86 -4.79 -11.31
C LYS B 7 -14.52 -6.25 -11.60
N LEU B 8 -13.22 -6.51 -11.66
CA LEU B 8 -12.69 -7.87 -11.81
C LEU B 8 -11.22 -7.84 -11.45
N ASN B 9 -10.55 -6.77 -11.87
CA ASN B 9 -9.19 -6.48 -11.46
C ASN B 9 -9.20 -5.21 -10.63
N HIS B 10 -8.75 -5.29 -9.39
CA HIS B 10 -8.69 -4.11 -8.55
C HIS B 10 -7.40 -3.36 -8.85
N THR B 11 -7.50 -2.07 -8.82
CA THR B 11 -6.38 -1.22 -9.18
C THR B 11 -5.38 -1.13 -8.04
N CYS B 12 -4.10 -1.26 -8.36
CA CYS B 12 -3.05 -1.17 -7.37
C CYS B 12 -2.93 0.25 -6.88
N VAL B 13 -3.14 0.39 -5.59
CA VAL B 13 -2.93 1.60 -4.87
C VAL B 13 -1.51 2.16 -5.10
N ILE B 14 -0.63 1.31 -5.62
CA ILE B 14 0.75 1.68 -5.88
C ILE B 14 0.99 1.89 -7.37
N CYS B 15 0.72 0.86 -8.15
CA CYS B 15 1.03 0.87 -9.58
C CYS B 15 0.00 1.69 -10.36
N ASP B 16 -1.18 1.86 -9.78
CA ASP B 16 -2.33 2.47 -10.44
C ASP B 16 -2.73 1.67 -11.67
N GLN B 17 -2.71 0.35 -11.52
CA GLN B 17 -3.03 -0.59 -12.58
C GLN B 17 -4.02 -1.62 -12.06
N GLU B 18 -4.86 -2.12 -12.95
CA GLU B 18 -5.92 -3.07 -12.60
C GLU B 18 -5.37 -4.48 -12.54
N LYS B 19 -5.28 -4.97 -11.32
CA LYS B 19 -4.70 -6.27 -11.02
C LYS B 19 -5.68 -7.12 -10.24
N ASN B 20 -5.73 -8.41 -10.52
CA ASN B 20 -6.70 -9.27 -9.88
C ASN B 20 -6.10 -10.00 -8.68
N ARG B 21 -4.78 -9.93 -8.56
CA ARG B 21 -4.11 -10.59 -7.45
C ARG B 21 -3.29 -9.60 -6.62
N GLY B 22 -3.43 -9.71 -5.31
CA GLY B 22 -2.80 -8.80 -4.39
C GLY B 22 -3.61 -8.75 -3.11
N ILE B 23 -3.47 -7.69 -2.31
CA ILE B 23 -4.19 -7.60 -1.06
C ILE B 23 -5.08 -6.37 -1.04
N HIS B 24 -5.75 -6.19 0.08
CA HIS B 24 -6.75 -5.14 0.22
C HIS B 24 -6.91 -4.76 1.68
N LEU B 25 -6.47 -3.55 2.03
CA LEU B 25 -6.68 -3.01 3.33
C LEU B 25 -7.70 -1.90 3.22
N TYR B 26 -8.63 -1.85 4.16
CA TYR B 26 -9.65 -0.82 4.17
C TYR B 26 -10.49 -0.96 2.92
N THR B 27 -10.37 -0.02 2.01
CA THR B 27 -11.04 -0.10 0.73
C THR B 27 -10.08 -0.35 -0.43
N LYS B 28 -8.76 -0.22 -0.19
CA LYS B 28 -7.79 -0.22 -1.29
C LYS B 28 -7.27 -1.60 -1.61
N PHE B 29 -6.34 -1.60 -2.54
CA PHE B 29 -5.70 -2.79 -3.03
C PHE B 29 -4.23 -2.51 -3.30
N ILE B 30 -3.36 -3.14 -2.55
CA ILE B 30 -1.96 -3.15 -2.89
C ILE B 30 -1.73 -4.39 -3.74
N CYS B 31 -1.24 -4.23 -4.96
CA CYS B 31 -0.99 -5.39 -5.79
C CYS B 31 0.08 -6.26 -5.16
N LEU B 32 -0.03 -7.53 -5.46
CA LEU B 32 0.73 -8.58 -4.81
C LEU B 32 2.23 -8.34 -4.87
N ASP B 33 2.63 -7.54 -5.82
CA ASP B 33 4.03 -7.28 -6.08
C ASP B 33 4.51 -6.22 -5.12
N CYS B 34 3.67 -5.24 -4.97
CA CYS B 34 3.92 -4.12 -4.07
C CYS B 34 3.79 -4.57 -2.64
N GLU B 35 2.91 -5.53 -2.43
CA GLU B 35 2.69 -6.08 -1.12
C GLU B 35 3.98 -6.63 -0.54
N ARG B 36 4.76 -7.28 -1.37
CA ARG B 36 6.10 -7.70 -0.95
C ARG B 36 7.09 -6.54 -0.94
N LYS B 37 6.86 -5.55 -1.81
CA LYS B 37 7.80 -4.46 -1.99
C LYS B 37 7.91 -3.69 -0.70
N VAL B 38 6.77 -3.56 -0.06
CA VAL B 38 6.65 -2.82 1.18
C VAL B 38 7.54 -3.42 2.27
N ILE B 39 7.47 -4.73 2.39
CA ILE B 39 8.19 -5.50 3.38
C ILE B 39 9.66 -5.34 3.13
N SER B 40 9.97 -5.16 1.87
CA SER B 40 11.33 -5.03 1.47
C SER B 40 11.82 -3.60 1.67
N THR B 41 10.87 -2.68 1.73
CA THR B 41 11.17 -1.27 1.89
C THR B 41 11.44 -0.91 3.35
N SER B 42 10.41 -1.05 4.18
CA SER B 42 10.51 -0.63 5.58
C SER B 42 11.01 -1.75 6.48
N THR B 43 10.26 -2.84 6.53
CA THR B 43 10.54 -3.91 7.48
C THR B 43 11.73 -4.77 7.07
N SER B 44 12.52 -4.27 6.13
CA SER B 44 13.76 -4.92 5.75
C SER B 44 14.95 -4.02 6.08
N ASP B 45 14.63 -2.79 6.52
CA ASP B 45 15.63 -1.80 6.88
C ASP B 45 14.95 -0.58 7.47
N PRO B 46 14.98 -0.43 8.81
CA PRO B 46 14.32 0.67 9.51
C PRO B 46 14.89 2.03 9.14
N ASP B 47 14.10 3.06 9.38
CA ASP B 47 14.48 4.42 9.05
C ASP B 47 15.04 5.13 10.27
N TYR B 48 14.48 4.82 11.42
CA TYR B 48 14.93 5.37 12.68
C TYR B 48 15.17 4.27 13.71
N ALA B 49 16.44 3.98 13.96
CA ALA B 49 16.81 2.94 14.91
C ALA B 49 18.12 3.30 15.60
N SER A 1 -4.78 6.96 -11.03
CA SER A 1 -3.84 8.00 -11.49
C SER A 1 -3.43 8.91 -10.34
N MET A 2 -2.88 8.33 -9.28
CA MET A 2 -2.49 9.09 -8.11
C MET A 2 -1.03 9.51 -8.18
N ASP A 3 -0.80 10.81 -8.04
CA ASP A 3 0.55 11.30 -7.78
C ASP A 3 0.68 11.59 -6.29
N GLU A 4 0.05 12.70 -5.87
CA GLU A 4 -0.03 13.11 -4.47
C GLU A 4 1.26 12.84 -3.71
N THR A 5 2.34 13.42 -4.21
CA THR A 5 3.64 13.29 -3.58
C THR A 5 3.69 14.06 -2.26
N VAL A 6 3.29 15.35 -2.33
CA VAL A 6 3.19 16.26 -1.16
C VAL A 6 4.44 16.29 -0.27
N LYS A 7 4.42 17.15 0.75
CA LYS A 7 5.59 17.37 1.60
C LYS A 7 5.22 17.30 3.08
N LEU A 8 6.25 17.09 3.92
CA LEU A 8 6.08 16.93 5.37
C LEU A 8 5.35 15.64 5.70
N ASN A 9 4.05 15.63 5.46
CA ASN A 9 3.26 14.43 5.54
C ASN A 9 3.23 13.77 4.17
N HIS A 10 2.99 12.49 4.15
CA HIS A 10 2.61 11.82 2.94
C HIS A 10 1.38 11.02 3.24
N THR A 11 0.44 11.13 2.36
CA THR A 11 -0.88 10.59 2.61
C THR A 11 -0.90 9.08 2.38
N CYS A 12 -1.48 8.36 3.34
CA CYS A 12 -1.63 6.93 3.22
C CYS A 12 -2.65 6.62 2.14
N VAL A 13 -2.20 5.92 1.11
CA VAL A 13 -3.08 5.45 0.04
C VAL A 13 -4.22 4.60 0.60
N ILE A 14 -4.03 4.17 1.83
CA ILE A 14 -4.95 3.27 2.48
C ILE A 14 -5.93 4.04 3.37
N CYS A 15 -5.38 4.73 4.35
CA CYS A 15 -6.18 5.42 5.34
C CYS A 15 -6.69 6.76 4.79
N ASP A 16 -6.03 7.25 3.73
CA ASP A 16 -6.26 8.58 3.17
C ASP A 16 -5.97 9.65 4.20
N GLN A 17 -4.85 9.48 4.89
CA GLN A 17 -4.45 10.36 5.97
C GLN A 17 -3.00 10.81 5.79
N GLU A 18 -2.75 12.06 6.16
CA GLU A 18 -1.43 12.68 6.04
C GLU A 18 -0.51 12.21 7.15
N LYS A 19 0.31 11.24 6.82
CA LYS A 19 1.22 10.64 7.79
C LYS A 19 2.65 10.94 7.42
N ASN A 20 3.47 11.19 8.41
CA ASN A 20 4.87 11.48 8.14
C ASN A 20 5.72 10.23 8.39
N ARG A 21 5.06 9.15 8.78
CA ARG A 21 5.74 7.89 9.07
C ARG A 21 5.11 6.71 8.32
N GLY A 22 5.94 5.99 7.60
CA GLY A 22 5.51 4.88 6.76
C GLY A 22 6.49 4.72 5.62
N ILE A 23 6.12 4.06 4.52
CA ILE A 23 7.02 3.95 3.41
C ILE A 23 6.37 4.53 2.17
N HIS A 24 7.09 4.45 1.08
CA HIS A 24 6.66 5.07 -0.16
C HIS A 24 7.17 4.29 -1.36
N LEU A 25 6.26 3.69 -2.11
CA LEU A 25 6.56 3.08 -3.38
C LEU A 25 6.20 4.08 -4.45
N TYR A 26 6.98 4.17 -5.51
CA TYR A 26 6.63 4.97 -6.68
C TYR A 26 6.47 6.43 -6.28
N THR A 27 5.25 6.94 -6.30
CA THR A 27 4.97 8.30 -5.88
C THR A 27 4.21 8.35 -4.55
N LYS A 28 3.82 7.17 -4.05
CA LYS A 28 2.80 7.10 -3.00
C LYS A 28 3.34 6.59 -1.69
N PHE A 29 2.43 6.46 -0.74
CA PHE A 29 2.78 6.20 0.64
C PHE A 29 1.80 5.22 1.29
N ILE A 30 2.33 4.14 1.84
CA ILE A 30 1.56 3.32 2.73
C ILE A 30 2.01 3.64 4.14
N CYS A 31 1.07 4.05 4.99
CA CYS A 31 1.44 4.39 6.34
C CYS A 31 1.98 3.18 7.04
N LEU A 32 2.87 3.44 7.96
CA LEU A 32 3.66 2.44 8.65
C LEU A 32 2.80 1.33 9.25
N ASP A 33 1.52 1.63 9.42
CA ASP A 33 0.57 0.71 10.02
C ASP A 33 0.06 -0.24 8.99
N CYS A 34 -0.36 0.32 7.87
CA CYS A 34 -0.82 -0.44 6.74
C CYS A 34 0.33 -1.21 6.17
N GLU A 35 1.49 -0.59 6.24
CA GLU A 35 2.69 -1.17 5.72
C GLU A 35 2.98 -2.48 6.44
N ARG A 36 2.74 -2.54 7.74
CA ARG A 36 2.82 -3.80 8.45
C ARG A 36 1.60 -4.69 8.22
N LYS A 37 0.45 -4.06 7.99
CA LYS A 37 -0.81 -4.77 7.87
C LYS A 37 -0.73 -5.72 6.71
N VAL A 38 -0.09 -5.24 5.67
CA VAL A 38 0.01 -5.94 4.43
C VAL A 38 0.69 -7.29 4.60
N ILE A 39 1.82 -7.25 5.29
CA ILE A 39 2.64 -8.42 5.54
C ILE A 39 1.81 -9.43 6.27
N SER A 40 0.95 -8.91 7.10
CA SER A 40 0.15 -9.71 7.96
C SER A 40 -1.06 -10.28 7.22
N THR A 41 -1.61 -9.49 6.32
CA THR A 41 -2.83 -9.83 5.60
C THR A 41 -2.53 -10.77 4.42
N SER A 42 -1.37 -10.58 3.82
CA SER A 42 -0.98 -11.29 2.61
C SER A 42 -0.72 -12.77 2.87
N THR A 43 -0.64 -13.16 4.13
CA THR A 43 -0.19 -14.50 4.45
C THR A 43 -1.23 -15.53 4.02
N SER A 44 -2.50 -15.29 4.36
CA SER A 44 -3.61 -16.12 3.91
C SER A 44 -3.32 -17.62 4.12
N ASP A 45 -4.11 -18.47 3.46
CA ASP A 45 -3.84 -19.90 3.43
C ASP A 45 -4.27 -20.50 2.09
N PRO A 46 -5.54 -20.36 1.67
CA PRO A 46 -5.98 -20.82 0.36
C PRO A 46 -5.92 -19.70 -0.68
N ASP A 47 -6.06 -20.08 -1.94
CA ASP A 47 -6.11 -19.14 -3.06
C ASP A 47 -6.37 -19.89 -4.35
N TYR A 48 -5.47 -20.80 -4.68
CA TYR A 48 -5.58 -21.59 -5.90
C TYR A 48 -6.38 -22.85 -5.62
N ALA A 49 -7.63 -22.85 -6.02
CA ALA A 49 -8.50 -24.00 -5.82
C ALA A 49 -8.57 -24.82 -7.09
N SER B 1 -8.98 10.58 -0.54
CA SER B 1 -10.38 10.12 -0.47
C SER B 1 -10.66 9.03 -1.51
N MET B 2 -9.90 7.96 -1.46
CA MET B 2 -10.05 6.88 -2.43
C MET B 2 -10.99 5.79 -1.92
N ASP B 3 -12.01 5.48 -2.72
CA ASP B 3 -12.79 4.28 -2.50
C ASP B 3 -12.32 3.22 -3.48
N GLU B 4 -12.70 3.40 -4.74
CA GLU B 4 -12.27 2.55 -5.86
C GLU B 4 -12.21 1.08 -5.47
N THR B 5 -13.33 0.56 -5.00
CA THR B 5 -13.43 -0.84 -4.62
C THR B 5 -13.38 -1.74 -5.85
N VAL B 6 -14.24 -1.44 -6.84
CA VAL B 6 -14.30 -2.13 -8.15
C VAL B 6 -14.38 -3.67 -8.04
N LYS B 7 -14.51 -4.33 -9.20
CA LYS B 7 -14.72 -5.78 -9.24
C LYS B 7 -13.76 -6.44 -10.22
N LEU B 8 -13.59 -7.77 -10.05
CA LEU B 8 -12.67 -8.57 -10.86
C LEU B 8 -11.22 -8.17 -10.60
N ASN B 9 -10.83 -7.04 -11.13
CA ASN B 9 -9.55 -6.44 -10.79
C ASN B 9 -9.73 -5.52 -9.61
N HIS B 10 -8.66 -5.30 -8.89
CA HIS B 10 -8.61 -4.21 -7.96
C HIS B 10 -7.35 -3.44 -8.24
N THR B 11 -7.50 -2.15 -8.28
CA THR B 11 -6.43 -1.29 -8.74
C THR B 11 -5.38 -1.08 -7.65
N CYS B 12 -4.12 -1.24 -8.04
CA CYS B 12 -3.02 -1.02 -7.12
C CYS B 12 -2.92 0.46 -6.83
N VAL B 13 -3.09 0.81 -5.55
CA VAL B 13 -2.93 2.18 -5.09
C VAL B 13 -1.54 2.70 -5.44
N ILE B 14 -0.66 1.79 -5.77
CA ILE B 14 0.73 2.11 -6.03
C ILE B 14 0.97 2.26 -7.53
N CYS B 15 0.72 1.18 -8.26
CA CYS B 15 1.00 1.14 -9.68
C CYS B 15 -0.09 1.85 -10.49
N ASP B 16 -1.26 2.01 -9.85
CA ASP B 16 -2.47 2.51 -10.51
C ASP B 16 -2.89 1.59 -11.64
N GLN B 17 -2.86 0.30 -11.35
CA GLN B 17 -3.14 -0.73 -12.34
C GLN B 17 -4.16 -1.73 -11.79
N GLU B 18 -5.03 -2.19 -12.68
CA GLU B 18 -6.10 -3.13 -12.33
C GLU B 18 -5.54 -4.54 -12.21
N LYS B 19 -5.28 -4.93 -10.98
CA LYS B 19 -4.70 -6.23 -10.69
C LYS B 19 -5.69 -7.10 -9.94
N ASN B 20 -5.72 -8.37 -10.27
CA ASN B 20 -6.62 -9.28 -9.59
C ASN B 20 -5.87 -10.06 -8.50
N ARG B 21 -4.58 -9.78 -8.35
CA ARG B 21 -3.74 -10.44 -7.37
C ARG B 21 -2.97 -9.44 -6.50
N GLY B 22 -3.11 -9.61 -5.20
CA GLY B 22 -2.51 -8.70 -4.23
C GLY B 22 -3.36 -8.70 -2.98
N ILE B 23 -3.26 -7.71 -2.11
CA ILE B 23 -4.09 -7.68 -0.93
C ILE B 23 -4.90 -6.40 -0.92
N HIS B 24 -5.68 -6.24 0.12
CA HIS B 24 -6.60 -5.13 0.22
C HIS B 24 -6.82 -4.73 1.66
N LEU B 25 -6.38 -3.52 2.01
CA LEU B 25 -6.66 -2.93 3.29
C LEU B 25 -7.83 -1.98 3.08
N TYR B 26 -8.73 -1.91 4.04
CA TYR B 26 -9.79 -0.91 4.02
C TYR B 26 -10.66 -1.08 2.77
N THR B 27 -10.57 -0.15 1.83
CA THR B 27 -11.29 -0.24 0.57
C THR B 27 -10.35 -0.52 -0.61
N LYS B 28 -9.04 -0.50 -0.34
CA LYS B 28 -8.06 -0.41 -1.41
C LYS B 28 -7.21 -1.64 -1.55
N PHE B 29 -6.28 -1.57 -2.48
CA PHE B 29 -5.52 -2.70 -2.94
C PHE B 29 -4.06 -2.36 -3.18
N ILE B 30 -3.16 -3.08 -2.53
CA ILE B 30 -1.77 -3.05 -2.90
C ILE B 30 -1.49 -4.30 -3.70
N CYS B 31 -1.00 -4.15 -4.93
CA CYS B 31 -0.73 -5.31 -5.74
C CYS B 31 0.34 -6.13 -5.08
N LEU B 32 0.25 -7.42 -5.34
CA LEU B 32 1.05 -8.44 -4.69
C LEU B 32 2.54 -8.13 -4.76
N ASP B 33 2.90 -7.27 -5.70
CA ASP B 33 4.29 -6.92 -5.94
C ASP B 33 4.71 -5.84 -4.98
N CYS B 34 3.88 -4.81 -4.93
CA CYS B 34 4.09 -3.71 -4.01
C CYS B 34 3.92 -4.20 -2.61
N GLU B 35 3.02 -5.15 -2.47
CA GLU B 35 2.73 -5.72 -1.18
C GLU B 35 3.98 -6.36 -0.60
N ARG B 36 4.76 -7.01 -1.43
CA ARG B 36 6.06 -7.51 -0.99
C ARG B 36 7.11 -6.40 -0.90
N LYS B 37 6.98 -5.39 -1.77
CA LYS B 37 7.95 -4.32 -1.88
C LYS B 37 8.08 -3.62 -0.56
N VAL B 38 6.93 -3.45 0.05
CA VAL B 38 6.80 -2.71 1.26
C VAL B 38 7.64 -3.31 2.38
N ILE B 39 7.52 -4.61 2.54
CA ILE B 39 8.21 -5.38 3.55
C ILE B 39 9.68 -5.18 3.37
N SER B 40 10.04 -5.07 2.11
CA SER B 40 11.41 -4.99 1.74
C SER B 40 11.96 -3.57 1.90
N THR B 41 11.10 -2.59 1.63
CA THR B 41 11.50 -1.19 1.65
C THR B 41 11.50 -0.64 3.09
N SER B 42 10.59 -1.14 3.90
CA SER B 42 10.38 -0.64 5.25
C SER B 42 11.54 -0.95 6.18
N THR B 43 12.43 -1.82 5.75
CA THR B 43 13.45 -2.35 6.64
C THR B 43 14.43 -1.24 7.04
N SER B 44 14.92 -0.50 6.04
CA SER B 44 15.78 0.66 6.27
C SER B 44 16.91 0.36 7.27
N ASP B 45 17.54 1.40 7.78
CA ASP B 45 18.53 1.25 8.85
C ASP B 45 18.47 2.45 9.80
N PRO B 46 18.68 3.70 9.29
CA PRO B 46 18.53 4.89 10.12
C PRO B 46 17.13 5.49 10.04
N ASP B 47 16.84 6.42 10.95
CA ASP B 47 15.57 7.14 10.95
C ASP B 47 15.59 8.20 12.04
N TYR B 48 15.76 7.74 13.27
CA TYR B 48 15.81 8.63 14.41
C TYR B 48 17.23 9.09 14.67
N ALA B 49 17.53 10.32 14.26
CA ALA B 49 18.86 10.88 14.44
C ALA B 49 18.87 11.78 15.67
N SER A 1 -3.66 13.93 -11.68
CA SER A 1 -4.95 13.27 -12.00
C SER A 1 -4.85 11.75 -11.82
N MET A 2 -4.05 11.11 -12.65
CA MET A 2 -3.89 9.66 -12.59
C MET A 2 -2.95 9.27 -11.47
N ASP A 3 -1.67 9.57 -11.65
CA ASP A 3 -0.65 9.27 -10.65
C ASP A 3 -0.53 10.45 -9.69
N GLU A 4 -1.37 10.43 -8.66
CA GLU A 4 -1.47 11.54 -7.73
C GLU A 4 -0.25 11.67 -6.84
N THR A 5 0.08 12.91 -6.48
CA THR A 5 1.23 13.21 -5.67
C THR A 5 0.83 13.96 -4.40
N VAL A 6 1.30 13.49 -3.26
CA VAL A 6 1.03 14.17 -1.99
C VAL A 6 2.32 14.75 -1.41
N LYS A 7 2.18 15.76 -0.57
CA LYS A 7 3.33 16.46 -0.01
C LYS A 7 3.18 16.60 1.50
N LEU A 8 4.27 17.00 2.18
CA LEU A 8 4.27 17.18 3.63
C LEU A 8 4.00 15.84 4.32
N ASN A 9 2.97 15.78 5.15
CA ASN A 9 2.51 14.51 5.67
C ASN A 9 1.87 13.76 4.54
N HIS A 10 2.63 12.88 3.93
CA HIS A 10 2.15 12.10 2.80
C HIS A 10 0.92 11.33 3.22
N THR A 11 -0.20 11.65 2.60
CA THR A 11 -1.45 11.00 2.92
C THR A 11 -1.35 9.52 2.61
N CYS A 12 -1.82 8.70 3.53
CA CYS A 12 -1.75 7.27 3.39
C CYS A 12 -2.65 6.80 2.29
N VAL A 13 -2.03 6.10 1.36
CA VAL A 13 -2.70 5.41 0.30
C VAL A 13 -3.77 4.44 0.81
N ILE A 14 -3.74 4.14 2.12
CA ILE A 14 -4.69 3.22 2.70
C ILE A 14 -5.74 3.90 3.57
N CYS A 15 -5.31 4.54 4.66
CA CYS A 15 -6.25 5.05 5.63
C CYS A 15 -6.58 6.51 5.39
N ASP A 16 -6.09 7.05 4.27
CA ASP A 16 -6.44 8.40 3.83
C ASP A 16 -6.04 9.46 4.86
N GLN A 17 -5.05 9.12 5.66
CA GLN A 17 -4.56 10.00 6.70
C GLN A 17 -3.22 10.59 6.33
N GLU A 18 -3.06 11.86 6.62
CA GLU A 18 -1.84 12.60 6.36
C GLU A 18 -0.77 12.23 7.35
N LYS A 19 0.14 11.41 6.89
CA LYS A 19 1.18 10.85 7.74
C LYS A 19 2.56 11.19 7.21
N ASN A 20 3.44 11.61 8.10
CA ASN A 20 4.81 11.86 7.70
C ASN A 20 5.69 10.67 8.08
N ARG A 21 5.04 9.54 8.36
CA ARG A 21 5.73 8.35 8.84
C ARG A 21 5.18 7.09 8.18
N GLY A 22 6.04 6.41 7.43
CA GLY A 22 5.67 5.23 6.69
C GLY A 22 6.66 5.00 5.56
N ILE A 23 6.31 4.27 4.50
CA ILE A 23 7.25 4.01 3.45
C ILE A 23 6.75 4.56 2.13
N HIS A 24 7.55 4.36 1.10
CA HIS A 24 7.28 4.87 -0.24
C HIS A 24 7.82 3.90 -1.27
N LEU A 25 6.95 3.43 -2.14
CA LEU A 25 7.38 2.55 -3.20
C LEU A 25 7.64 3.36 -4.46
N TYR A 26 6.56 3.86 -5.03
CA TYR A 26 6.64 4.63 -6.25
C TYR A 26 6.64 6.11 -5.90
N THR A 27 5.54 6.79 -6.15
CA THR A 27 5.37 8.14 -5.67
C THR A 27 4.35 8.18 -4.53
N LYS A 28 3.91 7.01 -4.09
CA LYS A 28 2.87 6.94 -3.08
C LYS A 28 3.42 6.55 -1.73
N PHE A 29 2.50 6.42 -0.79
CA PHE A 29 2.83 6.26 0.59
C PHE A 29 1.84 5.34 1.28
N ILE A 30 2.29 4.20 1.72
CA ILE A 30 1.53 3.44 2.67
C ILE A 30 2.01 3.86 4.04
N CYS A 31 1.14 4.33 4.91
CA CYS A 31 1.60 4.71 6.24
C CYS A 31 2.06 3.47 6.97
N LEU A 32 3.00 3.71 7.87
CA LEU A 32 3.72 2.67 8.58
C LEU A 32 2.81 1.65 9.25
N ASP A 33 1.57 2.05 9.45
CA ASP A 33 0.59 1.23 10.15
C ASP A 33 0.04 0.22 9.20
N CYS A 34 -0.40 0.74 8.08
CA CYS A 34 -0.96 -0.02 6.99
C CYS A 34 0.13 -0.83 6.33
N GLU A 35 1.30 -0.24 6.30
CA GLU A 35 2.47 -0.83 5.70
C GLU A 35 2.84 -2.11 6.40
N ARG A 36 2.71 -2.12 7.70
CA ARG A 36 2.90 -3.35 8.45
C ARG A 36 1.70 -4.29 8.29
N LYS A 37 0.51 -3.72 8.09
CA LYS A 37 -0.70 -4.50 8.04
C LYS A 37 -0.61 -5.50 6.92
N VAL A 38 -0.07 -5.00 5.83
CA VAL A 38 0.07 -5.77 4.62
C VAL A 38 0.88 -7.03 4.84
N ILE A 39 2.00 -6.87 5.52
CA ILE A 39 2.93 -7.92 5.85
C ILE A 39 2.21 -8.92 6.69
N SER A 40 1.31 -8.41 7.48
CA SER A 40 0.56 -9.22 8.40
C SER A 40 -0.52 -10.00 7.66
N THR A 41 -0.95 -9.45 6.53
CA THR A 41 -2.04 -10.02 5.75
C THR A 41 -1.55 -11.14 4.82
N SER A 42 -0.47 -10.89 4.10
CA SER A 42 -0.06 -11.76 3.00
C SER A 42 0.77 -12.95 3.46
N THR A 43 1.37 -12.86 4.64
CA THR A 43 2.30 -13.89 5.09
C THR A 43 1.58 -15.14 5.60
N SER A 44 0.43 -15.43 5.00
CA SER A 44 -0.32 -16.63 5.31
C SER A 44 -1.13 -17.03 4.08
N ASP A 45 -0.59 -16.67 2.91
CA ASP A 45 -1.27 -16.91 1.65
C ASP A 45 -0.30 -17.48 0.62
N PRO A 46 -0.61 -18.67 0.09
CA PRO A 46 0.21 -19.35 -0.92
C PRO A 46 -0.16 -18.92 -2.32
N ASP A 47 -0.21 -17.61 -2.49
CA ASP A 47 -0.53 -16.95 -3.77
C ASP A 47 -0.01 -17.73 -4.98
N TYR A 48 1.31 -17.84 -5.10
CA TYR A 48 1.90 -18.54 -6.21
C TYR A 48 2.60 -19.82 -5.74
N ALA A 49 2.17 -20.94 -6.30
CA ALA A 49 2.73 -22.24 -5.97
C ALA A 49 2.57 -23.18 -7.15
N SER B 1 -15.11 9.94 -4.12
CA SER B 1 -14.26 11.15 -4.16
C SER B 1 -13.05 11.01 -3.24
N MET B 2 -13.29 10.95 -1.93
CA MET B 2 -12.21 10.82 -0.95
C MET B 2 -11.72 9.39 -0.88
N ASP B 3 -12.56 8.52 -0.32
CA ASP B 3 -12.22 7.11 -0.19
C ASP B 3 -12.69 6.36 -1.43
N GLU B 4 -11.82 6.34 -2.44
CA GLU B 4 -12.16 5.79 -3.73
C GLU B 4 -12.30 4.28 -3.70
N THR B 5 -13.19 3.77 -4.54
CA THR B 5 -13.46 2.34 -4.61
C THR B 5 -13.23 1.82 -6.03
N VAL B 6 -12.50 0.73 -6.16
CA VAL B 6 -12.26 0.10 -7.44
C VAL B 6 -12.94 -1.27 -7.51
N LYS B 7 -13.23 -1.73 -8.71
CA LYS B 7 -13.95 -2.99 -8.90
C LYS B 7 -13.22 -3.86 -9.92
N LEU B 8 -13.62 -5.13 -10.00
CA LEU B 8 -13.03 -6.07 -10.95
C LEU B 8 -11.55 -6.28 -10.63
N ASN B 9 -10.68 -6.03 -11.59
CA ASN B 9 -9.25 -5.98 -11.31
C ASN B 9 -8.99 -4.73 -10.50
N HIS B 10 -8.93 -4.90 -9.20
CA HIS B 10 -8.72 -3.78 -8.30
C HIS B 10 -7.42 -3.08 -8.66
N THR B 11 -7.53 -1.84 -9.09
CA THR B 11 -6.38 -1.07 -9.48
C THR B 11 -5.44 -0.91 -8.31
N CYS B 12 -4.16 -1.12 -8.56
CA CYS B 12 -3.16 -1.04 -7.52
C CYS B 12 -3.00 0.37 -7.04
N VAL B 13 -3.19 0.52 -5.75
CA VAL B 13 -2.92 1.73 -5.03
C VAL B 13 -1.49 2.25 -5.25
N ILE B 14 -0.62 1.39 -5.79
CA ILE B 14 0.76 1.77 -6.01
C ILE B 14 1.09 1.99 -7.48
N CYS B 15 1.00 0.94 -8.29
CA CYS B 15 1.46 1.01 -9.66
C CYS B 15 0.35 1.38 -10.63
N ASP B 16 -0.82 1.72 -10.10
CA ASP B 16 -1.94 2.23 -10.88
C ASP B 16 -2.39 1.23 -11.95
N GLN B 17 -2.13 -0.04 -11.68
CA GLN B 17 -2.47 -1.09 -12.60
C GLN B 17 -3.64 -1.91 -12.08
N GLU B 18 -4.53 -2.25 -12.98
CA GLU B 18 -5.72 -3.02 -12.68
C GLU B 18 -5.35 -4.48 -12.47
N LYS B 19 -5.32 -4.86 -11.23
CA LYS B 19 -4.87 -6.18 -10.83
C LYS B 19 -5.95 -6.91 -10.04
N ASN B 20 -6.17 -8.17 -10.37
CA ASN B 20 -7.11 -8.96 -9.60
C ASN B 20 -6.34 -9.84 -8.62
N ARG B 21 -5.08 -9.49 -8.38
CA ARG B 21 -4.21 -10.30 -7.55
C ARG B 21 -3.36 -9.41 -6.63
N GLY B 22 -3.55 -9.57 -5.34
CA GLY B 22 -2.87 -8.78 -4.33
C GLY B 22 -3.67 -8.80 -3.03
N ILE B 23 -3.50 -7.83 -2.14
CA ILE B 23 -4.22 -7.86 -0.89
C ILE B 23 -5.11 -6.64 -0.74
N HIS B 24 -5.79 -6.58 0.39
CA HIS B 24 -6.74 -5.53 0.69
C HIS B 24 -6.75 -5.26 2.18
N LEU B 25 -6.47 -4.02 2.55
CA LEU B 25 -6.51 -3.63 3.93
C LEU B 25 -7.86 -3.04 4.27
N TYR B 26 -8.11 -1.86 3.73
CA TYR B 26 -9.35 -1.17 3.98
C TYR B 26 -10.31 -1.43 2.82
N THR B 27 -10.51 -0.45 1.98
CA THR B 27 -11.24 -0.66 0.74
C THR B 27 -10.29 -0.62 -0.45
N LYS B 28 -8.99 -0.54 -0.18
CA LYS B 28 -8.01 -0.39 -1.24
C LYS B 28 -7.25 -1.67 -1.49
N PHE B 29 -6.32 -1.57 -2.41
CA PHE B 29 -5.62 -2.71 -2.93
C PHE B 29 -4.18 -2.37 -3.25
N ILE B 30 -3.26 -2.97 -2.53
CA ILE B 30 -1.89 -2.97 -2.97
C ILE B 30 -1.72 -4.23 -3.78
N CYS B 31 -1.28 -4.14 -5.03
CA CYS B 31 -1.09 -5.36 -5.80
C CYS B 31 0.04 -6.15 -5.19
N LEU B 32 -0.06 -7.45 -5.38
CA LEU B 32 0.81 -8.43 -4.76
C LEU B 32 2.28 -8.14 -4.96
N ASP B 33 2.58 -7.33 -5.95
CA ASP B 33 3.94 -7.01 -6.33
C ASP B 33 4.46 -5.95 -5.41
N CYS B 34 3.67 -4.91 -5.34
CA CYS B 34 3.93 -3.76 -4.51
C CYS B 34 3.79 -4.14 -3.05
N GLU B 35 2.85 -5.04 -2.82
CA GLU B 35 2.53 -5.52 -1.50
C GLU B 35 3.72 -6.22 -0.89
N ARG B 36 4.43 -6.97 -1.70
CA ARG B 36 5.68 -7.55 -1.24
C ARG B 36 6.80 -6.51 -1.16
N LYS B 37 6.73 -5.49 -2.00
CA LYS B 37 7.79 -4.51 -2.10
C LYS B 37 7.95 -3.82 -0.77
N VAL B 38 6.81 -3.55 -0.18
CA VAL B 38 6.72 -2.85 1.08
C VAL B 38 7.49 -3.58 2.17
N ILE B 39 7.24 -4.87 2.24
CA ILE B 39 7.85 -5.76 3.20
C ILE B 39 9.34 -5.73 3.00
N SER B 40 9.70 -5.56 1.76
CA SER B 40 11.08 -5.56 1.37
C SER B 40 11.74 -4.24 1.75
N THR B 41 10.92 -3.20 1.82
CA THR B 41 11.38 -1.85 2.09
C THR B 41 11.58 -1.59 3.59
N SER B 42 10.59 -1.96 4.39
CA SER B 42 10.54 -1.54 5.78
C SER B 42 11.36 -2.43 6.71
N THR B 43 11.64 -3.66 6.29
CA THR B 43 12.30 -4.63 7.16
C THR B 43 13.81 -4.37 7.30
N SER B 44 14.18 -3.11 7.25
CA SER B 44 15.55 -2.69 7.45
C SER B 44 15.55 -1.27 8.01
N ASP B 45 14.48 -0.94 8.71
CA ASP B 45 14.30 0.40 9.25
C ASP B 45 13.82 0.34 10.70
N PRO B 46 14.61 0.95 11.61
CA PRO B 46 14.28 0.99 13.04
C PRO B 46 13.38 2.17 13.37
N ASP B 47 12.28 2.26 12.63
CA ASP B 47 11.29 3.32 12.77
C ASP B 47 11.07 3.72 14.23
N TYR B 48 10.57 2.80 15.03
CA TYR B 48 10.30 3.09 16.43
C TYR B 48 11.24 2.29 17.33
N ALA B 49 12.00 3.02 18.16
CA ALA B 49 12.93 2.41 19.07
C ALA B 49 13.13 3.30 20.29
N SER A 1 4.06 12.88 -7.52
CA SER A 1 5.20 12.68 -8.44
C SER A 1 6.50 12.59 -7.65
N MET A 2 7.61 12.36 -8.33
CA MET A 2 8.90 12.31 -7.67
C MET A 2 9.33 13.71 -7.24
N ASP A 3 9.36 14.63 -8.20
CA ASP A 3 9.70 16.02 -7.91
C ASP A 3 8.59 16.70 -7.14
N GLU A 4 8.95 17.77 -6.43
CA GLU A 4 8.02 18.47 -5.56
C GLU A 4 7.51 17.54 -4.46
N THR A 5 8.45 16.88 -3.80
CA THR A 5 8.13 15.93 -2.75
C THR A 5 7.61 16.64 -1.50
N VAL A 6 6.36 16.37 -1.15
CA VAL A 6 5.76 16.97 0.05
C VAL A 6 6.54 16.58 1.29
N LYS A 7 6.53 17.45 2.29
CA LYS A 7 7.33 17.26 3.49
C LYS A 7 6.46 16.97 4.71
N LEU A 8 7.12 16.47 5.76
CA LEU A 8 6.46 16.11 7.02
C LEU A 8 5.47 14.98 6.80
N ASN A 9 4.20 15.33 6.57
CA ASN A 9 3.18 14.32 6.38
C ASN A 9 3.05 13.94 4.90
N HIS A 10 2.99 12.65 4.67
CA HIS A 10 2.54 12.12 3.41
C HIS A 10 1.23 11.41 3.68
N THR A 11 0.29 11.55 2.79
CA THR A 11 -1.03 10.99 3.00
C THR A 11 -1.04 9.52 2.59
N CYS A 12 -1.57 8.69 3.47
CA CYS A 12 -1.60 7.26 3.24
C CYS A 12 -2.58 6.90 2.12
N VAL A 13 -2.12 6.07 1.22
CA VAL A 13 -2.99 5.49 0.19
C VAL A 13 -4.04 4.59 0.83
N ILE A 14 -3.78 4.18 2.06
CA ILE A 14 -4.63 3.20 2.72
C ILE A 14 -5.69 3.86 3.58
N CYS A 15 -5.25 4.58 4.60
CA CYS A 15 -6.17 5.15 5.55
C CYS A 15 -6.45 6.61 5.25
N ASP A 16 -5.87 7.08 4.14
CA ASP A 16 -6.09 8.44 3.63
C ASP A 16 -5.80 9.50 4.68
N GLN A 17 -4.82 9.20 5.52
CA GLN A 17 -4.43 10.08 6.59
C GLN A 17 -3.03 10.63 6.35
N GLU A 18 -2.83 11.86 6.78
CA GLU A 18 -1.54 12.54 6.68
C GLU A 18 -0.59 12.02 7.72
N LYS A 19 0.26 11.11 7.30
CA LYS A 19 1.19 10.45 8.19
C LYS A 19 2.60 10.90 7.90
N ASN A 20 3.35 11.16 8.94
CA ASN A 20 4.70 11.68 8.77
C ASN A 20 5.72 10.56 8.79
N ARG A 21 5.27 9.32 8.97
CA ARG A 21 6.16 8.17 8.89
C ARG A 21 5.49 6.99 8.19
N GLY A 22 6.28 6.30 7.39
CA GLY A 22 5.81 5.16 6.61
C GLY A 22 6.74 4.95 5.43
N ILE A 23 6.29 4.29 4.37
CA ILE A 23 7.16 4.06 3.25
C ILE A 23 6.59 4.69 1.99
N HIS A 24 7.31 4.52 0.92
CA HIS A 24 6.96 5.12 -0.36
C HIS A 24 7.61 4.32 -1.48
N LEU A 25 6.78 3.65 -2.28
CA LEU A 25 7.25 2.77 -3.31
C LEU A 25 7.50 3.54 -4.59
N TYR A 26 6.43 4.05 -5.15
CA TYR A 26 6.50 4.83 -6.37
C TYR A 26 6.50 6.30 -6.01
N THR A 27 5.38 6.96 -6.20
CA THR A 27 5.20 8.31 -5.71
C THR A 27 4.23 8.30 -4.52
N LYS A 28 3.81 7.10 -4.12
CA LYS A 28 2.77 6.96 -3.12
C LYS A 28 3.34 6.78 -1.74
N PHE A 29 2.44 6.61 -0.80
CA PHE A 29 2.79 6.44 0.58
C PHE A 29 1.81 5.51 1.29
N ILE A 30 2.29 4.36 1.70
CA ILE A 30 1.58 3.57 2.68
C ILE A 30 2.14 3.94 4.04
N CYS A 31 1.28 4.38 4.94
CA CYS A 31 1.77 4.77 6.24
C CYS A 31 2.23 3.55 6.99
N LEU A 32 3.14 3.80 7.88
CA LEU A 32 3.88 2.79 8.60
C LEU A 32 2.98 1.76 9.26
N ASP A 33 1.75 2.15 9.51
CA ASP A 33 0.80 1.32 10.22
C ASP A 33 0.21 0.33 9.25
N CYS A 34 -0.18 0.86 8.11
CA CYS A 34 -0.76 0.09 7.04
C CYS A 34 0.32 -0.74 6.36
N GLU A 35 1.50 -0.16 6.32
CA GLU A 35 2.66 -0.79 5.74
C GLU A 35 2.96 -2.10 6.43
N ARG A 36 2.79 -2.13 7.73
CA ARG A 36 2.87 -3.39 8.46
C ARG A 36 1.61 -4.24 8.26
N LYS A 37 0.48 -3.58 8.03
CA LYS A 37 -0.80 -4.24 7.96
C LYS A 37 -0.80 -5.18 6.79
N VAL A 38 -0.19 -4.71 5.73
CA VAL A 38 -0.08 -5.46 4.50
C VAL A 38 0.64 -6.78 4.73
N ILE A 39 1.72 -6.72 5.47
CA ILE A 39 2.58 -7.86 5.76
C ILE A 39 1.79 -8.85 6.57
N SER A 40 0.86 -8.32 7.31
CA SER A 40 -0.01 -9.13 8.11
C SER A 40 -1.06 -9.82 7.23
N THR A 41 -1.44 -9.13 6.16
CA THR A 41 -2.42 -9.64 5.22
C THR A 41 -1.78 -10.59 4.19
N SER A 42 -0.53 -10.31 3.86
CA SER A 42 0.22 -11.04 2.84
C SER A 42 0.54 -12.47 3.25
N THR A 43 0.20 -12.81 4.47
CA THR A 43 0.56 -14.10 5.08
C THR A 43 -0.16 -15.29 4.44
N SER A 44 -0.12 -15.33 3.10
CA SER A 44 -0.70 -16.41 2.30
C SER A 44 -2.18 -16.17 2.06
N ASP A 45 -2.48 -15.57 0.91
CA ASP A 45 -3.86 -15.33 0.50
C ASP A 45 -4.01 -15.67 -0.98
N PRO A 46 -4.34 -16.92 -1.29
CA PRO A 46 -4.51 -17.38 -2.67
C PRO A 46 -5.85 -16.94 -3.23
N ASP A 47 -5.96 -16.97 -4.54
CA ASP A 47 -7.19 -16.58 -5.22
C ASP A 47 -8.04 -17.81 -5.49
N TYR A 48 -7.39 -18.96 -5.46
CA TYR A 48 -8.07 -20.23 -5.62
C TYR A 48 -7.81 -21.13 -4.42
N ALA A 49 -8.87 -21.43 -3.67
CA ALA A 49 -8.79 -22.30 -2.50
C ALA A 49 -7.87 -21.73 -1.44
N SER B 1 -15.26 1.41 -1.87
CA SER B 1 -16.02 1.14 -0.64
C SER B 1 -16.08 -0.36 -0.38
N MET B 2 -16.68 -0.76 0.73
CA MET B 2 -16.82 -2.18 1.03
C MET B 2 -17.85 -2.82 0.10
N ASP B 3 -19.05 -2.25 0.08
CA ASP B 3 -20.11 -2.73 -0.80
C ASP B 3 -19.81 -2.40 -2.25
N GLU B 4 -20.41 -3.15 -3.17
CA GLU B 4 -20.14 -3.03 -4.59
C GLU B 4 -18.68 -3.32 -4.87
N THR B 5 -18.20 -4.45 -4.35
CA THR B 5 -16.82 -4.87 -4.50
C THR B 5 -16.54 -5.29 -5.95
N VAL B 6 -15.66 -4.55 -6.62
CA VAL B 6 -15.27 -4.88 -7.99
C VAL B 6 -14.65 -6.27 -8.07
N LYS B 7 -14.82 -6.93 -9.20
CA LYS B 7 -14.39 -8.30 -9.37
C LYS B 7 -13.20 -8.43 -10.32
N LEU B 8 -12.55 -9.59 -10.28
CA LEU B 8 -11.38 -9.88 -11.09
C LEU B 8 -10.22 -8.95 -10.75
N ASN B 9 -10.11 -7.84 -11.48
CA ASN B 9 -9.02 -6.91 -11.24
C ASN B 9 -9.41 -5.86 -10.22
N HIS B 10 -8.53 -5.64 -9.28
CA HIS B 10 -8.57 -4.46 -8.45
C HIS B 10 -7.37 -3.62 -8.82
N THR B 11 -7.56 -2.32 -8.86
CA THR B 11 -6.49 -1.44 -9.30
C THR B 11 -5.57 -1.12 -8.13
N CYS B 12 -4.28 -1.27 -8.37
CA CYS B 12 -3.28 -1.06 -7.34
C CYS B 12 -3.18 0.41 -6.97
N VAL B 13 -3.18 0.68 -5.67
CA VAL B 13 -2.91 2.02 -5.15
C VAL B 13 -1.48 2.44 -5.47
N ILE B 14 -0.64 1.45 -5.79
CA ILE B 14 0.77 1.70 -5.98
C ILE B 14 1.13 1.94 -7.43
N CYS B 15 0.93 0.92 -8.25
CA CYS B 15 1.33 0.99 -9.63
C CYS B 15 0.16 1.37 -10.54
N ASP B 16 -0.99 1.64 -9.91
CA ASP B 16 -2.19 2.09 -10.59
C ASP B 16 -2.60 1.16 -11.72
N GLN B 17 -2.34 -0.11 -11.53
CA GLN B 17 -2.63 -1.13 -12.51
C GLN B 17 -3.73 -2.05 -12.01
N GLU B 18 -4.54 -2.53 -12.95
CA GLU B 18 -5.62 -3.46 -12.67
C GLU B 18 -5.08 -4.84 -12.46
N LYS B 19 -4.93 -5.19 -11.20
CA LYS B 19 -4.35 -6.46 -10.83
C LYS B 19 -5.39 -7.37 -10.22
N ASN B 20 -5.37 -8.62 -10.60
CA ASN B 20 -6.40 -9.55 -10.15
C ASN B 20 -5.94 -10.31 -8.93
N ARG B 21 -4.71 -10.05 -8.47
CA ARG B 21 -4.23 -10.65 -7.24
C ARG B 21 -3.40 -9.66 -6.42
N GLY B 22 -3.59 -9.72 -5.11
CA GLY B 22 -2.92 -8.84 -4.17
C GLY B 22 -3.73 -8.78 -2.89
N ILE B 23 -3.58 -7.74 -2.08
CA ILE B 23 -4.31 -7.67 -0.85
C ILE B 23 -5.20 -6.45 -0.82
N HIS B 24 -5.90 -6.30 0.27
CA HIS B 24 -6.87 -5.23 0.45
C HIS B 24 -7.08 -4.98 1.94
N LEU B 25 -6.63 -3.81 2.40
CA LEU B 25 -6.67 -3.49 3.80
C LEU B 25 -8.00 -2.87 4.17
N TYR B 26 -8.24 -1.69 3.62
CA TYR B 26 -9.48 -0.99 3.87
C TYR B 26 -10.44 -1.26 2.71
N THR B 27 -10.58 -0.30 1.83
CA THR B 27 -11.29 -0.51 0.59
C THR B 27 -10.31 -0.54 -0.58
N LYS B 28 -9.03 -0.43 -0.26
CA LYS B 28 -7.99 -0.30 -1.28
C LYS B 28 -7.39 -1.62 -1.66
N PHE B 29 -6.42 -1.52 -2.54
CA PHE B 29 -5.74 -2.68 -3.06
C PHE B 29 -4.28 -2.37 -3.36
N ILE B 30 -3.39 -2.96 -2.61
CA ILE B 30 -1.99 -3.04 -3.02
C ILE B 30 -1.83 -4.33 -3.77
N CYS B 31 -1.36 -4.28 -5.00
CA CYS B 31 -1.21 -5.50 -5.76
C CYS B 31 -0.08 -6.30 -5.17
N LEU B 32 -0.19 -7.59 -5.39
CA LEU B 32 0.66 -8.59 -4.78
C LEU B 32 2.14 -8.29 -4.95
N ASP B 33 2.45 -7.53 -5.97
CA ASP B 33 3.83 -7.24 -6.32
C ASP B 33 4.34 -6.13 -5.44
N CYS B 34 3.52 -5.11 -5.31
CA CYS B 34 3.80 -3.96 -4.49
C CYS B 34 3.65 -4.33 -3.03
N GLU B 35 2.72 -5.22 -2.78
CA GLU B 35 2.45 -5.72 -1.45
C GLU B 35 3.69 -6.36 -0.84
N ARG B 36 4.42 -7.06 -1.66
CA ARG B 36 5.73 -7.56 -1.24
C ARG B 36 6.79 -6.45 -1.22
N LYS B 37 6.61 -5.46 -2.09
CA LYS B 37 7.59 -4.41 -2.27
C LYS B 37 7.73 -3.64 -0.99
N VAL B 38 6.59 -3.43 -0.38
CA VAL B 38 6.50 -2.71 0.87
C VAL B 38 7.34 -3.36 1.96
N ILE B 39 7.24 -4.67 2.04
CA ILE B 39 7.91 -5.48 3.03
C ILE B 39 9.39 -5.38 2.81
N SER B 40 9.73 -5.15 1.56
CA SER B 40 11.10 -4.98 1.19
C SER B 40 11.60 -3.60 1.59
N THR B 41 10.70 -2.64 1.58
CA THR B 41 11.00 -1.26 1.94
C THR B 41 10.95 -1.07 3.47
N SER B 42 10.08 -1.81 4.12
CA SER B 42 9.81 -1.71 5.55
C SER B 42 11.00 -2.18 6.40
N THR B 43 12.02 -2.71 5.74
CA THR B 43 13.16 -3.34 6.40
C THR B 43 14.04 -2.35 7.17
N SER B 44 13.39 -1.52 7.99
CA SER B 44 14.03 -0.53 8.85
C SER B 44 14.32 0.76 8.08
N ASP B 45 13.40 1.71 8.20
CA ASP B 45 13.55 3.02 7.59
C ASP B 45 13.12 4.10 8.58
N PRO B 46 14.07 4.59 9.40
CA PRO B 46 13.80 5.62 10.38
C PRO B 46 13.72 7.00 9.75
N ASP B 47 13.11 7.93 10.46
CA ASP B 47 12.96 9.29 9.98
C ASP B 47 14.12 10.15 10.49
N TYR B 48 14.76 9.66 11.54
CA TYR B 48 15.92 10.32 12.11
C TYR B 48 17.10 9.37 12.13
N ALA B 49 18.14 9.70 11.36
CA ALA B 49 19.36 8.90 11.28
C ALA B 49 19.08 7.49 10.76
N SER A 1 -8.80 11.94 3.94
CA SER A 1 -9.34 12.01 2.57
C SER A 1 -8.71 13.19 1.84
N MET A 2 -8.45 12.99 0.53
CA MET A 2 -7.83 14.02 -0.31
C MET A 2 -6.39 14.29 0.11
N ASP A 3 -5.45 13.72 -0.64
CA ASP A 3 -4.03 13.94 -0.40
C ASP A 3 -3.68 15.40 -0.65
N GLU A 4 -3.30 16.11 0.40
CA GLU A 4 -3.05 17.53 0.29
C GLU A 4 -1.71 17.90 0.91
N THR A 5 -1.59 17.73 2.22
CA THR A 5 -0.40 18.15 2.95
C THR A 5 0.75 17.15 2.81
N VAL A 6 0.93 16.65 1.59
CA VAL A 6 1.91 15.60 1.31
C VAL A 6 3.34 16.12 1.35
N LYS A 7 3.49 17.44 1.37
CA LYS A 7 4.81 18.06 1.31
C LYS A 7 5.56 17.84 2.62
N LEU A 8 4.82 17.60 3.69
CA LEU A 8 5.43 17.25 4.97
C LEU A 8 4.89 15.90 5.45
N ASN A 9 3.58 15.76 5.51
CA ASN A 9 2.97 14.50 5.90
C ASN A 9 2.39 13.81 4.68
N HIS A 10 3.15 12.88 4.12
CA HIS A 10 2.70 12.13 2.95
C HIS A 10 1.39 11.41 3.26
N THR A 11 0.37 11.67 2.45
CA THR A 11 -0.93 11.09 2.69
C THR A 11 -0.94 9.61 2.36
N CYS A 12 -1.50 8.82 3.27
CA CYS A 12 -1.55 7.40 3.08
C CYS A 12 -2.54 7.02 1.98
N VAL A 13 -2.08 6.17 1.07
CA VAL A 13 -2.93 5.62 0.01
C VAL A 13 -4.01 4.72 0.60
N ILE A 14 -3.74 4.22 1.80
CA ILE A 14 -4.63 3.26 2.44
C ILE A 14 -5.63 3.96 3.33
N CYS A 15 -5.10 4.64 4.33
CA CYS A 15 -5.90 5.21 5.39
C CYS A 15 -6.19 6.68 5.12
N ASP A 16 -5.81 7.14 3.93
CA ASP A 16 -6.12 8.50 3.39
C ASP A 16 -5.85 9.63 4.36
N GLN A 17 -4.86 9.43 5.17
CA GLN A 17 -4.42 10.43 6.13
C GLN A 17 -3.00 10.89 5.83
N GLU A 18 -2.72 12.10 6.23
CA GLU A 18 -1.44 12.75 6.00
C GLU A 18 -0.45 12.39 7.08
N LYS A 19 0.40 11.43 6.76
CA LYS A 19 1.36 10.87 7.71
C LYS A 19 2.78 11.12 7.25
N ASN A 20 3.63 11.52 8.16
CA ASN A 20 5.03 11.73 7.83
C ASN A 20 5.85 10.49 8.18
N ARG A 21 5.18 9.49 8.77
CA ARG A 21 5.86 8.25 9.14
C ARG A 21 5.17 7.02 8.50
N GLY A 22 5.97 6.25 7.78
CA GLY A 22 5.50 5.05 7.09
C GLY A 22 6.52 4.70 6.01
N ILE A 23 6.08 4.17 4.87
CA ILE A 23 7.01 3.95 3.79
C ILE A 23 6.44 4.53 2.50
N HIS A 24 7.19 4.40 1.44
CA HIS A 24 6.82 5.01 0.18
C HIS A 24 7.40 4.27 -1.00
N LEU A 25 6.52 3.72 -1.82
CA LEU A 25 6.89 3.08 -3.03
C LEU A 25 6.52 4.01 -4.16
N TYR A 26 7.36 4.09 -5.18
CA TYR A 26 7.05 4.88 -6.36
C TYR A 26 6.92 6.34 -5.92
N THR A 27 5.73 6.90 -6.10
CA THR A 27 5.44 8.23 -5.61
C THR A 27 4.45 8.20 -4.45
N LYS A 28 4.08 6.99 -4.00
CA LYS A 28 3.01 6.84 -3.02
C LYS A 28 3.53 6.66 -1.62
N PHE A 29 2.59 6.48 -0.72
CA PHE A 29 2.87 6.35 0.69
C PHE A 29 1.86 5.42 1.36
N ILE A 30 2.33 4.28 1.82
CA ILE A 30 1.56 3.46 2.73
C ILE A 30 2.01 3.86 4.12
N CYS A 31 1.10 4.32 4.97
CA CYS A 31 1.56 4.75 6.26
C CYS A 31 1.91 3.55 7.11
N LEU A 32 2.64 3.82 8.13
CA LEU A 32 3.33 2.81 8.89
C LEU A 32 2.40 1.74 9.43
N ASP A 33 1.13 2.03 9.48
CA ASP A 33 0.18 1.17 10.10
C ASP A 33 -0.20 0.04 9.15
N CYS A 34 -0.62 0.45 7.98
CA CYS A 34 -1.06 -0.37 6.91
C CYS A 34 0.11 -1.11 6.32
N GLU A 35 1.22 -0.42 6.34
CA GLU A 35 2.46 -0.97 5.85
C GLU A 35 2.79 -2.28 6.54
N ARG A 36 2.64 -2.32 7.84
CA ARG A 36 2.78 -3.58 8.54
C ARG A 36 1.57 -4.50 8.33
N LYS A 37 0.42 -3.88 8.09
CA LYS A 37 -0.83 -4.60 8.00
C LYS A 37 -0.77 -5.55 6.84
N VAL A 38 -0.16 -5.05 5.79
CA VAL A 38 0.05 -5.82 4.58
C VAL A 38 0.85 -7.08 4.85
N ILE A 39 1.93 -6.90 5.59
CA ILE A 39 2.84 -7.97 5.95
C ILE A 39 2.11 -8.94 6.84
N SER A 40 1.13 -8.41 7.55
CA SER A 40 0.34 -9.20 8.44
C SER A 40 -0.70 -9.99 7.63
N THR A 41 -1.00 -9.48 6.46
CA THR A 41 -1.97 -10.07 5.56
C THR A 41 -1.37 -11.20 4.71
N SER A 42 -0.30 -10.88 4.00
CA SER A 42 0.21 -11.74 2.93
C SER A 42 1.11 -12.88 3.42
N THR A 43 1.54 -12.82 4.66
CA THR A 43 2.46 -13.83 5.17
C THR A 43 1.73 -15.12 5.56
N SER A 44 0.78 -15.50 4.72
CA SER A 44 0.06 -16.75 4.85
C SER A 44 -0.33 -17.25 3.46
N ASP A 45 0.30 -16.66 2.45
CA ASP A 45 -0.01 -16.98 1.06
C ASP A 45 0.65 -18.30 0.66
N PRO A 46 -0.16 -19.26 0.18
CA PRO A 46 0.32 -20.58 -0.21
C PRO A 46 1.21 -20.55 -1.46
N ASP A 47 1.05 -19.52 -2.29
CA ASP A 47 1.85 -19.38 -3.52
C ASP A 47 1.75 -20.64 -4.38
N TYR A 48 0.65 -20.74 -5.13
CA TYR A 48 0.37 -21.85 -6.00
C TYR A 48 0.56 -23.19 -5.30
N ALA A 49 -0.28 -23.44 -4.31
CA ALA A 49 -0.28 -24.70 -3.56
C ALA A 49 0.99 -24.87 -2.72
N SER B 1 -3.65 3.89 -14.39
CA SER B 1 -4.19 5.18 -13.92
C SER B 1 -5.71 5.14 -13.92
N MET B 2 -6.32 5.78 -12.93
CA MET B 2 -7.78 5.81 -12.77
C MET B 2 -8.35 4.43 -12.48
N ASP B 3 -8.65 4.21 -11.20
CA ASP B 3 -9.27 2.96 -10.76
C ASP B 3 -10.66 2.82 -11.38
N GLU B 4 -10.81 1.83 -12.24
CA GLU B 4 -12.06 1.67 -12.98
C GLU B 4 -12.57 0.23 -12.90
N THR B 5 -11.81 -0.70 -13.46
CA THR B 5 -12.24 -2.08 -13.56
C THR B 5 -12.00 -2.85 -12.26
N VAL B 6 -12.31 -2.19 -11.14
CA VAL B 6 -12.04 -2.72 -9.82
C VAL B 6 -12.99 -3.86 -9.45
N LYS B 7 -14.05 -4.02 -10.24
CA LYS B 7 -15.07 -5.02 -9.95
C LYS B 7 -14.53 -6.43 -10.18
N LEU B 8 -13.52 -6.54 -11.01
CA LEU B 8 -12.84 -7.81 -11.21
C LEU B 8 -11.36 -7.69 -10.89
N ASN B 9 -10.69 -6.72 -11.50
CA ASN B 9 -9.29 -6.46 -11.21
C ASN B 9 -9.15 -5.21 -10.35
N HIS B 10 -9.03 -5.41 -9.05
CA HIS B 10 -8.87 -4.30 -8.13
C HIS B 10 -7.65 -3.47 -8.51
N THR B 11 -7.85 -2.18 -8.72
CA THR B 11 -6.76 -1.32 -9.15
C THR B 11 -5.79 -1.06 -8.01
N CYS B 12 -4.51 -1.19 -8.30
CA CYS B 12 -3.49 -0.99 -7.31
C CYS B 12 -3.37 0.48 -6.93
N VAL B 13 -3.35 0.74 -5.62
CA VAL B 13 -3.13 2.08 -5.10
C VAL B 13 -1.71 2.55 -5.40
N ILE B 14 -0.82 1.59 -5.63
CA ILE B 14 0.57 1.89 -5.83
C ILE B 14 0.90 2.05 -7.31
N CYS B 15 0.67 1.00 -8.05
CA CYS B 15 1.08 0.91 -9.43
C CYS B 15 -0.07 1.27 -10.37
N ASP B 16 -1.18 1.73 -9.78
CA ASP B 16 -2.36 2.27 -10.49
C ASP B 16 -2.85 1.42 -11.65
N GLN B 17 -2.67 0.14 -11.49
CA GLN B 17 -3.14 -0.83 -12.46
C GLN B 17 -4.19 -1.74 -11.87
N GLU B 18 -5.02 -2.25 -12.74
CA GLU B 18 -6.15 -3.09 -12.38
C GLU B 18 -5.71 -4.54 -12.27
N LYS B 19 -5.49 -4.96 -11.04
CA LYS B 19 -4.95 -6.28 -10.73
C LYS B 19 -5.95 -7.09 -9.91
N ASN B 20 -6.14 -8.33 -10.26
CA ASN B 20 -7.02 -9.20 -9.51
C ASN B 20 -6.21 -10.01 -8.50
N ARG B 21 -4.89 -9.87 -8.53
CA ARG B 21 -4.01 -10.57 -7.59
C ARG B 21 -3.12 -9.61 -6.80
N GLY B 22 -3.22 -9.73 -5.49
CA GLY B 22 -2.47 -8.92 -4.54
C GLY B 22 -3.15 -8.98 -3.19
N ILE B 23 -3.16 -7.90 -2.41
CA ILE B 23 -3.89 -7.91 -1.17
C ILE B 23 -4.76 -6.68 -1.10
N HIS B 24 -5.50 -6.55 -0.02
CA HIS B 24 -6.46 -5.49 0.12
C HIS B 24 -6.72 -5.15 1.58
N LEU B 25 -6.36 -3.93 1.95
CA LEU B 25 -6.64 -3.42 3.24
C LEU B 25 -7.77 -2.42 3.12
N TYR B 26 -8.68 -2.42 4.07
CA TYR B 26 -9.76 -1.45 4.09
C TYR B 26 -10.61 -1.67 2.84
N THR B 27 -10.65 -0.67 1.98
CA THR B 27 -11.31 -0.80 0.69
C THR B 27 -10.30 -0.78 -0.46
N LYS B 28 -9.01 -0.75 -0.13
CA LYS B 28 -7.96 -0.56 -1.14
C LYS B 28 -7.33 -1.85 -1.57
N PHE B 29 -6.36 -1.70 -2.43
CA PHE B 29 -5.65 -2.82 -3.02
C PHE B 29 -4.20 -2.45 -3.32
N ILE B 30 -3.29 -3.07 -2.61
CA ILE B 30 -1.89 -3.05 -3.00
C ILE B 30 -1.67 -4.29 -3.83
N CYS B 31 -1.23 -4.16 -5.08
CA CYS B 31 -1.09 -5.36 -5.86
C CYS B 31 0.12 -6.13 -5.41
N LEU B 32 0.15 -7.35 -5.79
CA LEU B 32 1.02 -8.35 -5.23
C LEU B 32 2.49 -7.94 -5.33
N ASP B 33 2.79 -7.00 -6.20
CA ASP B 33 4.15 -6.66 -6.47
C ASP B 33 4.68 -5.73 -5.39
N CYS B 34 3.93 -4.67 -5.20
CA CYS B 34 4.20 -3.61 -4.26
C CYS B 34 4.00 -4.11 -2.86
N GLU B 35 3.04 -4.99 -2.76
CA GLU B 35 2.72 -5.62 -1.50
C GLU B 35 3.94 -6.29 -0.88
N ARG B 36 4.69 -6.99 -1.68
CA ARG B 36 5.96 -7.53 -1.20
C ARG B 36 7.02 -6.44 -1.10
N LYS B 37 6.90 -5.41 -1.94
CA LYS B 37 7.90 -4.37 -2.06
C LYS B 37 8.00 -3.66 -0.75
N VAL B 38 6.85 -3.46 -0.15
CA VAL B 38 6.75 -2.83 1.13
C VAL B 38 7.54 -3.58 2.20
N ILE B 39 7.34 -4.89 2.20
CA ILE B 39 7.98 -5.79 3.14
C ILE B 39 9.47 -5.77 2.87
N SER B 40 9.80 -5.49 1.64
CA SER B 40 11.18 -5.44 1.24
C SER B 40 11.78 -4.11 1.68
N THR B 41 10.91 -3.13 1.88
CA THR B 41 11.31 -1.79 2.29
C THR B 41 11.50 -1.68 3.81
N SER B 42 10.47 -2.05 4.56
CA SER B 42 10.38 -1.72 5.97
C SER B 42 11.14 -2.70 6.88
N THR B 43 11.56 -3.84 6.35
CA THR B 43 12.22 -4.85 7.17
C THR B 43 13.69 -4.49 7.40
N SER B 44 13.94 -3.22 7.65
CA SER B 44 15.24 -2.72 8.02
C SER B 44 15.08 -1.51 8.94
N ASP B 45 13.86 -1.35 9.46
CA ASP B 45 13.53 -0.22 10.32
C ASP B 45 14.07 -0.43 11.72
N PRO B 46 14.88 0.53 12.20
CA PRO B 46 15.51 0.44 13.53
C PRO B 46 14.51 0.56 14.68
N ASP B 47 13.36 1.18 14.41
CA ASP B 47 12.31 1.36 15.43
C ASP B 47 12.87 2.02 16.69
N TYR B 48 13.00 3.35 16.62
CA TYR B 48 13.53 4.16 17.70
C TYR B 48 14.83 3.59 18.26
N ALA B 49 15.86 3.60 17.42
CA ALA B 49 17.21 3.15 17.80
C ALA B 49 17.25 1.66 18.07
N SER A 1 -6.27 5.48 -9.93
CA SER A 1 -6.17 6.79 -9.25
C SER A 1 -5.22 7.71 -10.02
N MET A 2 -4.22 7.10 -10.64
CA MET A 2 -3.23 7.81 -11.46
C MET A 2 -2.35 8.70 -10.59
N ASP A 3 -1.66 8.04 -9.64
CA ASP A 3 -0.70 8.67 -8.71
C ASP A 3 -1.15 10.03 -8.17
N GLU A 4 -1.79 9.99 -7.01
CA GLU A 4 -2.15 11.19 -6.28
C GLU A 4 -0.92 11.82 -5.61
N THR A 5 -0.90 13.15 -5.54
CA THR A 5 0.21 13.86 -4.96
C THR A 5 0.09 13.97 -3.45
N VAL A 6 1.20 13.77 -2.76
CA VAL A 6 1.22 13.83 -1.29
C VAL A 6 2.12 14.97 -0.81
N LYS A 7 1.73 15.60 0.31
CA LYS A 7 2.44 16.76 0.82
C LYS A 7 3.37 16.39 1.99
N LEU A 8 3.73 17.39 2.82
CA LEU A 8 4.71 17.18 3.90
C LEU A 8 4.45 15.91 4.70
N ASN A 9 3.23 15.75 5.21
CA ASN A 9 2.82 14.47 5.75
C ASN A 9 2.24 13.68 4.62
N HIS A 10 3.02 12.76 4.08
CA HIS A 10 2.57 11.98 2.95
C HIS A 10 1.30 11.24 3.34
N THR A 11 0.32 11.31 2.47
CA THR A 11 -0.98 10.75 2.78
C THR A 11 -1.00 9.27 2.45
N CYS A 12 -1.55 8.51 3.36
CA CYS A 12 -1.62 7.07 3.20
C CYS A 12 -2.59 6.70 2.10
N VAL A 13 -2.12 5.93 1.14
CA VAL A 13 -2.98 5.37 0.12
C VAL A 13 -4.03 4.47 0.74
N ILE A 14 -3.77 4.03 1.98
CA ILE A 14 -4.64 3.09 2.63
C ILE A 14 -5.71 3.78 3.46
N CYS A 15 -5.28 4.52 4.47
CA CYS A 15 -6.20 5.12 5.40
C CYS A 15 -6.42 6.60 5.08
N ASP A 16 -5.82 7.04 3.97
CA ASP A 16 -5.98 8.41 3.47
C ASP A 16 -5.68 9.47 4.52
N GLN A 17 -4.76 9.15 5.40
CA GLN A 17 -4.36 10.05 6.45
C GLN A 17 -2.99 10.62 6.15
N GLU A 18 -2.80 11.86 6.54
CA GLU A 18 -1.57 12.59 6.30
C GLU A 18 -0.54 12.26 7.37
N LYS A 19 0.39 11.41 6.99
CA LYS A 19 1.37 10.87 7.92
C LYS A 19 2.77 11.21 7.47
N ASN A 20 3.64 11.53 8.41
CA ASN A 20 5.01 11.84 8.06
C ASN A 20 5.90 10.63 8.35
N ARG A 21 5.27 9.52 8.73
CA ARG A 21 5.98 8.29 9.05
C ARG A 21 5.35 7.08 8.37
N GLY A 22 6.17 6.36 7.63
CA GLY A 22 5.73 5.21 6.85
C GLY A 22 6.65 5.02 5.66
N ILE A 23 6.23 4.34 4.60
CA ILE A 23 7.12 4.11 3.50
C ILE A 23 6.53 4.72 2.23
N HIS A 24 7.29 4.57 1.16
CA HIS A 24 6.92 5.12 -0.13
C HIS A 24 7.59 4.31 -1.24
N LEU A 25 6.77 3.66 -2.05
CA LEU A 25 7.27 2.81 -3.10
C LEU A 25 7.54 3.62 -4.34
N TYR A 26 6.48 4.16 -4.91
CA TYR A 26 6.59 4.98 -6.09
C TYR A 26 6.59 6.44 -5.68
N THR A 27 5.50 7.13 -5.93
CA THR A 27 5.30 8.46 -5.39
C THR A 27 4.27 8.39 -4.27
N LYS A 28 3.87 7.17 -3.92
CA LYS A 28 2.81 6.96 -2.96
C LYS A 28 3.34 6.78 -1.58
N PHE A 29 2.41 6.56 -0.67
CA PHE A 29 2.73 6.39 0.73
C PHE A 29 1.77 5.44 1.40
N ILE A 30 2.28 4.32 1.87
CA ILE A 30 1.54 3.51 2.82
C ILE A 30 2.07 3.86 4.19
N CYS A 31 1.20 4.30 5.09
CA CYS A 31 1.67 4.69 6.39
C CYS A 31 2.13 3.46 7.12
N LEU A 32 3.05 3.70 8.01
CA LEU A 32 3.79 2.68 8.73
C LEU A 32 2.88 1.66 9.40
N ASP A 33 1.63 2.05 9.59
CA ASP A 33 0.64 1.24 10.27
C ASP A 33 0.10 0.22 9.30
N CYS A 34 -0.31 0.74 8.18
CA CYS A 34 -0.88 -0.03 7.10
C CYS A 34 0.20 -0.84 6.42
N GLU A 35 1.39 -0.27 6.40
CA GLU A 35 2.54 -0.89 5.80
C GLU A 35 2.85 -2.22 6.48
N ARG A 36 2.71 -2.25 7.77
CA ARG A 36 2.82 -3.52 8.49
C ARG A 36 1.58 -4.37 8.30
N LYS A 37 0.44 -3.73 8.08
CA LYS A 37 -0.85 -4.40 8.00
C LYS A 37 -0.82 -5.35 6.84
N VAL A 38 -0.19 -4.87 5.77
CA VAL A 38 -0.10 -5.61 4.54
C VAL A 38 0.59 -6.95 4.74
N ILE A 39 1.73 -6.89 5.41
CA ILE A 39 2.56 -8.04 5.69
C ILE A 39 1.75 -9.03 6.49
N SER A 40 0.92 -8.47 7.33
CA SER A 40 0.13 -9.23 8.21
C SER A 40 -1.04 -9.88 7.48
N THR A 41 -1.46 -9.23 6.40
CA THR A 41 -2.60 -9.67 5.62
C THR A 41 -2.22 -10.77 4.63
N SER A 42 -1.11 -10.58 3.94
CA SER A 42 -0.73 -11.45 2.83
C SER A 42 -0.11 -12.76 3.30
N THR A 43 0.41 -12.78 4.52
CA THR A 43 1.12 -13.96 5.02
C THR A 43 0.17 -15.07 5.46
N SER A 44 -0.86 -15.30 4.64
CA SER A 44 -1.82 -16.35 4.86
C SER A 44 -2.63 -16.55 3.59
N ASP A 45 -2.05 -16.13 2.47
CA ASP A 45 -2.74 -16.14 1.19
C ASP A 45 -2.03 -17.05 0.20
N PRO A 46 -2.55 -18.28 0.01
CA PRO A 46 -2.01 -19.21 -0.97
C PRO A 46 -2.47 -18.89 -2.39
N ASP A 47 -1.94 -19.59 -3.37
CA ASP A 47 -2.30 -19.34 -4.76
C ASP A 47 -3.72 -19.83 -5.03
N TYR A 48 -3.89 -21.14 -4.99
CA TYR A 48 -5.18 -21.76 -5.21
C TYR A 48 -5.55 -22.64 -4.02
N ALA A 49 -5.03 -22.27 -2.85
CA ALA A 49 -5.19 -23.04 -1.63
C ALA A 49 -4.63 -24.44 -1.81
N SER B 1 -6.73 11.03 -1.00
CA SER B 1 -7.43 10.49 -2.17
C SER B 1 -8.90 10.22 -1.84
N MET B 2 -9.15 9.88 -0.58
CA MET B 2 -10.49 9.63 -0.06
C MET B 2 -11.08 8.37 -0.69
N ASP B 3 -10.38 7.26 -0.46
CA ASP B 3 -10.77 5.91 -0.92
C ASP B 3 -11.36 5.85 -2.33
N GLU B 4 -10.48 5.60 -3.30
CA GLU B 4 -10.90 5.39 -4.68
C GLU B 4 -11.53 4.00 -4.84
N THR B 5 -12.52 3.90 -5.72
CA THR B 5 -13.22 2.66 -5.95
C THR B 5 -12.48 1.77 -6.96
N VAL B 6 -12.42 0.47 -6.67
CA VAL B 6 -11.74 -0.47 -7.53
C VAL B 6 -12.73 -1.51 -8.09
N LYS B 7 -12.49 -1.96 -9.31
CA LYS B 7 -13.41 -2.86 -10.01
C LYS B 7 -12.89 -4.31 -9.98
N LEU B 8 -13.38 -5.15 -10.90
CA LEU B 8 -13.06 -6.59 -10.91
C LEU B 8 -11.58 -6.86 -10.69
N ASN B 9 -10.71 -6.26 -11.49
CA ASN B 9 -9.29 -6.25 -11.19
C ASN B 9 -9.03 -5.05 -10.32
N HIS B 10 -8.91 -5.27 -9.02
CA HIS B 10 -8.70 -4.19 -8.10
C HIS B 10 -7.44 -3.44 -8.49
N THR B 11 -7.53 -2.13 -8.53
CA THR B 11 -6.44 -1.33 -9.00
C THR B 11 -5.46 -1.06 -7.87
N CYS B 12 -4.19 -1.21 -8.19
CA CYS B 12 -3.16 -1.02 -7.20
C CYS B 12 -3.03 0.44 -6.83
N VAL B 13 -3.13 0.72 -5.54
CA VAL B 13 -2.88 2.06 -5.03
C VAL B 13 -1.44 2.48 -5.34
N ILE B 14 -0.60 1.51 -5.64
CA ILE B 14 0.81 1.79 -5.85
C ILE B 14 1.11 2.05 -7.31
N CYS B 15 0.90 1.03 -8.15
CA CYS B 15 1.27 1.14 -9.54
C CYS B 15 0.06 1.47 -10.42
N ASP B 16 -1.07 1.71 -9.76
CA ASP B 16 -2.32 2.12 -10.42
C ASP B 16 -2.71 1.18 -11.56
N GLN B 17 -2.38 -0.08 -11.39
CA GLN B 17 -2.71 -1.08 -12.38
C GLN B 17 -3.84 -1.95 -11.88
N GLU B 18 -4.67 -2.39 -12.80
CA GLU B 18 -5.84 -3.20 -12.51
C GLU B 18 -5.45 -4.66 -12.40
N LYS B 19 -5.36 -5.10 -11.17
CA LYS B 19 -4.87 -6.43 -10.85
C LYS B 19 -5.92 -7.24 -10.10
N ASN B 20 -6.03 -8.51 -10.41
CA ASN B 20 -6.97 -9.34 -9.70
C ASN B 20 -6.26 -10.18 -8.65
N ARG B 21 -4.97 -9.91 -8.48
CA ARG B 21 -4.15 -10.62 -7.51
C ARG B 21 -3.31 -9.66 -6.65
N GLY B 22 -3.46 -9.79 -5.34
CA GLY B 22 -2.80 -8.93 -4.39
C GLY B 22 -3.63 -8.87 -3.12
N ILE B 23 -3.48 -7.85 -2.29
CA ILE B 23 -4.21 -7.80 -1.05
C ILE B 23 -5.08 -6.56 -1.00
N HIS B 24 -5.80 -6.44 0.08
CA HIS B 24 -6.74 -5.35 0.29
C HIS B 24 -6.94 -5.13 1.78
N LEU B 25 -6.54 -3.96 2.25
CA LEU B 25 -6.61 -3.64 3.65
C LEU B 25 -7.97 -3.07 3.99
N TYR B 26 -8.25 -1.93 3.42
CA TYR B 26 -9.51 -1.25 3.63
C TYR B 26 -10.43 -1.56 2.46
N THR B 27 -10.66 -0.59 1.61
CA THR B 27 -11.31 -0.81 0.34
C THR B 27 -10.28 -0.75 -0.78
N LYS B 28 -9.01 -0.64 -0.39
CA LYS B 28 -7.94 -0.43 -1.35
C LYS B 28 -7.31 -1.73 -1.76
N PHE B 29 -6.32 -1.60 -2.61
CA PHE B 29 -5.62 -2.73 -3.15
C PHE B 29 -4.16 -2.40 -3.41
N ILE B 30 -3.26 -3.06 -2.69
CA ILE B 30 -1.88 -3.09 -3.10
C ILE B 30 -1.67 -4.38 -3.85
N CYS B 31 -1.20 -4.30 -5.09
CA CYS B 31 -1.02 -5.51 -5.85
C CYS B 31 0.10 -6.30 -5.25
N LEU B 32 0.00 -7.60 -5.45
CA LEU B 32 0.85 -8.59 -4.83
C LEU B 32 2.34 -8.29 -5.03
N ASP B 33 2.63 -7.46 -6.01
CA ASP B 33 3.98 -7.12 -6.38
C ASP B 33 4.50 -6.07 -5.45
N CYS B 34 3.68 -5.03 -5.34
CA CYS B 34 3.95 -3.89 -4.52
C CYS B 34 3.81 -4.25 -3.05
N GLU B 35 2.88 -5.16 -2.81
CA GLU B 35 2.60 -5.65 -1.48
C GLU B 35 3.84 -6.29 -0.86
N ARG B 36 4.57 -7.01 -1.65
CA ARG B 36 5.86 -7.51 -1.19
C ARG B 36 6.92 -6.42 -1.17
N LYS B 37 6.76 -5.42 -2.05
CA LYS B 37 7.75 -4.38 -2.20
C LYS B 37 7.88 -3.62 -0.91
N VAL B 38 6.73 -3.42 -0.29
CA VAL B 38 6.63 -2.68 0.94
C VAL B 38 7.48 -3.31 2.05
N ILE B 39 7.33 -4.62 2.19
CA ILE B 39 8.01 -5.39 3.19
C ILE B 39 9.49 -5.27 2.95
N SER B 40 9.82 -5.17 1.68
CA SER B 40 11.17 -5.13 1.28
C SER B 40 11.77 -3.73 1.51
N THR B 41 10.89 -2.74 1.50
CA THR B 41 11.28 -1.36 1.66
C THR B 41 11.46 -0.98 3.14
N SER B 42 10.53 -1.39 3.97
CA SER B 42 10.48 -0.95 5.36
C SER B 42 11.48 -1.68 6.25
N THR B 43 11.91 -2.86 5.82
CA THR B 43 12.78 -3.70 6.64
C THR B 43 14.23 -3.22 6.63
N SER B 44 14.39 -1.91 6.73
CA SER B 44 15.70 -1.28 6.79
C SER B 44 15.53 0.16 7.24
N ASP B 45 14.41 0.44 7.90
CA ASP B 45 14.05 1.79 8.30
C ASP B 45 13.97 1.90 9.82
N PRO B 46 15.01 2.46 10.45
CA PRO B 46 15.02 2.70 11.88
C PRO B 46 14.23 3.94 12.25
N ASP B 47 14.05 4.19 13.54
CA ASP B 47 13.31 5.36 14.00
C ASP B 47 14.12 6.63 13.75
N TYR B 48 15.21 6.77 14.49
CA TYR B 48 16.08 7.92 14.37
C TYR B 48 17.49 7.46 14.05
N ALA B 49 17.60 6.30 13.41
CA ALA B 49 18.87 5.66 13.11
C ALA B 49 19.64 5.37 14.41
N SER A 1 -4.51 5.78 -6.65
CA SER A 1 -5.59 6.20 -7.55
C SER A 1 -5.04 7.10 -8.65
N MET A 2 -4.34 8.16 -8.24
CA MET A 2 -3.72 9.08 -9.19
C MET A 2 -2.69 9.93 -8.48
N ASP A 3 -3.15 10.79 -7.57
CA ASP A 3 -2.25 11.59 -6.76
C ASP A 3 -2.40 11.24 -5.29
N GLU A 4 -1.31 10.76 -4.71
CA GLU A 4 -1.32 10.33 -3.32
C GLU A 4 -0.45 11.27 -2.49
N THR A 5 -0.19 12.45 -3.03
CA THR A 5 0.79 13.36 -2.44
C THR A 5 0.17 14.71 -2.09
N VAL A 6 0.41 15.17 -0.86
CA VAL A 6 -0.05 16.49 -0.44
C VAL A 6 1.08 17.26 0.27
N LYS A 7 2.29 16.70 0.19
CA LYS A 7 3.50 17.32 0.78
C LYS A 7 3.48 17.26 2.31
N LEU A 8 4.67 17.42 2.90
CA LEU A 8 4.88 17.31 4.35
C LEU A 8 4.55 15.90 4.85
N ASN A 9 3.29 15.65 5.13
CA ASN A 9 2.84 14.33 5.54
C ASN A 9 2.21 13.66 4.33
N HIS A 10 2.93 12.70 3.74
CA HIS A 10 2.40 11.93 2.63
C HIS A 10 1.06 11.33 3.02
N THR A 11 0.22 11.08 2.05
CA THR A 11 -1.08 10.53 2.34
C THR A 11 -1.04 9.02 2.25
N CYS A 12 -1.61 8.36 3.25
CA CYS A 12 -1.66 6.92 3.23
C CYS A 12 -2.62 6.51 2.14
N VAL A 13 -2.10 5.83 1.14
CA VAL A 13 -2.92 5.30 0.06
C VAL A 13 -4.01 4.39 0.61
N ILE A 14 -3.85 4.02 1.88
CA ILE A 14 -4.77 3.13 2.53
C ILE A 14 -5.81 3.91 3.33
N CYS A 15 -5.31 4.68 4.28
CA CYS A 15 -6.15 5.40 5.22
C CYS A 15 -6.72 6.67 4.61
N ASP A 16 -6.07 7.13 3.54
CA ASP A 16 -6.37 8.40 2.89
C ASP A 16 -6.21 9.57 3.85
N GLN A 17 -5.20 9.47 4.70
CA GLN A 17 -4.88 10.50 5.67
C GLN A 17 -3.44 10.94 5.48
N GLU A 18 -3.08 12.05 6.09
CA GLU A 18 -1.76 12.63 5.92
C GLU A 18 -0.83 12.18 7.03
N LYS A 19 0.05 11.28 6.67
CA LYS A 19 1.04 10.71 7.57
C LYS A 19 2.44 10.83 6.98
N ASN A 20 3.38 11.26 7.80
CA ASN A 20 4.75 11.40 7.34
C ASN A 20 5.56 10.13 7.67
N ARG A 21 4.95 9.22 8.43
CA ARG A 21 5.64 7.99 8.83
C ARG A 21 5.01 6.75 8.19
N GLY A 22 5.87 6.00 7.52
CA GLY A 22 5.46 4.86 6.72
C GLY A 22 6.48 4.70 5.60
N ILE A 23 6.19 4.00 4.50
CA ILE A 23 7.16 3.90 3.44
C ILE A 23 6.59 4.49 2.16
N HIS A 24 7.37 4.42 1.10
CA HIS A 24 7.01 5.04 -0.15
C HIS A 24 7.56 4.27 -1.34
N LEU A 25 6.67 3.70 -2.13
CA LEU A 25 7.00 3.08 -3.37
C LEU A 25 6.56 4.02 -4.46
N TYR A 26 7.27 4.05 -5.58
CA TYR A 26 6.85 4.89 -6.70
C TYR A 26 6.82 6.35 -6.22
N THR A 27 5.67 6.97 -6.27
CA THR A 27 5.49 8.29 -5.69
C THR A 27 4.56 8.24 -4.45
N LYS A 28 4.16 7.03 -4.06
CA LYS A 28 3.08 6.84 -3.08
C LYS A 28 3.58 6.68 -1.67
N PHE A 29 2.62 6.45 -0.79
CA PHE A 29 2.89 6.27 0.62
C PHE A 29 1.86 5.34 1.27
N ILE A 30 2.34 4.24 1.83
CA ILE A 30 1.54 3.50 2.79
C ILE A 30 1.96 3.95 4.18
N CYS A 31 1.01 4.20 5.07
CA CYS A 31 1.38 4.57 6.43
C CYS A 31 1.89 3.35 7.15
N LEU A 32 2.81 3.60 8.05
CA LEU A 32 3.60 2.56 8.70
C LEU A 32 2.72 1.52 9.37
N ASP A 33 1.48 1.87 9.62
CA ASP A 33 0.55 1.01 10.33
C ASP A 33 0.03 -0.02 9.35
N CYS A 34 -0.24 0.48 8.17
CA CYS A 34 -0.72 -0.33 7.06
C CYS A 34 0.41 -1.16 6.51
N GLU A 35 1.60 -0.59 6.57
CA GLU A 35 2.77 -1.23 6.03
C GLU A 35 3.00 -2.58 6.70
N ARG A 36 2.75 -2.65 7.99
CA ARG A 36 2.78 -3.92 8.68
C ARG A 36 1.54 -4.76 8.41
N LYS A 37 0.42 -4.09 8.16
CA LYS A 37 -0.86 -4.76 7.98
C LYS A 37 -0.75 -5.70 6.81
N VAL A 38 -0.08 -5.19 5.80
CA VAL A 38 0.09 -5.88 4.55
C VAL A 38 0.83 -7.20 4.74
N ILE A 39 1.93 -7.13 5.47
CA ILE A 39 2.79 -8.27 5.73
C ILE A 39 2.00 -9.30 6.45
N SER A 40 1.10 -8.81 7.26
CA SER A 40 0.29 -9.63 8.08
C SER A 40 -0.79 -10.33 7.25
N THR A 41 -1.32 -9.60 6.28
CA THR A 41 -2.41 -10.07 5.44
C THR A 41 -1.90 -10.97 4.31
N SER A 42 -0.75 -10.62 3.74
CA SER A 42 -0.19 -11.32 2.59
C SER A 42 0.25 -12.75 2.93
N THR A 43 0.28 -13.07 4.22
CA THR A 43 0.74 -14.37 4.68
C THR A 43 -0.22 -15.48 4.27
N SER A 44 -1.46 -15.10 3.98
CA SER A 44 -2.46 -16.06 3.55
C SER A 44 -3.37 -15.44 2.49
N ASP A 45 -3.36 -16.03 1.30
CA ASP A 45 -4.25 -15.59 0.23
C ASP A 45 -4.54 -16.73 -0.75
N PRO A 46 -3.51 -17.43 -1.28
CA PRO A 46 -3.73 -18.57 -2.18
C PRO A 46 -3.96 -19.85 -1.40
N ASP A 47 -4.40 -20.89 -2.09
CA ASP A 47 -4.64 -22.18 -1.45
C ASP A 47 -4.34 -23.31 -2.43
N TYR A 48 -4.92 -23.23 -3.61
CA TYR A 48 -4.73 -24.26 -4.62
C TYR A 48 -4.24 -23.64 -5.92
N ALA A 49 -3.55 -24.44 -6.70
CA ALA A 49 -3.01 -23.99 -7.97
C ALA A 49 -3.10 -25.10 -9.01
N SER B 1 -5.97 7.58 -2.20
CA SER B 1 -6.31 8.98 -2.50
C SER B 1 -7.78 9.24 -2.17
N MET B 2 -8.66 8.42 -2.73
CA MET B 2 -10.09 8.54 -2.46
C MET B 2 -10.80 7.26 -2.89
N ASP B 3 -10.82 7.00 -4.19
CA ASP B 3 -11.40 5.78 -4.71
C ASP B 3 -10.32 4.96 -5.40
N GLU B 4 -10.09 3.76 -4.88
CA GLU B 4 -9.06 2.88 -5.41
C GLU B 4 -9.70 1.64 -6.04
N THR B 5 -10.98 1.76 -6.36
CA THR B 5 -11.78 0.61 -6.78
C THR B 5 -12.38 0.82 -8.16
N VAL B 6 -12.22 -0.16 -9.03
CA VAL B 6 -12.84 -0.13 -10.37
C VAL B 6 -13.52 -1.46 -10.69
N LYS B 7 -13.62 -2.33 -9.67
CA LYS B 7 -14.28 -3.64 -9.79
C LYS B 7 -13.45 -4.62 -10.64
N LEU B 8 -13.75 -5.91 -10.46
CA LEU B 8 -13.02 -7.00 -11.12
C LEU B 8 -11.56 -7.04 -10.66
N ASN B 9 -10.72 -6.25 -11.32
CA ASN B 9 -9.32 -6.13 -10.94
C ASN B 9 -9.16 -4.85 -10.13
N HIS B 10 -9.01 -4.99 -8.82
CA HIS B 10 -8.76 -3.85 -7.95
C HIS B 10 -7.58 -3.05 -8.47
N THR B 11 -7.54 -1.79 -8.18
CA THR B 11 -6.47 -0.96 -8.66
C THR B 11 -5.36 -0.90 -7.62
N CYS B 12 -4.13 -1.10 -8.06
CA CYS B 12 -3.01 -1.00 -7.15
C CYS B 12 -2.85 0.45 -6.76
N VAL B 13 -3.05 0.72 -5.48
CA VAL B 13 -2.86 2.05 -4.94
C VAL B 13 -1.44 2.55 -5.22
N ILE B 14 -0.59 1.63 -5.64
CA ILE B 14 0.79 1.93 -5.90
C ILE B 14 1.01 2.18 -7.39
N CYS B 15 0.70 1.17 -8.17
CA CYS B 15 0.96 1.18 -9.61
C CYS B 15 -0.11 1.97 -10.36
N ASP B 16 -1.25 2.15 -9.71
CA ASP B 16 -2.44 2.77 -10.31
C ASP B 16 -2.93 2.00 -11.53
N GLN B 17 -2.82 0.68 -11.43
CA GLN B 17 -3.24 -0.22 -12.49
C GLN B 17 -4.25 -1.21 -11.93
N GLU B 18 -4.94 -1.90 -12.80
CA GLU B 18 -5.99 -2.83 -12.41
C GLU B 18 -5.46 -4.25 -12.28
N LYS B 19 -5.31 -4.64 -11.05
CA LYS B 19 -4.81 -5.97 -10.70
C LYS B 19 -5.75 -6.66 -9.72
N ASN B 20 -6.05 -7.91 -9.98
CA ASN B 20 -6.93 -8.67 -9.12
C ASN B 20 -6.11 -9.45 -8.08
N ARG B 21 -4.78 -9.48 -8.25
CA ARG B 21 -3.92 -10.22 -7.33
C ARG B 21 -3.05 -9.29 -6.49
N GLY B 22 -3.13 -9.49 -5.19
CA GLY B 22 -2.50 -8.63 -4.20
C GLY B 22 -3.35 -8.68 -2.94
N ILE B 23 -3.25 -7.72 -2.02
CA ILE B 23 -4.09 -7.77 -0.85
C ILE B 23 -4.97 -6.53 -0.78
N HIS B 24 -5.75 -6.45 0.27
CA HIS B 24 -6.72 -5.38 0.40
C HIS B 24 -6.94 -5.01 1.88
N LEU B 25 -6.54 -3.80 2.23
CA LEU B 25 -6.83 -3.25 3.51
C LEU B 25 -7.93 -2.23 3.31
N TYR B 26 -8.80 -2.05 4.29
CA TYR B 26 -9.84 -1.03 4.19
C TYR B 26 -10.69 -1.35 2.97
N THR B 27 -10.74 -0.45 2.00
CA THR B 27 -11.39 -0.73 0.73
C THR B 27 -10.36 -0.83 -0.42
N LYS B 28 -9.08 -0.74 -0.07
CA LYS B 28 -8.01 -0.55 -1.06
C LYS B 28 -7.38 -1.83 -1.51
N PHE B 29 -6.38 -1.66 -2.35
CA PHE B 29 -5.63 -2.76 -2.92
C PHE B 29 -4.18 -2.38 -3.21
N ILE B 30 -3.25 -3.07 -2.59
CA ILE B 30 -1.88 -3.06 -3.07
C ILE B 30 -1.70 -4.30 -3.95
N CYS B 31 -1.06 -4.16 -5.10
CA CYS B 31 -0.81 -5.32 -5.94
C CYS B 31 0.28 -6.13 -5.30
N LEU B 32 0.19 -7.43 -5.52
CA LEU B 32 1.00 -8.41 -4.82
C LEU B 32 2.49 -8.16 -4.97
N ASP B 33 2.83 -7.39 -5.98
CA ASP B 33 4.22 -7.11 -6.31
C ASP B 33 4.72 -6.05 -5.37
N CYS B 34 3.86 -5.09 -5.14
CA CYS B 34 4.11 -3.99 -4.23
C CYS B 34 4.02 -4.47 -2.80
N GLU B 35 3.14 -5.43 -2.59
CA GLU B 35 2.89 -5.97 -1.28
C GLU B 35 4.17 -6.53 -0.68
N ARG B 36 4.96 -7.17 -1.51
CA ARG B 36 6.28 -7.61 -1.07
C ARG B 36 7.29 -6.46 -1.01
N LYS B 37 7.10 -5.46 -1.87
CA LYS B 37 8.03 -4.36 -1.98
C LYS B 37 8.10 -3.65 -0.66
N VAL B 38 6.94 -3.53 -0.07
CA VAL B 38 6.78 -2.83 1.18
C VAL B 38 7.59 -3.48 2.31
N ILE B 39 7.46 -4.79 2.39
CA ILE B 39 8.13 -5.59 3.41
C ILE B 39 9.61 -5.43 3.26
N SER B 40 9.98 -5.28 2.02
CA SER B 40 11.36 -5.16 1.66
C SER B 40 11.90 -3.78 2.03
N THR B 41 11.07 -2.77 1.85
CA THR B 41 11.44 -1.39 2.08
C THR B 41 11.36 -1.02 3.58
N SER B 42 10.34 -1.54 4.26
CA SER B 42 10.08 -1.20 5.66
C SER B 42 11.17 -1.72 6.60
N THR B 43 12.05 -2.56 6.08
CA THR B 43 13.10 -3.17 6.89
C THR B 43 14.12 -2.14 7.34
N SER B 44 14.18 -1.03 6.64
CA SER B 44 15.09 0.04 6.99
C SER B 44 14.46 1.40 6.73
N ASP B 45 14.30 2.18 7.80
CA ASP B 45 13.78 3.54 7.68
C ASP B 45 14.28 4.42 8.83
N PRO B 46 14.13 4.00 10.11
CA PRO B 46 14.64 4.78 11.24
C PRO B 46 16.11 4.48 11.51
N ASP B 47 16.73 5.30 12.33
CA ASP B 47 18.14 5.11 12.68
C ASP B 47 18.40 5.54 14.11
N TYR B 48 17.97 6.74 14.45
CA TYR B 48 18.18 7.28 15.77
C TYR B 48 16.87 7.73 16.37
N ALA B 49 16.80 7.73 17.69
CA ALA B 49 15.60 8.12 18.41
C ALA B 49 15.96 8.88 19.67
#